data_1HTJ
# 
_entry.id   1HTJ 
# 
_audit_conform.dict_name       mmcif_pdbx.dic 
_audit_conform.dict_version    5.398 
_audit_conform.dict_location   http://mmcif.pdb.org/dictionaries/ascii/mmcif_pdbx.dic 
# 
loop_
_database_2.database_id 
_database_2.database_code 
_database_2.pdbx_database_accession 
_database_2.pdbx_DOI 
PDB   1HTJ         pdb_00001htj 10.2210/pdb1htj/pdb 
RCSB  RCSB012575   ?            ?                   
WWPDB D_1000012575 ?            ?                   
# 
loop_
_pdbx_audit_revision_history.ordinal 
_pdbx_audit_revision_history.data_content_type 
_pdbx_audit_revision_history.major_revision 
_pdbx_audit_revision_history.minor_revision 
_pdbx_audit_revision_history.revision_date 
1 'Structure model' 1 0 2001-07-11 
2 'Structure model' 1 1 2008-04-27 
3 'Structure model' 1 2 2011-07-13 
4 'Structure model' 1 3 2021-10-27 
5 'Structure model' 1 4 2024-11-13 
# 
_pdbx_audit_revision_details.ordinal             1 
_pdbx_audit_revision_details.revision_ordinal    1 
_pdbx_audit_revision_details.data_content_type   'Structure model' 
_pdbx_audit_revision_details.provider            repository 
_pdbx_audit_revision_details.type                'Initial release' 
_pdbx_audit_revision_details.description         ? 
_pdbx_audit_revision_details.details             ? 
# 
loop_
_pdbx_audit_revision_group.ordinal 
_pdbx_audit_revision_group.revision_ordinal 
_pdbx_audit_revision_group.data_content_type 
_pdbx_audit_revision_group.group 
1 2 'Structure model' 'Version format compliance' 
2 3 'Structure model' 'Version format compliance' 
3 4 'Structure model' 'Database references'       
4 4 'Structure model' 'Derived calculations'      
5 5 'Structure model' 'Data collection'           
6 5 'Structure model' 'Structure summary'         
# 
loop_
_pdbx_audit_revision_category.ordinal 
_pdbx_audit_revision_category.revision_ordinal 
_pdbx_audit_revision_category.data_content_type 
_pdbx_audit_revision_category.category 
1 4 'Structure model' database_2                
2 4 'Structure model' struct_conn               
3 4 'Structure model' struct_ref_seq_dif        
4 5 'Structure model' chem_comp_atom            
5 5 'Structure model' chem_comp_bond            
6 5 'Structure model' pdbx_entry_details        
7 5 'Structure model' pdbx_modification_feature 
# 
loop_
_pdbx_audit_revision_item.ordinal 
_pdbx_audit_revision_item.revision_ordinal 
_pdbx_audit_revision_item.data_content_type 
_pdbx_audit_revision_item.item 
1 4 'Structure model' '_database_2.pdbx_DOI'                
2 4 'Structure model' '_database_2.pdbx_database_accession' 
3 4 'Structure model' '_struct_conn.pdbx_leaving_atom_flag' 
4 4 'Structure model' '_struct_ref_seq_dif.details'         
# 
_pdbx_database_status.status_code                     REL 
_pdbx_database_status.entry_id                        1HTJ 
_pdbx_database_status.recvd_initial_deposition_date   2000-12-29 
_pdbx_database_status.deposit_site                    RCSB 
_pdbx_database_status.process_site                    RCSB 
_pdbx_database_status.status_code_sf                  REL 
_pdbx_database_status.SG_entry                        . 
_pdbx_database_status.pdb_format_compatible           Y 
_pdbx_database_status.status_code_mr                  ? 
_pdbx_database_status.status_code_cs                  ? 
_pdbx_database_status.status_code_nmr_data            ? 
_pdbx_database_status.methods_development_category    ? 
# 
loop_
_audit_author.name 
_audit_author.pdbx_ordinal 
'Longenecker, K.L.' 1 
'Lewis, M.E.'       2 
'Chikumi, H.'       3 
'Gutkind, J.S.'     4 
'Derewenda, Z.S.'   5 
# 
_citation.id                        primary 
_citation.title                     
'Structure of the RGS-like domain from PDZ-RhoGEF: linking heterotrimeric g protein-coupled signaling to Rho GTPases.' 
_citation.journal_abbrev            Structure 
_citation.journal_volume            9 
_citation.page_first                559 
_citation.page_last                 569 
_citation.year                      2001 
_citation.journal_id_ASTM           STRUE6 
_citation.country                   UK 
_citation.journal_id_ISSN           0969-2126 
_citation.journal_id_CSD            2005 
_citation.book_publisher            ? 
_citation.pdbx_database_id_PubMed   11470431 
_citation.pdbx_database_id_DOI      '10.1016/S0969-2126(01)00620-7' 
# 
loop_
_citation_author.citation_id 
_citation_author.name 
_citation_author.ordinal 
_citation_author.identifier_ORCID 
primary 'Longenecker, K.L.' 1 ? 
primary 'Lewis, M.E.'       2 ? 
primary 'Chikumi, H.'       3 ? 
primary 'Gutkind, J.S.'     4 ? 
primary 'Derewenda, Z.S.'   5 ? 
# 
loop_
_entity.id 
_entity.type 
_entity.src_method 
_entity.pdbx_description 
_entity.formula_weight 
_entity.pdbx_number_of_molecules 
_entity.pdbx_ec 
_entity.pdbx_mutation 
_entity.pdbx_fragment 
_entity.details 
1 polymer man KIAA0380 23901.242 1  ? 'K463A, E465A, E466A' 'RGS-LIKE DOMAIN (RESIDUES 281-490)' ? 
2 water   nat water    18.015    84 ? ?                     ?                                    ? 
# 
_entity_poly.entity_id                      1 
_entity_poly.type                           'polypeptide(L)' 
_entity_poly.nstd_linkage                   no 
_entity_poly.nstd_monomer                   yes 
_entity_poly.pdbx_seq_one_letter_code       
;QGVDQSPKPLIIGPEEDYDPGYFNNESDIIFQDLEKLKSRPAHLGVFLRYIFSQADPSPLLFYLCAEVYQQASPKDSRSL
GKDIWNIFLEKNAPLRVKIPE(MSE)LQAEIDSRLRNSEDARGVLCEAQEAA(MSE)PEIQEQIHDYRTKRTLGLGSLYG
ENDLLDLDGDPLRERQVAEKQLAALGDILSAYAADRSAP(MSE)DFALNTY(MSE)SHAGIRLREA
;
_entity_poly.pdbx_seq_one_letter_code_can   
;QGVDQSPKPLIIGPEEDYDPGYFNNESDIIFQDLEKLKSRPAHLGVFLRYIFSQADPSPLLFYLCAEVYQQASPKDSRSL
GKDIWNIFLEKNAPLRVKIPEMLQAEIDSRLRNSEDARGVLCEAQEAAMPEIQEQIHDYRTKRTLGLGSLYGENDLLDLD
GDPLRERQVAEKQLAALGDILSAYAADRSAPMDFALNTYMSHAGIRLREA
;
_entity_poly.pdbx_strand_id                 F 
_entity_poly.pdbx_target_identifier         ? 
# 
_pdbx_entity_nonpoly.entity_id   2 
_pdbx_entity_nonpoly.name        water 
_pdbx_entity_nonpoly.comp_id     HOH 
# 
loop_
_entity_poly_seq.entity_id 
_entity_poly_seq.num 
_entity_poly_seq.mon_id 
_entity_poly_seq.hetero 
1 1   GLN n 
1 2   GLY n 
1 3   VAL n 
1 4   ASP n 
1 5   GLN n 
1 6   SER n 
1 7   PRO n 
1 8   LYS n 
1 9   PRO n 
1 10  LEU n 
1 11  ILE n 
1 12  ILE n 
1 13  GLY n 
1 14  PRO n 
1 15  GLU n 
1 16  GLU n 
1 17  ASP n 
1 18  TYR n 
1 19  ASP n 
1 20  PRO n 
1 21  GLY n 
1 22  TYR n 
1 23  PHE n 
1 24  ASN n 
1 25  ASN n 
1 26  GLU n 
1 27  SER n 
1 28  ASP n 
1 29  ILE n 
1 30  ILE n 
1 31  PHE n 
1 32  GLN n 
1 33  ASP n 
1 34  LEU n 
1 35  GLU n 
1 36  LYS n 
1 37  LEU n 
1 38  LYS n 
1 39  SER n 
1 40  ARG n 
1 41  PRO n 
1 42  ALA n 
1 43  HIS n 
1 44  LEU n 
1 45  GLY n 
1 46  VAL n 
1 47  PHE n 
1 48  LEU n 
1 49  ARG n 
1 50  TYR n 
1 51  ILE n 
1 52  PHE n 
1 53  SER n 
1 54  GLN n 
1 55  ALA n 
1 56  ASP n 
1 57  PRO n 
1 58  SER n 
1 59  PRO n 
1 60  LEU n 
1 61  LEU n 
1 62  PHE n 
1 63  TYR n 
1 64  LEU n 
1 65  CYS n 
1 66  ALA n 
1 67  GLU n 
1 68  VAL n 
1 69  TYR n 
1 70  GLN n 
1 71  GLN n 
1 72  ALA n 
1 73  SER n 
1 74  PRO n 
1 75  LYS n 
1 76  ASP n 
1 77  SER n 
1 78  ARG n 
1 79  SER n 
1 80  LEU n 
1 81  GLY n 
1 82  LYS n 
1 83  ASP n 
1 84  ILE n 
1 85  TRP n 
1 86  ASN n 
1 87  ILE n 
1 88  PHE n 
1 89  LEU n 
1 90  GLU n 
1 91  LYS n 
1 92  ASN n 
1 93  ALA n 
1 94  PRO n 
1 95  LEU n 
1 96  ARG n 
1 97  VAL n 
1 98  LYS n 
1 99  ILE n 
1 100 PRO n 
1 101 GLU n 
1 102 MSE n 
1 103 LEU n 
1 104 GLN n 
1 105 ALA n 
1 106 GLU n 
1 107 ILE n 
1 108 ASP n 
1 109 SER n 
1 110 ARG n 
1 111 LEU n 
1 112 ARG n 
1 113 ASN n 
1 114 SER n 
1 115 GLU n 
1 116 ASP n 
1 117 ALA n 
1 118 ARG n 
1 119 GLY n 
1 120 VAL n 
1 121 LEU n 
1 122 CYS n 
1 123 GLU n 
1 124 ALA n 
1 125 GLN n 
1 126 GLU n 
1 127 ALA n 
1 128 ALA n 
1 129 MSE n 
1 130 PRO n 
1 131 GLU n 
1 132 ILE n 
1 133 GLN n 
1 134 GLU n 
1 135 GLN n 
1 136 ILE n 
1 137 HIS n 
1 138 ASP n 
1 139 TYR n 
1 140 ARG n 
1 141 THR n 
1 142 LYS n 
1 143 ARG n 
1 144 THR n 
1 145 LEU n 
1 146 GLY n 
1 147 LEU n 
1 148 GLY n 
1 149 SER n 
1 150 LEU n 
1 151 TYR n 
1 152 GLY n 
1 153 GLU n 
1 154 ASN n 
1 155 ASP n 
1 156 LEU n 
1 157 LEU n 
1 158 ASP n 
1 159 LEU n 
1 160 ASP n 
1 161 GLY n 
1 162 ASP n 
1 163 PRO n 
1 164 LEU n 
1 165 ARG n 
1 166 GLU n 
1 167 ARG n 
1 168 GLN n 
1 169 VAL n 
1 170 ALA n 
1 171 GLU n 
1 172 LYS n 
1 173 GLN n 
1 174 LEU n 
1 175 ALA n 
1 176 ALA n 
1 177 LEU n 
1 178 GLY n 
1 179 ASP n 
1 180 ILE n 
1 181 LEU n 
1 182 SER n 
1 183 ALA n 
1 184 TYR n 
1 185 ALA n 
1 186 ALA n 
1 187 ASP n 
1 188 ARG n 
1 189 SER n 
1 190 ALA n 
1 191 PRO n 
1 192 MSE n 
1 193 ASP n 
1 194 PHE n 
1 195 ALA n 
1 196 LEU n 
1 197 ASN n 
1 198 THR n 
1 199 TYR n 
1 200 MSE n 
1 201 SER n 
1 202 HIS n 
1 203 ALA n 
1 204 GLY n 
1 205 ILE n 
1 206 ARG n 
1 207 LEU n 
1 208 ARG n 
1 209 GLU n 
1 210 ALA n 
# 
_entity_src_gen.entity_id                          1 
_entity_src_gen.pdbx_src_id                        1 
_entity_src_gen.pdbx_alt_source_flag               sample 
_entity_src_gen.pdbx_seq_type                      ? 
_entity_src_gen.pdbx_beg_seq_num                   ? 
_entity_src_gen.pdbx_end_seq_num                   ? 
_entity_src_gen.gene_src_common_name               human 
_entity_src_gen.gene_src_genus                     Homo 
_entity_src_gen.pdbx_gene_src_gene                 KIAA0380 
_entity_src_gen.gene_src_species                   ? 
_entity_src_gen.gene_src_strain                    ? 
_entity_src_gen.gene_src_tissue                    ? 
_entity_src_gen.gene_src_tissue_fraction           ? 
_entity_src_gen.gene_src_details                   ? 
_entity_src_gen.pdbx_gene_src_fragment             ? 
_entity_src_gen.pdbx_gene_src_scientific_name      'Homo sapiens' 
_entity_src_gen.pdbx_gene_src_ncbi_taxonomy_id     9606 
_entity_src_gen.pdbx_gene_src_variant              ? 
_entity_src_gen.pdbx_gene_src_cell_line            ? 
_entity_src_gen.pdbx_gene_src_atcc                 ? 
_entity_src_gen.pdbx_gene_src_organ                ? 
_entity_src_gen.pdbx_gene_src_organelle            ? 
_entity_src_gen.pdbx_gene_src_cell                 ? 
_entity_src_gen.pdbx_gene_src_cellular_location    ? 
_entity_src_gen.host_org_common_name               ? 
_entity_src_gen.pdbx_host_org_scientific_name      'Escherichia coli' 
_entity_src_gen.pdbx_host_org_ncbi_taxonomy_id     562 
_entity_src_gen.host_org_genus                     Escherichia 
_entity_src_gen.pdbx_host_org_gene                 ? 
_entity_src_gen.pdbx_host_org_organ                ? 
_entity_src_gen.host_org_species                   ? 
_entity_src_gen.pdbx_host_org_tissue               ? 
_entity_src_gen.pdbx_host_org_tissue_fraction      ? 
_entity_src_gen.pdbx_host_org_strain               'B834(DE3)' 
_entity_src_gen.pdbx_host_org_variant              ? 
_entity_src_gen.pdbx_host_org_cell_line            ? 
_entity_src_gen.pdbx_host_org_atcc                 ? 
_entity_src_gen.pdbx_host_org_culture_collection   ? 
_entity_src_gen.pdbx_host_org_cell                 ? 
_entity_src_gen.pdbx_host_org_organelle            ? 
_entity_src_gen.pdbx_host_org_cellular_location    ? 
_entity_src_gen.pdbx_host_org_vector_type          PLASMID 
_entity_src_gen.pdbx_host_org_vector               ? 
_entity_src_gen.host_org_details                   ? 
_entity_src_gen.expression_system_id               ? 
_entity_src_gen.plasmid_name                       PHIS-PARALLEL 
_entity_src_gen.plasmid_details                    'BASED ON PET22B' 
_entity_src_gen.pdbx_description                   ? 
# 
loop_
_chem_comp.id 
_chem_comp.type 
_chem_comp.mon_nstd_flag 
_chem_comp.name 
_chem_comp.pdbx_synonyms 
_chem_comp.formula 
_chem_comp.formula_weight 
ALA 'L-peptide linking' y ALANINE          ? 'C3 H7 N O2'     89.093  
ARG 'L-peptide linking' y ARGININE         ? 'C6 H15 N4 O2 1' 175.209 
ASN 'L-peptide linking' y ASPARAGINE       ? 'C4 H8 N2 O3'    132.118 
ASP 'L-peptide linking' y 'ASPARTIC ACID'  ? 'C4 H7 N O4'     133.103 
CYS 'L-peptide linking' y CYSTEINE         ? 'C3 H7 N O2 S'   121.158 
GLN 'L-peptide linking' y GLUTAMINE        ? 'C5 H10 N2 O3'   146.144 
GLU 'L-peptide linking' y 'GLUTAMIC ACID'  ? 'C5 H9 N O4'     147.129 
GLY 'peptide linking'   y GLYCINE          ? 'C2 H5 N O2'     75.067  
HIS 'L-peptide linking' y HISTIDINE        ? 'C6 H10 N3 O2 1' 156.162 
HOH non-polymer         . WATER            ? 'H2 O'           18.015  
ILE 'L-peptide linking' y ISOLEUCINE       ? 'C6 H13 N O2'    131.173 
LEU 'L-peptide linking' y LEUCINE          ? 'C6 H13 N O2'    131.173 
LYS 'L-peptide linking' y LYSINE           ? 'C6 H15 N2 O2 1' 147.195 
MET 'L-peptide linking' y METHIONINE       ? 'C5 H11 N O2 S'  149.211 
MSE 'L-peptide linking' n SELENOMETHIONINE ? 'C5 H11 N O2 Se' 196.106 
PHE 'L-peptide linking' y PHENYLALANINE    ? 'C9 H11 N O2'    165.189 
PRO 'L-peptide linking' y PROLINE          ? 'C5 H9 N O2'     115.130 
SER 'L-peptide linking' y SERINE           ? 'C3 H7 N O3'     105.093 
THR 'L-peptide linking' y THREONINE        ? 'C4 H9 N O3'     119.119 
TRP 'L-peptide linking' y TRYPTOPHAN       ? 'C11 H12 N2 O2'  204.225 
TYR 'L-peptide linking' y TYROSINE         ? 'C9 H11 N O3'    181.189 
VAL 'L-peptide linking' y VALINE           ? 'C5 H11 N O2'    117.146 
# 
loop_
_pdbx_poly_seq_scheme.asym_id 
_pdbx_poly_seq_scheme.entity_id 
_pdbx_poly_seq_scheme.seq_id 
_pdbx_poly_seq_scheme.mon_id 
_pdbx_poly_seq_scheme.ndb_seq_num 
_pdbx_poly_seq_scheme.pdb_seq_num 
_pdbx_poly_seq_scheme.auth_seq_num 
_pdbx_poly_seq_scheme.pdb_mon_id 
_pdbx_poly_seq_scheme.auth_mon_id 
_pdbx_poly_seq_scheme.pdb_strand_id 
_pdbx_poly_seq_scheme.pdb_ins_code 
_pdbx_poly_seq_scheme.hetero 
A 1 1   GLN 1   281 ?   ?   ?   F . n 
A 1 2   GLY 2   282 ?   ?   ?   F . n 
A 1 3   VAL 3   283 ?   ?   ?   F . n 
A 1 4   ASP 4   284 ?   ?   ?   F . n 
A 1 5   GLN 5   285 ?   ?   ?   F . n 
A 1 6   SER 6   286 ?   ?   ?   F . n 
A 1 7   PRO 7   287 ?   ?   ?   F . n 
A 1 8   LYS 8   288 ?   ?   ?   F . n 
A 1 9   PRO 9   289 ?   ?   ?   F . n 
A 1 10  LEU 10  290 ?   ?   ?   F . n 
A 1 11  ILE 11  291 ?   ?   ?   F . n 
A 1 12  ILE 12  292 ?   ?   ?   F . n 
A 1 13  GLY 13  293 ?   ?   ?   F . n 
A 1 14  PRO 14  294 ?   ?   ?   F . n 
A 1 15  GLU 15  295 ?   ?   ?   F . n 
A 1 16  GLU 16  296 ?   ?   ?   F . n 
A 1 17  ASP 17  297 ?   ?   ?   F . n 
A 1 18  TYR 18  298 ?   ?   ?   F . n 
A 1 19  ASP 19  299 ?   ?   ?   F . n 
A 1 20  PRO 20  300 ?   ?   ?   F . n 
A 1 21  GLY 21  301 ?   ?   ?   F . n 
A 1 22  TYR 22  302 ?   ?   ?   F . n 
A 1 23  PHE 23  303 ?   ?   ?   F . n 
A 1 24  ASN 24  304 ?   ?   ?   F . n 
A 1 25  ASN 25  305 ?   ?   ?   F . n 
A 1 26  GLU 26  306 306 GLU GLU F . n 
A 1 27  SER 27  307 307 SER SER F . n 
A 1 28  ASP 28  308 308 ASP ASP F . n 
A 1 29  ILE 29  309 309 ILE ILE F . n 
A 1 30  ILE 30  310 310 ILE ILE F . n 
A 1 31  PHE 31  311 311 PHE PHE F . n 
A 1 32  GLN 32  312 312 GLN GLN F . n 
A 1 33  ASP 33  313 313 ASP ASP F . n 
A 1 34  LEU 34  314 314 LEU LEU F . n 
A 1 35  GLU 35  315 315 GLU GLU F . n 
A 1 36  LYS 36  316 316 LYS LYS F . n 
A 1 37  LEU 37  317 317 LEU LEU F . n 
A 1 38  LYS 38  318 318 LYS LYS F . n 
A 1 39  SER 39  319 319 SER SER F . n 
A 1 40  ARG 40  320 320 ARG ARG F . n 
A 1 41  PRO 41  321 321 PRO PRO F . n 
A 1 42  ALA 42  322 322 ALA ALA F . n 
A 1 43  HIS 43  323 323 HIS HIS F . n 
A 1 44  LEU 44  324 324 LEU LEU F . n 
A 1 45  GLY 45  325 325 GLY GLY F . n 
A 1 46  VAL 46  326 326 VAL VAL F . n 
A 1 47  PHE 47  327 327 PHE PHE F . n 
A 1 48  LEU 48  328 328 LEU LEU F . n 
A 1 49  ARG 49  329 329 ARG ARG F . n 
A 1 50  TYR 50  330 330 TYR TYR F . n 
A 1 51  ILE 51  331 331 ILE ILE F . n 
A 1 52  PHE 52  332 332 PHE PHE F . n 
A 1 53  SER 53  333 333 SER SER F . n 
A 1 54  GLN 54  334 334 GLN GLN F . n 
A 1 55  ALA 55  335 335 ALA ALA F . n 
A 1 56  ASP 56  336 336 ASP ASP F . n 
A 1 57  PRO 57  337 337 PRO PRO F . n 
A 1 58  SER 58  338 338 SER SER F . n 
A 1 59  PRO 59  339 339 PRO PRO F . n 
A 1 60  LEU 60  340 340 LEU LEU F . n 
A 1 61  LEU 61  341 341 LEU LEU F . n 
A 1 62  PHE 62  342 342 PHE PHE F . n 
A 1 63  TYR 63  343 343 TYR TYR F . n 
A 1 64  LEU 64  344 344 LEU LEU F . n 
A 1 65  CYS 65  345 345 CYS CYS F . n 
A 1 66  ALA 66  346 346 ALA ALA F . n 
A 1 67  GLU 67  347 347 GLU GLU F . n 
A 1 68  VAL 68  348 348 VAL VAL F . n 
A 1 69  TYR 69  349 349 TYR TYR F . n 
A 1 70  GLN 70  350 350 GLN GLN F . n 
A 1 71  GLN 71  351 351 GLN GLN F . n 
A 1 72  ALA 72  352 352 ALA ALA F . n 
A 1 73  SER 73  353 353 SER SER F . n 
A 1 74  PRO 74  354 354 PRO PRO F . n 
A 1 75  LYS 75  355 355 LYS LYS F . n 
A 1 76  ASP 76  356 356 ASP ASP F . n 
A 1 77  SER 77  357 357 SER SER F . n 
A 1 78  ARG 78  358 358 ARG ARG F . n 
A 1 79  SER 79  359 359 SER SER F . n 
A 1 80  LEU 80  360 360 LEU LEU F . n 
A 1 81  GLY 81  361 361 GLY GLY F . n 
A 1 82  LYS 82  362 362 LYS LYS F . n 
A 1 83  ASP 83  363 363 ASP ASP F . n 
A 1 84  ILE 84  364 364 ILE ILE F . n 
A 1 85  TRP 85  365 365 TRP TRP F . n 
A 1 86  ASN 86  366 366 ASN ASN F . n 
A 1 87  ILE 87  367 367 ILE ILE F . n 
A 1 88  PHE 88  368 368 PHE PHE F . n 
A 1 89  LEU 89  369 369 LEU LEU F . n 
A 1 90  GLU 90  370 370 GLU GLU F . n 
A 1 91  LYS 91  371 371 LYS LYS F . n 
A 1 92  ASN 92  372 372 ASN ASN F . n 
A 1 93  ALA 93  373 373 ALA ALA F . n 
A 1 94  PRO 94  374 374 PRO PRO F . n 
A 1 95  LEU 95  375 375 LEU LEU F . n 
A 1 96  ARG 96  376 376 ARG ARG F . n 
A 1 97  VAL 97  377 377 VAL VAL F . n 
A 1 98  LYS 98  378 378 LYS LYS F . n 
A 1 99  ILE 99  379 379 ILE ILE F . n 
A 1 100 PRO 100 380 380 PRO PRO F . n 
A 1 101 GLU 101 381 381 GLU GLU F . n 
A 1 102 MSE 102 382 382 MSE MSE F . n 
A 1 103 LEU 103 383 383 LEU LEU F . n 
A 1 104 GLN 104 384 384 GLN GLN F . n 
A 1 105 ALA 105 385 385 ALA ALA F . n 
A 1 106 GLU 106 386 386 GLU GLU F . n 
A 1 107 ILE 107 387 387 ILE ILE F . n 
A 1 108 ASP 108 388 388 ASP ASP F . n 
A 1 109 SER 109 389 389 SER SER F . n 
A 1 110 ARG 110 390 390 ARG ARG F . n 
A 1 111 LEU 111 391 391 LEU LEU F . n 
A 1 112 ARG 112 392 392 ARG ARG F . n 
A 1 113 ASN 113 393 393 ASN ASN F . n 
A 1 114 SER 114 394 394 SER SER F . n 
A 1 115 GLU 115 395 395 GLU GLU F . n 
A 1 116 ASP 116 396 396 ASP ASP F . n 
A 1 117 ALA 117 397 397 ALA ALA F . n 
A 1 118 ARG 118 398 398 ARG ARG F . n 
A 1 119 GLY 119 399 399 GLY GLY F . n 
A 1 120 VAL 120 400 400 VAL VAL F . n 
A 1 121 LEU 121 401 401 LEU LEU F . n 
A 1 122 CYS 122 402 402 CYS CYS F . n 
A 1 123 GLU 123 403 403 GLU GLU F . n 
A 1 124 ALA 124 404 404 ALA ALA F . n 
A 1 125 GLN 125 405 405 GLN GLN F . n 
A 1 126 GLU 126 406 406 GLU GLU F . n 
A 1 127 ALA 127 407 407 ALA ALA F . n 
A 1 128 ALA 128 408 408 ALA ALA F . n 
A 1 129 MSE 129 409 409 MSE MSE F . n 
A 1 130 PRO 130 410 410 PRO PRO F . n 
A 1 131 GLU 131 411 411 GLU GLU F . n 
A 1 132 ILE 132 412 412 ILE ILE F . n 
A 1 133 GLN 133 413 413 GLN GLN F . n 
A 1 134 GLU 134 414 414 GLU GLU F . n 
A 1 135 GLN 135 415 415 GLN GLN F . n 
A 1 136 ILE 136 416 416 ILE ILE F . n 
A 1 137 HIS 137 417 417 HIS HIS F . n 
A 1 138 ASP 138 418 418 ASP ASP F . n 
A 1 139 TYR 139 419 419 TYR TYR F . n 
A 1 140 ARG 140 420 420 ARG ARG F . n 
A 1 141 THR 141 421 421 THR THR F . n 
A 1 142 LYS 142 422 422 LYS LYS F . n 
A 1 143 ARG 143 423 423 ARG ARG F . n 
A 1 144 THR 144 424 424 THR THR F . n 
A 1 145 LEU 145 425 425 LEU LEU F . n 
A 1 146 GLY 146 426 426 GLY GLY F . n 
A 1 147 LEU 147 427 427 LEU LEU F . n 
A 1 148 GLY 148 428 428 GLY GLY F . n 
A 1 149 SER 149 429 429 SER SER F . n 
A 1 150 LEU 150 430 430 LEU LEU F . n 
A 1 151 TYR 151 431 431 TYR TYR F . n 
A 1 152 GLY 152 432 432 GLY GLY F . n 
A 1 153 GLU 153 433 433 GLU GLU F . n 
A 1 154 ASN 154 434 434 ASN ASN F . n 
A 1 155 ASP 155 435 435 ASP ASP F . n 
A 1 156 LEU 156 436 436 LEU LEU F . n 
A 1 157 LEU 157 437 437 LEU LEU F . n 
A 1 158 ASP 158 438 438 ASP ASP F . n 
A 1 159 LEU 159 439 439 LEU LEU F . n 
A 1 160 ASP 160 440 440 ASP ASP F . n 
A 1 161 GLY 161 441 441 GLY GLY F . n 
A 1 162 ASP 162 442 442 ASP ASP F . n 
A 1 163 PRO 163 443 443 PRO PRO F . n 
A 1 164 LEU 164 444 444 LEU LEU F . n 
A 1 165 ARG 165 445 445 ARG ARG F . n 
A 1 166 GLU 166 446 446 GLU GLU F . n 
A 1 167 ARG 167 447 447 ARG ARG F . n 
A 1 168 GLN 168 448 448 GLN GLN F . n 
A 1 169 VAL 169 449 449 VAL VAL F . n 
A 1 170 ALA 170 450 450 ALA ALA F . n 
A 1 171 GLU 171 451 451 GLU GLU F . n 
A 1 172 LYS 172 452 452 LYS LYS F . n 
A 1 173 GLN 173 453 453 GLN GLN F . n 
A 1 174 LEU 174 454 454 LEU LEU F . n 
A 1 175 ALA 175 455 455 ALA ALA F . n 
A 1 176 ALA 176 456 456 ALA ALA F . n 
A 1 177 LEU 177 457 457 LEU LEU F . n 
A 1 178 GLY 178 458 458 GLY GLY F . n 
A 1 179 ASP 179 459 459 ASP ASP F . n 
A 1 180 ILE 180 460 460 ILE ILE F . n 
A 1 181 LEU 181 461 461 LEU LEU F . n 
A 1 182 SER 182 462 462 SER SER F . n 
A 1 183 ALA 183 463 463 ALA ALA F . n 
A 1 184 TYR 184 464 464 TYR TYR F . n 
A 1 185 ALA 185 465 465 ALA ALA F . n 
A 1 186 ALA 186 466 466 ALA ALA F . n 
A 1 187 ASP 187 467 467 ASP ASP F . n 
A 1 188 ARG 188 468 468 ARG ARG F . n 
A 1 189 SER 189 469 469 SER SER F . n 
A 1 190 ALA 190 470 470 ALA ALA F . n 
A 1 191 PRO 191 471 471 PRO PRO F . n 
A 1 192 MSE 192 472 472 MSE MSE F . n 
A 1 193 ASP 193 473 473 ASP ASP F . n 
A 1 194 PHE 194 474 474 PHE PHE F . n 
A 1 195 ALA 195 475 475 ALA ALA F . n 
A 1 196 LEU 196 476 476 LEU LEU F . n 
A 1 197 ASN 197 477 477 ASN ASN F . n 
A 1 198 THR 198 478 478 THR THR F . n 
A 1 199 TYR 199 479 479 TYR TYR F . n 
A 1 200 MSE 200 480 480 MSE MSE F . n 
A 1 201 SER 201 481 481 SER SER F . n 
A 1 202 HIS 202 482 482 HIS HIS F . n 
A 1 203 ALA 203 483 483 ALA ALA F . n 
A 1 204 GLY 204 484 484 GLY GLY F . n 
A 1 205 ILE 205 485 485 ILE ILE F . n 
A 1 206 ARG 206 486 486 ARG ARG F . n 
A 1 207 LEU 207 487 487 LEU LEU F . n 
A 1 208 ARG 208 488 ?   ?   ?   F . n 
A 1 209 GLU 209 489 ?   ?   ?   F . n 
A 1 210 ALA 210 490 ?   ?   ?   F . n 
# 
loop_
_pdbx_nonpoly_scheme.asym_id 
_pdbx_nonpoly_scheme.entity_id 
_pdbx_nonpoly_scheme.mon_id 
_pdbx_nonpoly_scheme.ndb_seq_num 
_pdbx_nonpoly_scheme.pdb_seq_num 
_pdbx_nonpoly_scheme.auth_seq_num 
_pdbx_nonpoly_scheme.pdb_mon_id 
_pdbx_nonpoly_scheme.auth_mon_id 
_pdbx_nonpoly_scheme.pdb_strand_id 
_pdbx_nonpoly_scheme.pdb_ins_code 
B 2 HOH 1  1  1  HOH WAT F . 
B 2 HOH 2  2  2  HOH WAT F . 
B 2 HOH 3  3  3  HOH WAT F . 
B 2 HOH 4  4  4  HOH WAT F . 
B 2 HOH 5  5  5  HOH WAT F . 
B 2 HOH 6  6  6  HOH WAT F . 
B 2 HOH 7  7  7  HOH WAT F . 
B 2 HOH 8  8  8  HOH WAT F . 
B 2 HOH 9  9  9  HOH WAT F . 
B 2 HOH 10 10 10 HOH WAT F . 
B 2 HOH 11 11 11 HOH WAT F . 
B 2 HOH 12 12 12 HOH WAT F . 
B 2 HOH 13 13 13 HOH WAT F . 
B 2 HOH 14 14 14 HOH WAT F . 
B 2 HOH 15 15 15 HOH WAT F . 
B 2 HOH 16 16 16 HOH WAT F . 
B 2 HOH 17 17 17 HOH WAT F . 
B 2 HOH 18 18 18 HOH WAT F . 
B 2 HOH 19 19 19 HOH WAT F . 
B 2 HOH 20 20 20 HOH WAT F . 
B 2 HOH 21 21 21 HOH WAT F . 
B 2 HOH 22 22 22 HOH WAT F . 
B 2 HOH 23 23 23 HOH WAT F . 
B 2 HOH 24 24 24 HOH WAT F . 
B 2 HOH 25 25 25 HOH WAT F . 
B 2 HOH 26 26 26 HOH WAT F . 
B 2 HOH 27 27 27 HOH WAT F . 
B 2 HOH 28 28 28 HOH WAT F . 
B 2 HOH 29 29 29 HOH WAT F . 
B 2 HOH 30 30 30 HOH WAT F . 
B 2 HOH 31 31 31 HOH WAT F . 
B 2 HOH 32 32 32 HOH WAT F . 
B 2 HOH 33 33 33 HOH WAT F . 
B 2 HOH 34 34 34 HOH WAT F . 
B 2 HOH 35 35 35 HOH WAT F . 
B 2 HOH 36 36 36 HOH WAT F . 
B 2 HOH 37 37 37 HOH WAT F . 
B 2 HOH 38 38 38 HOH WAT F . 
B 2 HOH 39 39 39 HOH WAT F . 
B 2 HOH 40 40 40 HOH WAT F . 
B 2 HOH 41 41 41 HOH WAT F . 
B 2 HOH 42 42 42 HOH WAT F . 
B 2 HOH 43 43 43 HOH WAT F . 
B 2 HOH 44 44 44 HOH WAT F . 
B 2 HOH 45 45 45 HOH WAT F . 
B 2 HOH 46 46 46 HOH WAT F . 
B 2 HOH 47 47 47 HOH WAT F . 
B 2 HOH 48 48 48 HOH WAT F . 
B 2 HOH 49 49 49 HOH WAT F . 
B 2 HOH 50 50 50 HOH WAT F . 
B 2 HOH 51 51 51 HOH WAT F . 
B 2 HOH 52 52 52 HOH WAT F . 
B 2 HOH 53 53 53 HOH WAT F . 
B 2 HOH 54 54 54 HOH WAT F . 
B 2 HOH 55 55 55 HOH WAT F . 
B 2 HOH 56 56 56 HOH WAT F . 
B 2 HOH 57 57 57 HOH WAT F . 
B 2 HOH 58 58 58 HOH WAT F . 
B 2 HOH 59 59 59 HOH WAT F . 
B 2 HOH 60 60 60 HOH WAT F . 
B 2 HOH 61 61 61 HOH WAT F . 
B 2 HOH 62 62 62 HOH WAT F . 
B 2 HOH 63 63 63 HOH WAT F . 
B 2 HOH 64 64 64 HOH WAT F . 
B 2 HOH 65 65 65 HOH WAT F . 
B 2 HOH 66 66 66 HOH WAT F . 
B 2 HOH 67 67 67 HOH WAT F . 
B 2 HOH 68 68 68 HOH WAT F . 
B 2 HOH 69 69 69 HOH WAT F . 
B 2 HOH 70 70 70 HOH WAT F . 
B 2 HOH 71 71 71 HOH WAT F . 
B 2 HOH 72 72 72 HOH WAT F . 
B 2 HOH 73 73 73 HOH WAT F . 
B 2 HOH 74 74 74 HOH WAT F . 
B 2 HOH 75 75 75 HOH WAT F . 
B 2 HOH 76 76 76 HOH WAT F . 
B 2 HOH 77 77 77 HOH WAT F . 
B 2 HOH 78 78 78 HOH WAT F . 
B 2 HOH 79 79 79 HOH WAT F . 
B 2 HOH 80 80 80 HOH WAT F . 
B 2 HOH 81 81 81 HOH WAT F . 
B 2 HOH 82 82 82 HOH WAT F . 
B 2 HOH 83 83 83 HOH WAT F . 
B 2 HOH 84 84 84 HOH WAT F . 
# 
loop_
_software.name 
_software.classification 
_software.version 
_software.citation_id 
_software.pdbx_ordinal 
SOLVE     phasing          .   ? 1 
MLPHARE   phasing          .   ? 2 
CNS       refinement       0.9 ? 3 
DENZO     'data reduction' .   ? 4 
SCALEPACK 'data scaling'   .   ? 5 
# 
_cell.entry_id           1HTJ 
_cell.length_a           61.61 
_cell.length_b           61.61 
_cell.length_c           201.91 
_cell.angle_alpha        90.00 
_cell.angle_beta         90.00 
_cell.angle_gamma        120.00 
_cell.Z_PDB              12 
_cell.pdbx_unique_axis   ? 
# 
_symmetry.entry_id                         1HTJ 
_symmetry.space_group_name_H-M             'P 61 2 2' 
_symmetry.pdbx_full_space_group_name_H-M   ? 
_symmetry.cell_setting                     ? 
_symmetry.Int_Tables_number                178 
# 
_exptl.entry_id          1HTJ 
_exptl.method            'X-RAY DIFFRACTION' 
_exptl.crystals_number   1 
# 
_exptl_crystal.id                    1 
_exptl_crystal.density_meas          ? 
_exptl_crystal.density_Matthews      2.3 
_exptl_crystal.density_percent_sol   46.82 
_exptl_crystal.description           ? 
# 
_exptl_crystal_grow.crystal_id      1 
_exptl_crystal_grow.method          'VAPOR DIFFUSION, HANGING DROP' 
_exptl_crystal_grow.temp            293 
_exptl_crystal_grow.temp_details    ? 
_exptl_crystal_grow.pH              7.8 
_exptl_crystal_grow.pdbx_details    'Ammonium Sulfate, PEG 400, Tris-HCl, pH 7.8, VAPOR DIFFUSION, HANGING DROP, temperature 293K' 
_exptl_crystal_grow.pdbx_pH_range   . 
# 
_diffrn.id                     1 
_diffrn.ambient_temp           100 
_diffrn.ambient_temp_details   ? 
_diffrn.crystal_id             1 
# 
_diffrn_detector.diffrn_id              1 
_diffrn_detector.detector               CCD 
_diffrn_detector.type                   'ADSC QUANTUM 4' 
_diffrn_detector.pdbx_collection_date   2000-08-01 
_diffrn_detector.details                ? 
# 
_diffrn_radiation.diffrn_id                        1 
_diffrn_radiation.wavelength_id                    1 
_diffrn_radiation.pdbx_monochromatic_or_laue_m_l   M 
_diffrn_radiation.monochromator                    ? 
_diffrn_radiation.pdbx_diffrn_protocol             'SINGLE WAVELENGTH' 
_diffrn_radiation.pdbx_scattering_type             x-ray 
# 
_diffrn_radiation_wavelength.id           1 
_diffrn_radiation_wavelength.wavelength   0.9717 
_diffrn_radiation_wavelength.wt           1.0 
# 
_diffrn_source.diffrn_id                   1 
_diffrn_source.source                      SYNCHROTRON 
_diffrn_source.type                        'NSLS BEAMLINE X9B' 
_diffrn_source.pdbx_synchrotron_site       NSLS 
_diffrn_source.pdbx_synchrotron_beamline   X9B 
_diffrn_source.pdbx_wavelength             ? 
_diffrn_source.pdbx_wavelength_list        0.9717 
# 
_reflns.entry_id                     1HTJ 
_reflns.observed_criterion_sigma_I   ? 
_reflns.observed_criterion_sigma_F   ? 
_reflns.d_resolution_low             20 
_reflns.d_resolution_high            2.2 
_reflns.number_obs                   12161 
_reflns.number_all                   12161 
_reflns.percent_possible_obs         98.7 
_reflns.pdbx_Rmerge_I_obs            0.0520000 
_reflns.pdbx_Rsym_value              ? 
_reflns.pdbx_netI_over_sigmaI        12.1 
_reflns.B_iso_Wilson_estimate        38 
_reflns.pdbx_redundancy              4.8 
_reflns.R_free_details               ? 
_reflns.limit_h_max                  ? 
_reflns.limit_h_min                  ? 
_reflns.limit_k_max                  ? 
_reflns.limit_k_min                  ? 
_reflns.limit_l_max                  ? 
_reflns.limit_l_min                  ? 
_reflns.observed_criterion_F_max     ? 
_reflns.observed_criterion_F_min     ? 
_reflns.pdbx_diffrn_id               1 
_reflns.pdbx_ordinal                 1 
# 
_reflns_shell.d_res_high             2.20 
_reflns_shell.d_res_low              2.28 
_reflns_shell.percent_possible_all   98.6 
_reflns_shell.Rmerge_I_obs           0.2960000 
_reflns_shell.pdbx_Rsym_value        ? 
_reflns_shell.meanI_over_sigI_obs    4.4 
_reflns_shell.pdbx_redundancy        4.6 
_reflns_shell.percent_possible_obs   ? 
_reflns_shell.number_unique_all      1160 
_reflns_shell.pdbx_diffrn_id         ? 
_reflns_shell.pdbx_ordinal           1 
# 
_refine.entry_id                                 1HTJ 
_refine.ls_number_reflns_obs                     11167 
_refine.ls_number_reflns_all                     ? 
_refine.pdbx_ls_sigma_I                          0.0 
_refine.pdbx_ls_sigma_F                          0.0 
_refine.pdbx_data_cutoff_high_absF               ? 
_refine.pdbx_data_cutoff_low_absF                ? 
_refine.ls_d_res_low                             20. 
_refine.ls_d_res_high                            2.2 
_refine.ls_percent_reflns_obs                    91.0 
_refine.ls_R_factor_obs                          0.2260000 
_refine.ls_R_factor_all                          ? 
_refine.ls_R_factor_R_work                       0.2230000 
_refine.ls_R_factor_R_free                       0.2580000 
_refine.ls_R_factor_R_free_error                 ? 
_refine.ls_R_factor_R_free_error_details         ? 
_refine.ls_percent_reflns_R_free                 6.5 
_refine.ls_number_reflns_R_free                  799 
_refine.ls_number_parameters                     ? 
_refine.ls_number_restraints                     ? 
_refine.occupancy_min                            ? 
_refine.occupancy_max                            ? 
_refine.B_iso_mean                               ? 
_refine.aniso_B[1][1]                            -10.212 
_refine.aniso_B[2][2]                            -10.212 
_refine.aniso_B[3][3]                            20.423 
_refine.aniso_B[1][2]                            -8.331 
_refine.aniso_B[1][3]                            0.000 
_refine.aniso_B[2][3]                            0.000 
_refine.solvent_model_details                    ? 
_refine.solvent_model_param_ksol                 ? 
_refine.solvent_model_param_bsol                 ? 
_refine.pdbx_ls_cross_valid_method               THROUGHOUT 
_refine.details                                  ? 
_refine.pdbx_starting_model                      ? 
_refine.pdbx_method_to_determine_struct          MAD 
_refine.pdbx_isotropic_thermal_model             ? 
_refine.pdbx_stereochemistry_target_values       'Engh & Huber' 
_refine.pdbx_stereochem_target_val_spec_case     ? 
_refine.pdbx_R_Free_selection_details            RANDOM 
_refine.pdbx_overall_ESU_R_Free                  ? 
_refine.overall_SU_B                             ? 
_refine.ls_redundancy_reflns_obs                 ? 
_refine.B_iso_min                                ? 
_refine.B_iso_max                                ? 
_refine.overall_SU_ML                            ? 
_refine.pdbx_overall_ESU_R                       ? 
_refine.pdbx_data_cutoff_high_rms_absF           ? 
_refine.correlation_coeff_Fo_to_Fc               ? 
_refine.correlation_coeff_Fo_to_Fc_free          ? 
_refine.overall_SU_R_Cruickshank_DPI             ? 
_refine.overall_SU_R_free                        ? 
_refine.pdbx_refine_id                           'X-RAY DIFFRACTION' 
_refine.pdbx_diffrn_id                           1 
_refine.pdbx_TLS_residual_ADP_flag               ? 
_refine.pdbx_solvent_vdw_probe_radii             ? 
_refine.pdbx_solvent_ion_probe_radii             ? 
_refine.pdbx_solvent_shrinkage_radii             ? 
_refine.pdbx_overall_phase_error                 ? 
_refine.pdbx_overall_SU_R_free_Cruickshank_DPI   ? 
_refine.pdbx_overall_SU_R_Blow_DPI               ? 
_refine.pdbx_overall_SU_R_free_Blow_DPI          ? 
# 
_refine_analyze.entry_id                        1HTJ 
_refine_analyze.Luzzati_coordinate_error_obs    ? 
_refine_analyze.Luzzati_sigma_a_obs             0.35 
_refine_analyze.Luzzati_d_res_low_obs           5.0 
_refine_analyze.Luzzati_coordinate_error_free   ? 
_refine_analyze.Luzzati_sigma_a_free            0.37 
_refine_analyze.Luzzati_d_res_low_free          ? 
_refine_analyze.number_disordered_residues      ? 
_refine_analyze.occupancy_sum_hydrogen          ? 
_refine_analyze.occupancy_sum_non_hydrogen      ? 
_refine_analyze.pdbx_Luzzati_d_res_high_obs     ? 
_refine_analyze.pdbx_refine_id                  'X-RAY DIFFRACTION' 
# 
_refine_hist.pdbx_refine_id                   'X-RAY DIFFRACTION' 
_refine_hist.cycle_id                         LAST 
_refine_hist.pdbx_number_atoms_protein        1445 
_refine_hist.pdbx_number_atoms_nucleic_acid   0 
_refine_hist.pdbx_number_atoms_ligand         0 
_refine_hist.number_atoms_solvent             84 
_refine_hist.number_atoms_total               1529 
_refine_hist.d_res_high                       2.2 
_refine_hist.d_res_low                        20. 
# 
loop_
_refine_ls_restr.type 
_refine_ls_restr.dev_ideal 
_refine_ls_restr.dev_ideal_target 
_refine_ls_restr.weight 
_refine_ls_restr.number 
_refine_ls_restr.pdbx_refine_id 
_refine_ls_restr.pdbx_restraint_function 
c_bond_d           0.0078 ? ? ? 'X-RAY DIFFRACTION' ? 
c_angle_deg        1.257  ? ? ? 'X-RAY DIFFRACTION' ? 
c_dihedral_angle_d 19.34  ? ? ? 'X-RAY DIFFRACTION' ? 
c_improper_angle_d .7427  ? ? ? 'X-RAY DIFFRACTION' ? 
# 
_refine_ls_shell.pdbx_total_number_of_bins_used   ? 
_refine_ls_shell.d_res_high                       2.20 
_refine_ls_shell.d_res_low                        2.28 
_refine_ls_shell.number_reflns_R_work             820 
_refine_ls_shell.R_factor_R_work                  0.3600000 
_refine_ls_shell.percent_reflns_obs               76 
_refine_ls_shell.R_factor_R_free                  0.3810000 
_refine_ls_shell.R_factor_R_free_error            ? 
_refine_ls_shell.percent_reflns_R_free            ? 
_refine_ls_shell.number_reflns_R_free             69 
_refine_ls_shell.number_reflns_obs                889 
_refine_ls_shell.redundancy_reflns_obs            ? 
_refine_ls_shell.number_reflns_all                ? 
_refine_ls_shell.pdbx_refine_id                   'X-RAY DIFFRACTION' 
_refine_ls_shell.R_factor_all                     ? 
# 
_struct.entry_id                  1HTJ 
_struct.title                     'STRUCTURE OF THE RGS-LIKE DOMAIN FROM PDZ-RHOGEF' 
_struct.pdbx_model_details        ? 
_struct.pdbx_CASP_flag            ? 
_struct.pdbx_model_type_details   ? 
# 
_struct_keywords.entry_id        1HTJ 
_struct_keywords.pdbx_keywords   'SIGNALING PROTEIN' 
_struct_keywords.text            
'RGS-like, Regulator of G protein signaling, GEF, Guanine nucleotide exchange factor, SIGNALING PROTEIN' 
# 
loop_
_struct_asym.id 
_struct_asym.pdbx_blank_PDB_chainid_flag 
_struct_asym.pdbx_modified 
_struct_asym.entity_id 
_struct_asym.details 
A N N 1 ? 
B N N 2 ? 
# 
_struct_ref.id                         1 
_struct_ref.db_name                    UNP 
_struct_ref.db_code                    ARHGB_HUMAN 
_struct_ref.entity_id                  1 
_struct_ref.pdbx_db_accession          O15085 
_struct_ref.pdbx_align_begin           281 
_struct_ref.pdbx_seq_one_letter_code   
;QGVDQSPKPLIIGPEEDYDPGYFNNESDIIFQDLEKLKSRPAHLGVFLRYIFSQADPSPLLFYLCAEVYQQASPKDSRSL
GKDIWNIFLEKNAPLRVKIPEMLQAEIDSRLRNSEDARGVLCEAQEAAMPEIQEQIHDYRTKRTLGLGSLYGENDLLDLD
GDPLRERQVAEKQLAALGDILSKYEEDRSAPMDFALNTYMSHAGIRLREA
;
_struct_ref.pdbx_db_isoform            ? 
# 
_struct_ref_seq.align_id                      1 
_struct_ref_seq.ref_id                        1 
_struct_ref_seq.pdbx_PDB_id_code              1HTJ 
_struct_ref_seq.pdbx_strand_id                F 
_struct_ref_seq.seq_align_beg                 1 
_struct_ref_seq.pdbx_seq_align_beg_ins_code   ? 
_struct_ref_seq.seq_align_end                 210 
_struct_ref_seq.pdbx_seq_align_end_ins_code   ? 
_struct_ref_seq.pdbx_db_accession             O15085 
_struct_ref_seq.db_align_beg                  281 
_struct_ref_seq.pdbx_db_align_beg_ins_code    ? 
_struct_ref_seq.db_align_end                  490 
_struct_ref_seq.pdbx_db_align_end_ins_code    ? 
_struct_ref_seq.pdbx_auth_seq_align_beg       281 
_struct_ref_seq.pdbx_auth_seq_align_end       490 
# 
loop_
_struct_ref_seq_dif.align_id 
_struct_ref_seq_dif.pdbx_pdb_id_code 
_struct_ref_seq_dif.mon_id 
_struct_ref_seq_dif.pdbx_pdb_strand_id 
_struct_ref_seq_dif.seq_num 
_struct_ref_seq_dif.pdbx_pdb_ins_code 
_struct_ref_seq_dif.pdbx_seq_db_name 
_struct_ref_seq_dif.pdbx_seq_db_accession_code 
_struct_ref_seq_dif.db_mon_id 
_struct_ref_seq_dif.pdbx_seq_db_seq_num 
_struct_ref_seq_dif.details 
_struct_ref_seq_dif.pdbx_auth_seq_num 
_struct_ref_seq_dif.pdbx_ordinal 
1 1HTJ MSE F 102 ? UNP O15085 MET 382 'modified residue'    382 1 
1 1HTJ MSE F 129 ? UNP O15085 MET 409 'modified residue'    409 2 
1 1HTJ ALA F 183 ? UNP O15085 LYS 463 'engineered mutation' 463 3 
1 1HTJ ALA F 185 ? UNP O15085 GLU 465 'engineered mutation' 465 4 
1 1HTJ ALA F 186 ? UNP O15085 GLU 466 'engineered mutation' 466 5 
1 1HTJ MSE F 192 ? UNP O15085 MET 472 'modified residue'    472 6 
1 1HTJ MSE F 200 ? UNP O15085 MET 480 'modified residue'    480 7 
# 
_pdbx_struct_assembly.id                   1 
_pdbx_struct_assembly.details              author_defined_assembly 
_pdbx_struct_assembly.method_details       ? 
_pdbx_struct_assembly.oligomeric_details   monomeric 
_pdbx_struct_assembly.oligomeric_count     1 
# 
_pdbx_struct_assembly_gen.assembly_id       1 
_pdbx_struct_assembly_gen.oper_expression   1 
_pdbx_struct_assembly_gen.asym_id_list      A,B 
# 
_pdbx_struct_oper_list.id                   1 
_pdbx_struct_oper_list.type                 'identity operation' 
_pdbx_struct_oper_list.name                 1_555 
_pdbx_struct_oper_list.symmetry_operation   x,y,z 
_pdbx_struct_oper_list.matrix[1][1]         1.0000000000 
_pdbx_struct_oper_list.matrix[1][2]         0.0000000000 
_pdbx_struct_oper_list.matrix[1][3]         0.0000000000 
_pdbx_struct_oper_list.vector[1]            0.0000000000 
_pdbx_struct_oper_list.matrix[2][1]         0.0000000000 
_pdbx_struct_oper_list.matrix[2][2]         1.0000000000 
_pdbx_struct_oper_list.matrix[2][3]         0.0000000000 
_pdbx_struct_oper_list.vector[2]            0.0000000000 
_pdbx_struct_oper_list.matrix[3][1]         0.0000000000 
_pdbx_struct_oper_list.matrix[3][2]         0.0000000000 
_pdbx_struct_oper_list.matrix[3][3]         1.0000000000 
_pdbx_struct_oper_list.vector[3]            0.0000000000 
# 
_struct_biol.id                    1 
_struct_biol.details               
;The assymetric unit contains a protein fragment 
that is a single domain isolated from a multi-domain 
protein, and is not known to organize into multimers.
;
_struct_biol.pdbx_parent_biol_id   ? 
# 
loop_
_struct_conf.conf_type_id 
_struct_conf.id 
_struct_conf.pdbx_PDB_helix_id 
_struct_conf.beg_label_comp_id 
_struct_conf.beg_label_asym_id 
_struct_conf.beg_label_seq_id 
_struct_conf.pdbx_beg_PDB_ins_code 
_struct_conf.end_label_comp_id 
_struct_conf.end_label_asym_id 
_struct_conf.end_label_seq_id 
_struct_conf.pdbx_end_PDB_ins_code 
_struct_conf.beg_auth_comp_id 
_struct_conf.beg_auth_asym_id 
_struct_conf.beg_auth_seq_id 
_struct_conf.end_auth_comp_id 
_struct_conf.end_auth_asym_id 
_struct_conf.end_auth_seq_id 
_struct_conf.pdbx_PDB_helix_class 
_struct_conf.details 
_struct_conf.pdbx_PDB_helix_length 
HELX_P HELX_P1  1  GLU A 26  ? ASP A 33  ? GLU F 306 ASP F 313 1 ? 8  
HELX_P HELX_P2  2  ASP A 33  ? ARG A 40  ? ASP F 313 ARG F 320 1 ? 8  
HELX_P HELX_P3  3  ARG A 40  ? ALA A 55  ? ARG F 320 ALA F 335 1 ? 16 
HELX_P HELX_P4  4  PRO A 57  ? GLN A 70  ? PRO F 337 GLN F 350 1 ? 14 
HELX_P HELX_P5  5  LYS A 75  ? LEU A 89  ? LYS F 355 LEU F 369 1 ? 15 
HELX_P HELX_P6  6  PRO A 100 ? ASN A 113 ? PRO F 380 ASN F 393 1 ? 14 
HELX_P HELX_P7  7  ALA A 117 ? LEU A 145 ? ALA F 397 LEU F 425 1 ? 29 
HELX_P HELX_P8  8  LEU A 147 ? GLY A 152 ? LEU F 427 GLY F 432 5 ? 6  
HELX_P HELX_P9  9  ASN A 154 ? LEU A 159 ? ASN F 434 LEU F 439 5 ? 6  
HELX_P HELX_P10 10 ASP A 162 ? ALA A 183 ? ASP F 442 ALA F 463 1 ? 22 
HELX_P HELX_P11 11 ALA A 185 ? ALA A 203 ? ALA F 465 ALA F 483 1 ? 19 
# 
_struct_conf_type.id          HELX_P 
_struct_conf_type.criteria    ? 
_struct_conf_type.reference   ? 
# 
loop_
_struct_conn.id 
_struct_conn.conn_type_id 
_struct_conn.pdbx_leaving_atom_flag 
_struct_conn.pdbx_PDB_id 
_struct_conn.ptnr1_label_asym_id 
_struct_conn.ptnr1_label_comp_id 
_struct_conn.ptnr1_label_seq_id 
_struct_conn.ptnr1_label_atom_id 
_struct_conn.pdbx_ptnr1_label_alt_id 
_struct_conn.pdbx_ptnr1_PDB_ins_code 
_struct_conn.pdbx_ptnr1_standard_comp_id 
_struct_conn.ptnr1_symmetry 
_struct_conn.ptnr2_label_asym_id 
_struct_conn.ptnr2_label_comp_id 
_struct_conn.ptnr2_label_seq_id 
_struct_conn.ptnr2_label_atom_id 
_struct_conn.pdbx_ptnr2_label_alt_id 
_struct_conn.pdbx_ptnr2_PDB_ins_code 
_struct_conn.ptnr1_auth_asym_id 
_struct_conn.ptnr1_auth_comp_id 
_struct_conn.ptnr1_auth_seq_id 
_struct_conn.ptnr2_auth_asym_id 
_struct_conn.ptnr2_auth_comp_id 
_struct_conn.ptnr2_auth_seq_id 
_struct_conn.ptnr2_symmetry 
_struct_conn.pdbx_ptnr3_label_atom_id 
_struct_conn.pdbx_ptnr3_label_seq_id 
_struct_conn.pdbx_ptnr3_label_comp_id 
_struct_conn.pdbx_ptnr3_label_asym_id 
_struct_conn.pdbx_ptnr3_label_alt_id 
_struct_conn.pdbx_ptnr3_PDB_ins_code 
_struct_conn.details 
_struct_conn.pdbx_dist_value 
_struct_conn.pdbx_value_order 
_struct_conn.pdbx_role 
covale1 covale both ? A GLU 101 C ? ? ? 1_555 A MSE 102 N ? ? F GLU 381 F MSE 382 1_555 ? ? ? ? ? ? ? 1.329 ? ? 
covale2 covale both ? A MSE 102 C ? ? ? 1_555 A LEU 103 N ? ? F MSE 382 F LEU 383 1_555 ? ? ? ? ? ? ? 1.332 ? ? 
covale3 covale both ? A ALA 128 C ? ? ? 1_555 A MSE 129 N ? ? F ALA 408 F MSE 409 1_555 ? ? ? ? ? ? ? 1.331 ? ? 
covale4 covale both ? A MSE 129 C ? ? ? 1_555 A PRO 130 N ? ? F MSE 409 F PRO 410 1_555 ? ? ? ? ? ? ? 1.333 ? ? 
covale5 covale both ? A PRO 191 C ? ? ? 1_555 A MSE 192 N ? ? F PRO 471 F MSE 472 1_555 ? ? ? ? ? ? ? 1.329 ? ? 
covale6 covale both ? A MSE 192 C ? ? ? 1_555 A ASP 193 N ? ? F MSE 472 F ASP 473 1_555 ? ? ? ? ? ? ? 1.322 ? ? 
covale7 covale both ? A TYR 199 C ? ? ? 1_555 A MSE 200 N ? ? F TYR 479 F MSE 480 1_555 ? ? ? ? ? ? ? 1.328 ? ? 
covale8 covale both ? A MSE 200 C ? ? ? 1_555 A SER 201 N ? ? F MSE 480 F SER 481 1_555 ? ? ? ? ? ? ? 1.325 ? ? 
# 
_struct_conn_type.id          covale 
_struct_conn_type.criteria    ? 
_struct_conn_type.reference   ? 
# 
loop_
_pdbx_modification_feature.ordinal 
_pdbx_modification_feature.label_comp_id 
_pdbx_modification_feature.label_asym_id 
_pdbx_modification_feature.label_seq_id 
_pdbx_modification_feature.label_alt_id 
_pdbx_modification_feature.modified_residue_label_comp_id 
_pdbx_modification_feature.modified_residue_label_asym_id 
_pdbx_modification_feature.modified_residue_label_seq_id 
_pdbx_modification_feature.modified_residue_label_alt_id 
_pdbx_modification_feature.auth_comp_id 
_pdbx_modification_feature.auth_asym_id 
_pdbx_modification_feature.auth_seq_id 
_pdbx_modification_feature.PDB_ins_code 
_pdbx_modification_feature.symmetry 
_pdbx_modification_feature.modified_residue_auth_comp_id 
_pdbx_modification_feature.modified_residue_auth_asym_id 
_pdbx_modification_feature.modified_residue_auth_seq_id 
_pdbx_modification_feature.modified_residue_PDB_ins_code 
_pdbx_modification_feature.modified_residue_symmetry 
_pdbx_modification_feature.comp_id_linking_atom 
_pdbx_modification_feature.modified_residue_id_linking_atom 
_pdbx_modification_feature.modified_residue_id 
_pdbx_modification_feature.ref_pcm_id 
_pdbx_modification_feature.ref_comp_id 
_pdbx_modification_feature.type 
_pdbx_modification_feature.category 
1 MSE A 102 ? . . . . MSE F 382 ? 1_555 . . . . . . . MET 1 MSE Selenomethionine 'Named protein modification' 
2 MSE A 129 ? . . . . MSE F 409 ? 1_555 . . . . . . . MET 1 MSE Selenomethionine 'Named protein modification' 
3 MSE A 192 ? . . . . MSE F 472 ? 1_555 . . . . . . . MET 1 MSE Selenomethionine 'Named protein modification' 
4 MSE A 200 ? . . . . MSE F 480 ? 1_555 . . . . . . . MET 1 MSE Selenomethionine 'Named protein modification' 
# 
_pdbx_entry_details.entry_id                   1HTJ 
_pdbx_entry_details.compound_details           ? 
_pdbx_entry_details.source_details             ? 
_pdbx_entry_details.nonpolymer_details         ? 
_pdbx_entry_details.sequence_details           ? 
_pdbx_entry_details.has_ligand_of_interest     ? 
_pdbx_entry_details.has_protein_modification   Y 
# 
_pdbx_validate_close_contact.id               1 
_pdbx_validate_close_contact.PDB_model_num    1 
_pdbx_validate_close_contact.auth_atom_id_1   O 
_pdbx_validate_close_contact.auth_asym_id_1   F 
_pdbx_validate_close_contact.auth_comp_id_1   SER 
_pdbx_validate_close_contact.auth_seq_id_1    353 
_pdbx_validate_close_contact.PDB_ins_code_1   ? 
_pdbx_validate_close_contact.label_alt_id_1   ? 
_pdbx_validate_close_contact.auth_atom_id_2   N 
_pdbx_validate_close_contact.auth_asym_id_2   F 
_pdbx_validate_close_contact.auth_comp_id_2   LYS 
_pdbx_validate_close_contact.auth_seq_id_2    355 
_pdbx_validate_close_contact.PDB_ins_code_2   ? 
_pdbx_validate_close_contact.label_alt_id_2   ? 
_pdbx_validate_close_contact.dist             2.19 
# 
loop_
_pdbx_validate_torsion.id 
_pdbx_validate_torsion.PDB_model_num 
_pdbx_validate_torsion.auth_comp_id 
_pdbx_validate_torsion.auth_asym_id 
_pdbx_validate_torsion.auth_seq_id 
_pdbx_validate_torsion.PDB_ins_code 
_pdbx_validate_torsion.label_alt_id 
_pdbx_validate_torsion.phi 
_pdbx_validate_torsion.psi 
1 1 GLN F 351 ? ? -150.95 13.12  
2 1 PRO F 354 ? ? -53.19  42.46  
3 1 LYS F 355 ? ? -143.33 -51.52 
4 1 LYS F 371 ? ? -29.11  -51.86 
5 1 LEU F 375 ? ? -114.21 52.63  
# 
loop_
_pdbx_struct_mod_residue.id 
_pdbx_struct_mod_residue.label_asym_id 
_pdbx_struct_mod_residue.label_comp_id 
_pdbx_struct_mod_residue.label_seq_id 
_pdbx_struct_mod_residue.auth_asym_id 
_pdbx_struct_mod_residue.auth_comp_id 
_pdbx_struct_mod_residue.auth_seq_id 
_pdbx_struct_mod_residue.PDB_ins_code 
_pdbx_struct_mod_residue.parent_comp_id 
_pdbx_struct_mod_residue.details 
1 A MSE 102 F MSE 382 ? MET SELENOMETHIONINE 
2 A MSE 129 F MSE 409 ? MET SELENOMETHIONINE 
3 A MSE 192 F MSE 472 ? MET SELENOMETHIONINE 
4 A MSE 200 F MSE 480 ? MET SELENOMETHIONINE 
# 
loop_
_pdbx_unobs_or_zero_occ_residues.id 
_pdbx_unobs_or_zero_occ_residues.PDB_model_num 
_pdbx_unobs_or_zero_occ_residues.polymer_flag 
_pdbx_unobs_or_zero_occ_residues.occupancy_flag 
_pdbx_unobs_or_zero_occ_residues.auth_asym_id 
_pdbx_unobs_or_zero_occ_residues.auth_comp_id 
_pdbx_unobs_or_zero_occ_residues.auth_seq_id 
_pdbx_unobs_or_zero_occ_residues.PDB_ins_code 
_pdbx_unobs_or_zero_occ_residues.label_asym_id 
_pdbx_unobs_or_zero_occ_residues.label_comp_id 
_pdbx_unobs_or_zero_occ_residues.label_seq_id 
1  1 Y 1 F GLN 281 ? A GLN 1   
2  1 Y 1 F GLY 282 ? A GLY 2   
3  1 Y 1 F VAL 283 ? A VAL 3   
4  1 Y 1 F ASP 284 ? A ASP 4   
5  1 Y 1 F GLN 285 ? A GLN 5   
6  1 Y 1 F SER 286 ? A SER 6   
7  1 Y 1 F PRO 287 ? A PRO 7   
8  1 Y 1 F LYS 288 ? A LYS 8   
9  1 Y 1 F PRO 289 ? A PRO 9   
10 1 Y 1 F LEU 290 ? A LEU 10  
11 1 Y 1 F ILE 291 ? A ILE 11  
12 1 Y 1 F ILE 292 ? A ILE 12  
13 1 Y 1 F GLY 293 ? A GLY 13  
14 1 Y 1 F PRO 294 ? A PRO 14  
15 1 Y 1 F GLU 295 ? A GLU 15  
16 1 Y 1 F GLU 296 ? A GLU 16  
17 1 Y 1 F ASP 297 ? A ASP 17  
18 1 Y 1 F TYR 298 ? A TYR 18  
19 1 Y 1 F ASP 299 ? A ASP 19  
20 1 Y 1 F PRO 300 ? A PRO 20  
21 1 Y 1 F GLY 301 ? A GLY 21  
22 1 Y 1 F TYR 302 ? A TYR 22  
23 1 Y 1 F PHE 303 ? A PHE 23  
24 1 Y 1 F ASN 304 ? A ASN 24  
25 1 Y 1 F ASN 305 ? A ASN 25  
26 1 Y 1 F ARG 488 ? A ARG 208 
27 1 Y 1 F GLU 489 ? A GLU 209 
28 1 Y 1 F ALA 490 ? A ALA 210 
# 
loop_
_chem_comp_atom.comp_id 
_chem_comp_atom.atom_id 
_chem_comp_atom.type_symbol 
_chem_comp_atom.pdbx_aromatic_flag 
_chem_comp_atom.pdbx_stereo_config 
_chem_comp_atom.pdbx_ordinal 
ALA N    N  N N 1   
ALA CA   C  N S 2   
ALA C    C  N N 3   
ALA O    O  N N 4   
ALA CB   C  N N 5   
ALA OXT  O  N N 6   
ALA H    H  N N 7   
ALA H2   H  N N 8   
ALA HA   H  N N 9   
ALA HB1  H  N N 10  
ALA HB2  H  N N 11  
ALA HB3  H  N N 12  
ALA HXT  H  N N 13  
ARG N    N  N N 14  
ARG CA   C  N S 15  
ARG C    C  N N 16  
ARG O    O  N N 17  
ARG CB   C  N N 18  
ARG CG   C  N N 19  
ARG CD   C  N N 20  
ARG NE   N  N N 21  
ARG CZ   C  N N 22  
ARG NH1  N  N N 23  
ARG NH2  N  N N 24  
ARG OXT  O  N N 25  
ARG H    H  N N 26  
ARG H2   H  N N 27  
ARG HA   H  N N 28  
ARG HB2  H  N N 29  
ARG HB3  H  N N 30  
ARG HG2  H  N N 31  
ARG HG3  H  N N 32  
ARG HD2  H  N N 33  
ARG HD3  H  N N 34  
ARG HE   H  N N 35  
ARG HH11 H  N N 36  
ARG HH12 H  N N 37  
ARG HH21 H  N N 38  
ARG HH22 H  N N 39  
ARG HXT  H  N N 40  
ASN N    N  N N 41  
ASN CA   C  N S 42  
ASN C    C  N N 43  
ASN O    O  N N 44  
ASN CB   C  N N 45  
ASN CG   C  N N 46  
ASN OD1  O  N N 47  
ASN ND2  N  N N 48  
ASN OXT  O  N N 49  
ASN H    H  N N 50  
ASN H2   H  N N 51  
ASN HA   H  N N 52  
ASN HB2  H  N N 53  
ASN HB3  H  N N 54  
ASN HD21 H  N N 55  
ASN HD22 H  N N 56  
ASN HXT  H  N N 57  
ASP N    N  N N 58  
ASP CA   C  N S 59  
ASP C    C  N N 60  
ASP O    O  N N 61  
ASP CB   C  N N 62  
ASP CG   C  N N 63  
ASP OD1  O  N N 64  
ASP OD2  O  N N 65  
ASP OXT  O  N N 66  
ASP H    H  N N 67  
ASP H2   H  N N 68  
ASP HA   H  N N 69  
ASP HB2  H  N N 70  
ASP HB3  H  N N 71  
ASP HD2  H  N N 72  
ASP HXT  H  N N 73  
CYS N    N  N N 74  
CYS CA   C  N R 75  
CYS C    C  N N 76  
CYS O    O  N N 77  
CYS CB   C  N N 78  
CYS SG   S  N N 79  
CYS OXT  O  N N 80  
CYS H    H  N N 81  
CYS H2   H  N N 82  
CYS HA   H  N N 83  
CYS HB2  H  N N 84  
CYS HB3  H  N N 85  
CYS HG   H  N N 86  
CYS HXT  H  N N 87  
GLN N    N  N N 88  
GLN CA   C  N S 89  
GLN C    C  N N 90  
GLN O    O  N N 91  
GLN CB   C  N N 92  
GLN CG   C  N N 93  
GLN CD   C  N N 94  
GLN OE1  O  N N 95  
GLN NE2  N  N N 96  
GLN OXT  O  N N 97  
GLN H    H  N N 98  
GLN H2   H  N N 99  
GLN HA   H  N N 100 
GLN HB2  H  N N 101 
GLN HB3  H  N N 102 
GLN HG2  H  N N 103 
GLN HG3  H  N N 104 
GLN HE21 H  N N 105 
GLN HE22 H  N N 106 
GLN HXT  H  N N 107 
GLU N    N  N N 108 
GLU CA   C  N S 109 
GLU C    C  N N 110 
GLU O    O  N N 111 
GLU CB   C  N N 112 
GLU CG   C  N N 113 
GLU CD   C  N N 114 
GLU OE1  O  N N 115 
GLU OE2  O  N N 116 
GLU OXT  O  N N 117 
GLU H    H  N N 118 
GLU H2   H  N N 119 
GLU HA   H  N N 120 
GLU HB2  H  N N 121 
GLU HB3  H  N N 122 
GLU HG2  H  N N 123 
GLU HG3  H  N N 124 
GLU HE2  H  N N 125 
GLU HXT  H  N N 126 
GLY N    N  N N 127 
GLY CA   C  N N 128 
GLY C    C  N N 129 
GLY O    O  N N 130 
GLY OXT  O  N N 131 
GLY H    H  N N 132 
GLY H2   H  N N 133 
GLY HA2  H  N N 134 
GLY HA3  H  N N 135 
GLY HXT  H  N N 136 
HIS N    N  N N 137 
HIS CA   C  N S 138 
HIS C    C  N N 139 
HIS O    O  N N 140 
HIS CB   C  N N 141 
HIS CG   C  Y N 142 
HIS ND1  N  Y N 143 
HIS CD2  C  Y N 144 
HIS CE1  C  Y N 145 
HIS NE2  N  Y N 146 
HIS OXT  O  N N 147 
HIS H    H  N N 148 
HIS H2   H  N N 149 
HIS HA   H  N N 150 
HIS HB2  H  N N 151 
HIS HB3  H  N N 152 
HIS HD1  H  N N 153 
HIS HD2  H  N N 154 
HIS HE1  H  N N 155 
HIS HE2  H  N N 156 
HIS HXT  H  N N 157 
HOH O    O  N N 158 
HOH H1   H  N N 159 
HOH H2   H  N N 160 
ILE N    N  N N 161 
ILE CA   C  N S 162 
ILE C    C  N N 163 
ILE O    O  N N 164 
ILE CB   C  N S 165 
ILE CG1  C  N N 166 
ILE CG2  C  N N 167 
ILE CD1  C  N N 168 
ILE OXT  O  N N 169 
ILE H    H  N N 170 
ILE H2   H  N N 171 
ILE HA   H  N N 172 
ILE HB   H  N N 173 
ILE HG12 H  N N 174 
ILE HG13 H  N N 175 
ILE HG21 H  N N 176 
ILE HG22 H  N N 177 
ILE HG23 H  N N 178 
ILE HD11 H  N N 179 
ILE HD12 H  N N 180 
ILE HD13 H  N N 181 
ILE HXT  H  N N 182 
LEU N    N  N N 183 
LEU CA   C  N S 184 
LEU C    C  N N 185 
LEU O    O  N N 186 
LEU CB   C  N N 187 
LEU CG   C  N N 188 
LEU CD1  C  N N 189 
LEU CD2  C  N N 190 
LEU OXT  O  N N 191 
LEU H    H  N N 192 
LEU H2   H  N N 193 
LEU HA   H  N N 194 
LEU HB2  H  N N 195 
LEU HB3  H  N N 196 
LEU HG   H  N N 197 
LEU HD11 H  N N 198 
LEU HD12 H  N N 199 
LEU HD13 H  N N 200 
LEU HD21 H  N N 201 
LEU HD22 H  N N 202 
LEU HD23 H  N N 203 
LEU HXT  H  N N 204 
LYS N    N  N N 205 
LYS CA   C  N S 206 
LYS C    C  N N 207 
LYS O    O  N N 208 
LYS CB   C  N N 209 
LYS CG   C  N N 210 
LYS CD   C  N N 211 
LYS CE   C  N N 212 
LYS NZ   N  N N 213 
LYS OXT  O  N N 214 
LYS H    H  N N 215 
LYS H2   H  N N 216 
LYS HA   H  N N 217 
LYS HB2  H  N N 218 
LYS HB3  H  N N 219 
LYS HG2  H  N N 220 
LYS HG3  H  N N 221 
LYS HD2  H  N N 222 
LYS HD3  H  N N 223 
LYS HE2  H  N N 224 
LYS HE3  H  N N 225 
LYS HZ1  H  N N 226 
LYS HZ2  H  N N 227 
LYS HZ3  H  N N 228 
LYS HXT  H  N N 229 
MET N    N  N N 230 
MET CA   C  N S 231 
MET C    C  N N 232 
MET O    O  N N 233 
MET CB   C  N N 234 
MET CG   C  N N 235 
MET SD   S  N N 236 
MET CE   C  N N 237 
MET OXT  O  N N 238 
MET H    H  N N 239 
MET H2   H  N N 240 
MET HA   H  N N 241 
MET HB2  H  N N 242 
MET HB3  H  N N 243 
MET HG2  H  N N 244 
MET HG3  H  N N 245 
MET HE1  H  N N 246 
MET HE2  H  N N 247 
MET HE3  H  N N 248 
MET HXT  H  N N 249 
MSE N    N  N N 250 
MSE CA   C  N S 251 
MSE C    C  N N 252 
MSE O    O  N N 253 
MSE OXT  O  N N 254 
MSE CB   C  N N 255 
MSE CG   C  N N 256 
MSE SE   SE N N 257 
MSE CE   C  N N 258 
MSE H    H  N N 259 
MSE H2   H  N N 260 
MSE HA   H  N N 261 
MSE HXT  H  N N 262 
MSE HB2  H  N N 263 
MSE HB3  H  N N 264 
MSE HG2  H  N N 265 
MSE HG3  H  N N 266 
MSE HE1  H  N N 267 
MSE HE2  H  N N 268 
MSE HE3  H  N N 269 
PHE N    N  N N 270 
PHE CA   C  N S 271 
PHE C    C  N N 272 
PHE O    O  N N 273 
PHE CB   C  N N 274 
PHE CG   C  Y N 275 
PHE CD1  C  Y N 276 
PHE CD2  C  Y N 277 
PHE CE1  C  Y N 278 
PHE CE2  C  Y N 279 
PHE CZ   C  Y N 280 
PHE OXT  O  N N 281 
PHE H    H  N N 282 
PHE H2   H  N N 283 
PHE HA   H  N N 284 
PHE HB2  H  N N 285 
PHE HB3  H  N N 286 
PHE HD1  H  N N 287 
PHE HD2  H  N N 288 
PHE HE1  H  N N 289 
PHE HE2  H  N N 290 
PHE HZ   H  N N 291 
PHE HXT  H  N N 292 
PRO N    N  N N 293 
PRO CA   C  N S 294 
PRO C    C  N N 295 
PRO O    O  N N 296 
PRO CB   C  N N 297 
PRO CG   C  N N 298 
PRO CD   C  N N 299 
PRO OXT  O  N N 300 
PRO H    H  N N 301 
PRO HA   H  N N 302 
PRO HB2  H  N N 303 
PRO HB3  H  N N 304 
PRO HG2  H  N N 305 
PRO HG3  H  N N 306 
PRO HD2  H  N N 307 
PRO HD3  H  N N 308 
PRO HXT  H  N N 309 
SER N    N  N N 310 
SER CA   C  N S 311 
SER C    C  N N 312 
SER O    O  N N 313 
SER CB   C  N N 314 
SER OG   O  N N 315 
SER OXT  O  N N 316 
SER H    H  N N 317 
SER H2   H  N N 318 
SER HA   H  N N 319 
SER HB2  H  N N 320 
SER HB3  H  N N 321 
SER HG   H  N N 322 
SER HXT  H  N N 323 
THR N    N  N N 324 
THR CA   C  N S 325 
THR C    C  N N 326 
THR O    O  N N 327 
THR CB   C  N R 328 
THR OG1  O  N N 329 
THR CG2  C  N N 330 
THR OXT  O  N N 331 
THR H    H  N N 332 
THR H2   H  N N 333 
THR HA   H  N N 334 
THR HB   H  N N 335 
THR HG1  H  N N 336 
THR HG21 H  N N 337 
THR HG22 H  N N 338 
THR HG23 H  N N 339 
THR HXT  H  N N 340 
TRP N    N  N N 341 
TRP CA   C  N S 342 
TRP C    C  N N 343 
TRP O    O  N N 344 
TRP CB   C  N N 345 
TRP CG   C  Y N 346 
TRP CD1  C  Y N 347 
TRP CD2  C  Y N 348 
TRP NE1  N  Y N 349 
TRP CE2  C  Y N 350 
TRP CE3  C  Y N 351 
TRP CZ2  C  Y N 352 
TRP CZ3  C  Y N 353 
TRP CH2  C  Y N 354 
TRP OXT  O  N N 355 
TRP H    H  N N 356 
TRP H2   H  N N 357 
TRP HA   H  N N 358 
TRP HB2  H  N N 359 
TRP HB3  H  N N 360 
TRP HD1  H  N N 361 
TRP HE1  H  N N 362 
TRP HE3  H  N N 363 
TRP HZ2  H  N N 364 
TRP HZ3  H  N N 365 
TRP HH2  H  N N 366 
TRP HXT  H  N N 367 
TYR N    N  N N 368 
TYR CA   C  N S 369 
TYR C    C  N N 370 
TYR O    O  N N 371 
TYR CB   C  N N 372 
TYR CG   C  Y N 373 
TYR CD1  C  Y N 374 
TYR CD2  C  Y N 375 
TYR CE1  C  Y N 376 
TYR CE2  C  Y N 377 
TYR CZ   C  Y N 378 
TYR OH   O  N N 379 
TYR OXT  O  N N 380 
TYR H    H  N N 381 
TYR H2   H  N N 382 
TYR HA   H  N N 383 
TYR HB2  H  N N 384 
TYR HB3  H  N N 385 
TYR HD1  H  N N 386 
TYR HD2  H  N N 387 
TYR HE1  H  N N 388 
TYR HE2  H  N N 389 
TYR HH   H  N N 390 
TYR HXT  H  N N 391 
VAL N    N  N N 392 
VAL CA   C  N S 393 
VAL C    C  N N 394 
VAL O    O  N N 395 
VAL CB   C  N N 396 
VAL CG1  C  N N 397 
VAL CG2  C  N N 398 
VAL OXT  O  N N 399 
VAL H    H  N N 400 
VAL H2   H  N N 401 
VAL HA   H  N N 402 
VAL HB   H  N N 403 
VAL HG11 H  N N 404 
VAL HG12 H  N N 405 
VAL HG13 H  N N 406 
VAL HG21 H  N N 407 
VAL HG22 H  N N 408 
VAL HG23 H  N N 409 
VAL HXT  H  N N 410 
# 
loop_
_chem_comp_bond.comp_id 
_chem_comp_bond.atom_id_1 
_chem_comp_bond.atom_id_2 
_chem_comp_bond.value_order 
_chem_comp_bond.pdbx_aromatic_flag 
_chem_comp_bond.pdbx_stereo_config 
_chem_comp_bond.pdbx_ordinal 
ALA N   CA   sing N N 1   
ALA N   H    sing N N 2   
ALA N   H2   sing N N 3   
ALA CA  C    sing N N 4   
ALA CA  CB   sing N N 5   
ALA CA  HA   sing N N 6   
ALA C   O    doub N N 7   
ALA C   OXT  sing N N 8   
ALA CB  HB1  sing N N 9   
ALA CB  HB2  sing N N 10  
ALA CB  HB3  sing N N 11  
ALA OXT HXT  sing N N 12  
ARG N   CA   sing N N 13  
ARG N   H    sing N N 14  
ARG N   H2   sing N N 15  
ARG CA  C    sing N N 16  
ARG CA  CB   sing N N 17  
ARG CA  HA   sing N N 18  
ARG C   O    doub N N 19  
ARG C   OXT  sing N N 20  
ARG CB  CG   sing N N 21  
ARG CB  HB2  sing N N 22  
ARG CB  HB3  sing N N 23  
ARG CG  CD   sing N N 24  
ARG CG  HG2  sing N N 25  
ARG CG  HG3  sing N N 26  
ARG CD  NE   sing N N 27  
ARG CD  HD2  sing N N 28  
ARG CD  HD3  sing N N 29  
ARG NE  CZ   sing N N 30  
ARG NE  HE   sing N N 31  
ARG CZ  NH1  sing N N 32  
ARG CZ  NH2  doub N N 33  
ARG NH1 HH11 sing N N 34  
ARG NH1 HH12 sing N N 35  
ARG NH2 HH21 sing N N 36  
ARG NH2 HH22 sing N N 37  
ARG OXT HXT  sing N N 38  
ASN N   CA   sing N N 39  
ASN N   H    sing N N 40  
ASN N   H2   sing N N 41  
ASN CA  C    sing N N 42  
ASN CA  CB   sing N N 43  
ASN CA  HA   sing N N 44  
ASN C   O    doub N N 45  
ASN C   OXT  sing N N 46  
ASN CB  CG   sing N N 47  
ASN CB  HB2  sing N N 48  
ASN CB  HB3  sing N N 49  
ASN CG  OD1  doub N N 50  
ASN CG  ND2  sing N N 51  
ASN ND2 HD21 sing N N 52  
ASN ND2 HD22 sing N N 53  
ASN OXT HXT  sing N N 54  
ASP N   CA   sing N N 55  
ASP N   H    sing N N 56  
ASP N   H2   sing N N 57  
ASP CA  C    sing N N 58  
ASP CA  CB   sing N N 59  
ASP CA  HA   sing N N 60  
ASP C   O    doub N N 61  
ASP C   OXT  sing N N 62  
ASP CB  CG   sing N N 63  
ASP CB  HB2  sing N N 64  
ASP CB  HB3  sing N N 65  
ASP CG  OD1  doub N N 66  
ASP CG  OD2  sing N N 67  
ASP OD2 HD2  sing N N 68  
ASP OXT HXT  sing N N 69  
CYS N   CA   sing N N 70  
CYS N   H    sing N N 71  
CYS N   H2   sing N N 72  
CYS CA  C    sing N N 73  
CYS CA  CB   sing N N 74  
CYS CA  HA   sing N N 75  
CYS C   O    doub N N 76  
CYS C   OXT  sing N N 77  
CYS CB  SG   sing N N 78  
CYS CB  HB2  sing N N 79  
CYS CB  HB3  sing N N 80  
CYS SG  HG   sing N N 81  
CYS OXT HXT  sing N N 82  
GLN N   CA   sing N N 83  
GLN N   H    sing N N 84  
GLN N   H2   sing N N 85  
GLN CA  C    sing N N 86  
GLN CA  CB   sing N N 87  
GLN CA  HA   sing N N 88  
GLN C   O    doub N N 89  
GLN C   OXT  sing N N 90  
GLN CB  CG   sing N N 91  
GLN CB  HB2  sing N N 92  
GLN CB  HB3  sing N N 93  
GLN CG  CD   sing N N 94  
GLN CG  HG2  sing N N 95  
GLN CG  HG3  sing N N 96  
GLN CD  OE1  doub N N 97  
GLN CD  NE2  sing N N 98  
GLN NE2 HE21 sing N N 99  
GLN NE2 HE22 sing N N 100 
GLN OXT HXT  sing N N 101 
GLU N   CA   sing N N 102 
GLU N   H    sing N N 103 
GLU N   H2   sing N N 104 
GLU CA  C    sing N N 105 
GLU CA  CB   sing N N 106 
GLU CA  HA   sing N N 107 
GLU C   O    doub N N 108 
GLU C   OXT  sing N N 109 
GLU CB  CG   sing N N 110 
GLU CB  HB2  sing N N 111 
GLU CB  HB3  sing N N 112 
GLU CG  CD   sing N N 113 
GLU CG  HG2  sing N N 114 
GLU CG  HG3  sing N N 115 
GLU CD  OE1  doub N N 116 
GLU CD  OE2  sing N N 117 
GLU OE2 HE2  sing N N 118 
GLU OXT HXT  sing N N 119 
GLY N   CA   sing N N 120 
GLY N   H    sing N N 121 
GLY N   H2   sing N N 122 
GLY CA  C    sing N N 123 
GLY CA  HA2  sing N N 124 
GLY CA  HA3  sing N N 125 
GLY C   O    doub N N 126 
GLY C   OXT  sing N N 127 
GLY OXT HXT  sing N N 128 
HIS N   CA   sing N N 129 
HIS N   H    sing N N 130 
HIS N   H2   sing N N 131 
HIS CA  C    sing N N 132 
HIS CA  CB   sing N N 133 
HIS CA  HA   sing N N 134 
HIS C   O    doub N N 135 
HIS C   OXT  sing N N 136 
HIS CB  CG   sing N N 137 
HIS CB  HB2  sing N N 138 
HIS CB  HB3  sing N N 139 
HIS CG  ND1  sing Y N 140 
HIS CG  CD2  doub Y N 141 
HIS ND1 CE1  doub Y N 142 
HIS ND1 HD1  sing N N 143 
HIS CD2 NE2  sing Y N 144 
HIS CD2 HD2  sing N N 145 
HIS CE1 NE2  sing Y N 146 
HIS CE1 HE1  sing N N 147 
HIS NE2 HE2  sing N N 148 
HIS OXT HXT  sing N N 149 
HOH O   H1   sing N N 150 
HOH O   H2   sing N N 151 
ILE N   CA   sing N N 152 
ILE N   H    sing N N 153 
ILE N   H2   sing N N 154 
ILE CA  C    sing N N 155 
ILE CA  CB   sing N N 156 
ILE CA  HA   sing N N 157 
ILE C   O    doub N N 158 
ILE C   OXT  sing N N 159 
ILE CB  CG1  sing N N 160 
ILE CB  CG2  sing N N 161 
ILE CB  HB   sing N N 162 
ILE CG1 CD1  sing N N 163 
ILE CG1 HG12 sing N N 164 
ILE CG1 HG13 sing N N 165 
ILE CG2 HG21 sing N N 166 
ILE CG2 HG22 sing N N 167 
ILE CG2 HG23 sing N N 168 
ILE CD1 HD11 sing N N 169 
ILE CD1 HD12 sing N N 170 
ILE CD1 HD13 sing N N 171 
ILE OXT HXT  sing N N 172 
LEU N   CA   sing N N 173 
LEU N   H    sing N N 174 
LEU N   H2   sing N N 175 
LEU CA  C    sing N N 176 
LEU CA  CB   sing N N 177 
LEU CA  HA   sing N N 178 
LEU C   O    doub N N 179 
LEU C   OXT  sing N N 180 
LEU CB  CG   sing N N 181 
LEU CB  HB2  sing N N 182 
LEU CB  HB3  sing N N 183 
LEU CG  CD1  sing N N 184 
LEU CG  CD2  sing N N 185 
LEU CG  HG   sing N N 186 
LEU CD1 HD11 sing N N 187 
LEU CD1 HD12 sing N N 188 
LEU CD1 HD13 sing N N 189 
LEU CD2 HD21 sing N N 190 
LEU CD2 HD22 sing N N 191 
LEU CD2 HD23 sing N N 192 
LEU OXT HXT  sing N N 193 
LYS N   CA   sing N N 194 
LYS N   H    sing N N 195 
LYS N   H2   sing N N 196 
LYS CA  C    sing N N 197 
LYS CA  CB   sing N N 198 
LYS CA  HA   sing N N 199 
LYS C   O    doub N N 200 
LYS C   OXT  sing N N 201 
LYS CB  CG   sing N N 202 
LYS CB  HB2  sing N N 203 
LYS CB  HB3  sing N N 204 
LYS CG  CD   sing N N 205 
LYS CG  HG2  sing N N 206 
LYS CG  HG3  sing N N 207 
LYS CD  CE   sing N N 208 
LYS CD  HD2  sing N N 209 
LYS CD  HD3  sing N N 210 
LYS CE  NZ   sing N N 211 
LYS CE  HE2  sing N N 212 
LYS CE  HE3  sing N N 213 
LYS NZ  HZ1  sing N N 214 
LYS NZ  HZ2  sing N N 215 
LYS NZ  HZ3  sing N N 216 
LYS OXT HXT  sing N N 217 
MET N   CA   sing N N 218 
MET N   H    sing N N 219 
MET N   H2   sing N N 220 
MET CA  C    sing N N 221 
MET CA  CB   sing N N 222 
MET CA  HA   sing N N 223 
MET C   O    doub N N 224 
MET C   OXT  sing N N 225 
MET CB  CG   sing N N 226 
MET CB  HB2  sing N N 227 
MET CB  HB3  sing N N 228 
MET CG  SD   sing N N 229 
MET CG  HG2  sing N N 230 
MET CG  HG3  sing N N 231 
MET SD  CE   sing N N 232 
MET CE  HE1  sing N N 233 
MET CE  HE2  sing N N 234 
MET CE  HE3  sing N N 235 
MET OXT HXT  sing N N 236 
MSE N   CA   sing N N 237 
MSE N   H    sing N N 238 
MSE N   H2   sing N N 239 
MSE CA  C    sing N N 240 
MSE CA  CB   sing N N 241 
MSE CA  HA   sing N N 242 
MSE C   O    doub N N 243 
MSE C   OXT  sing N N 244 
MSE OXT HXT  sing N N 245 
MSE CB  CG   sing N N 246 
MSE CB  HB2  sing N N 247 
MSE CB  HB3  sing N N 248 
MSE CG  SE   sing N N 249 
MSE CG  HG2  sing N N 250 
MSE CG  HG3  sing N N 251 
MSE SE  CE   sing N N 252 
MSE CE  HE1  sing N N 253 
MSE CE  HE2  sing N N 254 
MSE CE  HE3  sing N N 255 
PHE N   CA   sing N N 256 
PHE N   H    sing N N 257 
PHE N   H2   sing N N 258 
PHE CA  C    sing N N 259 
PHE CA  CB   sing N N 260 
PHE CA  HA   sing N N 261 
PHE C   O    doub N N 262 
PHE C   OXT  sing N N 263 
PHE CB  CG   sing N N 264 
PHE CB  HB2  sing N N 265 
PHE CB  HB3  sing N N 266 
PHE CG  CD1  doub Y N 267 
PHE CG  CD2  sing Y N 268 
PHE CD1 CE1  sing Y N 269 
PHE CD1 HD1  sing N N 270 
PHE CD2 CE2  doub Y N 271 
PHE CD2 HD2  sing N N 272 
PHE CE1 CZ   doub Y N 273 
PHE CE1 HE1  sing N N 274 
PHE CE2 CZ   sing Y N 275 
PHE CE2 HE2  sing N N 276 
PHE CZ  HZ   sing N N 277 
PHE OXT HXT  sing N N 278 
PRO N   CA   sing N N 279 
PRO N   CD   sing N N 280 
PRO N   H    sing N N 281 
PRO CA  C    sing N N 282 
PRO CA  CB   sing N N 283 
PRO CA  HA   sing N N 284 
PRO C   O    doub N N 285 
PRO C   OXT  sing N N 286 
PRO CB  CG   sing N N 287 
PRO CB  HB2  sing N N 288 
PRO CB  HB3  sing N N 289 
PRO CG  CD   sing N N 290 
PRO CG  HG2  sing N N 291 
PRO CG  HG3  sing N N 292 
PRO CD  HD2  sing N N 293 
PRO CD  HD3  sing N N 294 
PRO OXT HXT  sing N N 295 
SER N   CA   sing N N 296 
SER N   H    sing N N 297 
SER N   H2   sing N N 298 
SER CA  C    sing N N 299 
SER CA  CB   sing N N 300 
SER CA  HA   sing N N 301 
SER C   O    doub N N 302 
SER C   OXT  sing N N 303 
SER CB  OG   sing N N 304 
SER CB  HB2  sing N N 305 
SER CB  HB3  sing N N 306 
SER OG  HG   sing N N 307 
SER OXT HXT  sing N N 308 
THR N   CA   sing N N 309 
THR N   H    sing N N 310 
THR N   H2   sing N N 311 
THR CA  C    sing N N 312 
THR CA  CB   sing N N 313 
THR CA  HA   sing N N 314 
THR C   O    doub N N 315 
THR C   OXT  sing N N 316 
THR CB  OG1  sing N N 317 
THR CB  CG2  sing N N 318 
THR CB  HB   sing N N 319 
THR OG1 HG1  sing N N 320 
THR CG2 HG21 sing N N 321 
THR CG2 HG22 sing N N 322 
THR CG2 HG23 sing N N 323 
THR OXT HXT  sing N N 324 
TRP N   CA   sing N N 325 
TRP N   H    sing N N 326 
TRP N   H2   sing N N 327 
TRP CA  C    sing N N 328 
TRP CA  CB   sing N N 329 
TRP CA  HA   sing N N 330 
TRP C   O    doub N N 331 
TRP C   OXT  sing N N 332 
TRP CB  CG   sing N N 333 
TRP CB  HB2  sing N N 334 
TRP CB  HB3  sing N N 335 
TRP CG  CD1  doub Y N 336 
TRP CG  CD2  sing Y N 337 
TRP CD1 NE1  sing Y N 338 
TRP CD1 HD1  sing N N 339 
TRP CD2 CE2  doub Y N 340 
TRP CD2 CE3  sing Y N 341 
TRP NE1 CE2  sing Y N 342 
TRP NE1 HE1  sing N N 343 
TRP CE2 CZ2  sing Y N 344 
TRP CE3 CZ3  doub Y N 345 
TRP CE3 HE3  sing N N 346 
TRP CZ2 CH2  doub Y N 347 
TRP CZ2 HZ2  sing N N 348 
TRP CZ3 CH2  sing Y N 349 
TRP CZ3 HZ3  sing N N 350 
TRP CH2 HH2  sing N N 351 
TRP OXT HXT  sing N N 352 
TYR N   CA   sing N N 353 
TYR N   H    sing N N 354 
TYR N   H2   sing N N 355 
TYR CA  C    sing N N 356 
TYR CA  CB   sing N N 357 
TYR CA  HA   sing N N 358 
TYR C   O    doub N N 359 
TYR C   OXT  sing N N 360 
TYR CB  CG   sing N N 361 
TYR CB  HB2  sing N N 362 
TYR CB  HB3  sing N N 363 
TYR CG  CD1  doub Y N 364 
TYR CG  CD2  sing Y N 365 
TYR CD1 CE1  sing Y N 366 
TYR CD1 HD1  sing N N 367 
TYR CD2 CE2  doub Y N 368 
TYR CD2 HD2  sing N N 369 
TYR CE1 CZ   doub Y N 370 
TYR CE1 HE1  sing N N 371 
TYR CE2 CZ   sing Y N 372 
TYR CE2 HE2  sing N N 373 
TYR CZ  OH   sing N N 374 
TYR OH  HH   sing N N 375 
TYR OXT HXT  sing N N 376 
VAL N   CA   sing N N 377 
VAL N   H    sing N N 378 
VAL N   H2   sing N N 379 
VAL CA  C    sing N N 380 
VAL CA  CB   sing N N 381 
VAL CA  HA   sing N N 382 
VAL C   O    doub N N 383 
VAL C   OXT  sing N N 384 
VAL CB  CG1  sing N N 385 
VAL CB  CG2  sing N N 386 
VAL CB  HB   sing N N 387 
VAL CG1 HG11 sing N N 388 
VAL CG1 HG12 sing N N 389 
VAL CG1 HG13 sing N N 390 
VAL CG2 HG21 sing N N 391 
VAL CG2 HG22 sing N N 392 
VAL CG2 HG23 sing N N 393 
VAL OXT HXT  sing N N 394 
# 
_atom_sites.entry_id                    1HTJ 
_atom_sites.fract_transf_matrix[1][1]   0.01846598 
_atom_sites.fract_transf_matrix[1][2]   -0.00308731 
_atom_sites.fract_transf_matrix[1][3]   -0.00085855 
_atom_sites.fract_transf_matrix[2][1]   0.00652875 
_atom_sites.fract_transf_matrix[2][2]   -0.01753405 
_atom_sites.fract_transf_matrix[2][3]   -0.00109314 
_atom_sites.fract_transf_matrix[3][1]   -0.00019016 
_atom_sites.fract_transf_matrix[3][2]   0.00023740 
_atom_sites.fract_transf_matrix[3][3]   -0.00494365 
_atom_sites.fract_transf_vector[1]      0.774820 
_atom_sites.fract_transf_vector[2]      0.636145 
_atom_sites.fract_transf_vector[3]      0.024849 
# 
loop_
_atom_type.symbol 
C  
N  
O  
S  
SE 
# 
loop_
_atom_site.group_PDB 
_atom_site.id 
_atom_site.type_symbol 
_atom_site.label_atom_id 
_atom_site.label_alt_id 
_atom_site.label_comp_id 
_atom_site.label_asym_id 
_atom_site.label_entity_id 
_atom_site.label_seq_id 
_atom_site.pdbx_PDB_ins_code 
_atom_site.Cartn_x 
_atom_site.Cartn_y 
_atom_site.Cartn_z 
_atom_site.occupancy 
_atom_site.B_iso_or_equiv 
_atom_site.pdbx_formal_charge 
_atom_site.auth_seq_id 
_atom_site.auth_comp_id 
_atom_site.auth_asym_id 
_atom_site.auth_atom_id 
_atom_site.pdbx_PDB_model_num 
ATOM   1    N  N   . GLU A 1 26  ? -4.487  7.899   -18.813 1.00 66.30 ? 306 GLU F N   1 
ATOM   2    C  CA  . GLU A 1 26  ? -3.176  7.373   -19.290 1.00 66.38 ? 306 GLU F CA  1 
ATOM   3    C  C   . GLU A 1 26  ? -2.378  6.633   -18.229 1.00 65.70 ? 306 GLU F C   1 
ATOM   4    O  O   . GLU A 1 26  ? -1.850  7.230   -17.285 1.00 65.76 ? 306 GLU F O   1 
ATOM   5    C  CB  . GLU A 1 26  ? -2.322  8.500   -19.863 1.00 67.06 ? 306 GLU F CB  1 
ATOM   6    C  CG  . GLU A 1 26  ? -2.489  8.625   -21.347 1.00 68.78 ? 306 GLU F CG  1 
ATOM   7    C  CD  . GLU A 1 26  ? -2.430  7.273   -22.017 1.00 69.52 ? 306 GLU F CD  1 
ATOM   8    O  OE1 . GLU A 1 26  ? -1.418  6.564   -21.819 1.00 70.15 ? 306 GLU F OE1 1 
ATOM   9    O  OE2 . GLU A 1 26  ? -3.394  6.915   -22.729 1.00 70.12 ? 306 GLU F OE2 1 
ATOM   10   N  N   . SER A 1 27  ? -2.285  5.322   -18.407 1.00 64.60 ? 307 SER F N   1 
ATOM   11   C  CA  . SER A 1 27  ? -1.567  4.472   -17.481 1.00 63.47 ? 307 SER F CA  1 
ATOM   12   C  C   . SER A 1 27  ? -0.158  4.992   -17.259 1.00 62.69 ? 307 SER F C   1 
ATOM   13   O  O   . SER A 1 27  ? 0.317   5.052   -16.134 1.00 62.13 ? 307 SER F O   1 
ATOM   14   C  CB  . SER A 1 27  ? -1.542  3.047   -18.021 1.00 63.46 ? 307 SER F CB  1 
ATOM   15   O  OG  . SER A 1 27  ? -2.866  2.559   -18.150 1.00 63.25 ? 307 SER F OG  1 
ATOM   16   N  N   . ASP A 1 28  ? 0.500   5.381   -18.344 1.00 62.35 ? 308 ASP F N   1 
ATOM   17   C  CA  . ASP A 1 28  ? 1.858   5.909   -18.271 1.00 62.15 ? 308 ASP F CA  1 
ATOM   18   C  C   . ASP A 1 28  ? 1.898   7.074   -17.275 1.00 61.29 ? 308 ASP F C   1 
ATOM   19   O  O   . ASP A 1 28  ? 2.829   7.203   -16.479 1.00 61.13 ? 308 ASP F O   1 
ATOM   20   C  CB  . ASP A 1 28  ? 2.298   6.409   -19.651 1.00 63.38 ? 308 ASP F CB  1 
ATOM   21   C  CG  . ASP A 1 28  ? 1.909   5.459   -20.774 1.00 64.57 ? 308 ASP F CG  1 
ATOM   22   O  OD1 . ASP A 1 28  ? 1.786   5.929   -21.933 1.00 65.24 ? 308 ASP F OD1 1 
ATOM   23   O  OD2 . ASP A 1 28  ? 1.734   4.244   -20.507 1.00 65.20 ? 308 ASP F OD2 1 
ATOM   24   N  N   . ILE A 1 29  ? 0.880   7.926   -17.332 1.00 60.15 ? 309 ILE F N   1 
ATOM   25   C  CA  . ILE A 1 29  ? 0.806   9.073   -16.439 1.00 59.26 ? 309 ILE F CA  1 
ATOM   26   C  C   . ILE A 1 29  ? 0.568   8.626   -14.999 1.00 58.28 ? 309 ILE F C   1 
ATOM   27   O  O   . ILE A 1 29  ? 1.258   9.067   -14.078 1.00 58.12 ? 309 ILE F O   1 
ATOM   28   C  CB  . ILE A 1 29  ? -0.322  10.041  -16.867 1.00 59.20 ? 309 ILE F CB  1 
ATOM   29   C  CG1 . ILE A 1 29  ? 0.046   10.713  -18.192 1.00 59.67 ? 309 ILE F CG1 1 
ATOM   30   C  CG2 . ILE A 1 29  ? -0.551  11.088  -15.799 1.00 59.49 ? 309 ILE F CG2 1 
ATOM   31   C  CD1 . ILE A 1 29  ? 1.424   11.378  -18.195 1.00 59.68 ? 309 ILE F CD1 1 
ATOM   32   N  N   . ILE A 1 30  ? -0.401  7.735   -14.817 1.00 57.23 ? 310 ILE F N   1 
ATOM   33   C  CA  . ILE A 1 30  ? -0.736  7.219   -13.498 1.00 56.22 ? 310 ILE F CA  1 
ATOM   34   C  C   . ILE A 1 30  ? 0.393   6.452   -12.802 1.00 55.70 ? 310 ILE F C   1 
ATOM   35   O  O   . ILE A 1 30  ? 0.736   6.760   -11.667 1.00 55.48 ? 310 ILE F O   1 
ATOM   36   C  CB  . ILE A 1 30  ? -1.987  6.328   -13.578 1.00 56.06 ? 310 ILE F CB  1 
ATOM   37   C  CG1 . ILE A 1 30  ? -3.169  7.169   -14.071 1.00 55.84 ? 310 ILE F CG1 1 
ATOM   38   C  CG2 . ILE A 1 30  ? -2.293  5.722   -12.216 1.00 56.15 ? 310 ILE F CG2 1 
ATOM   39   C  CD1 . ILE A 1 30  ? -4.446  6.405   -14.257 1.00 55.58 ? 310 ILE F CD1 1 
ATOM   40   N  N   . PHE A 1 31  ? 0.977   5.467   -13.478 1.00 55.03 ? 311 PHE F N   1 
ATOM   41   C  CA  . PHE A 1 31  ? 2.050   4.668   -12.878 1.00 55.03 ? 311 PHE F CA  1 
ATOM   42   C  C   . PHE A 1 31  ? 3.280   5.470   -12.481 1.00 55.59 ? 311 PHE F C   1 
ATOM   43   O  O   . PHE A 1 31  ? 4.079   5.048   -11.649 1.00 55.82 ? 311 PHE F O   1 
ATOM   44   C  CB  . PHE A 1 31  ? 2.461   3.538   -13.827 1.00 53.01 ? 311 PHE F CB  1 
ATOM   45   C  CG  . PHE A 1 31  ? 1.480   2.416   -13.872 1.00 51.21 ? 311 PHE F CG  1 
ATOM   46   C  CD1 . PHE A 1 31  ? 0.874   2.050   -15.066 1.00 50.61 ? 311 PHE F CD1 1 
ATOM   47   C  CD2 . PHE A 1 31  ? 1.152   1.723   -12.713 1.00 50.23 ? 311 PHE F CD2 1 
ATOM   48   C  CE1 . PHE A 1 31  ? -0.048  1.007   -15.106 1.00 50.36 ? 311 PHE F CE1 1 
ATOM   49   C  CE2 . PHE A 1 31  ? 0.235   0.683   -12.739 1.00 49.68 ? 311 PHE F CE2 1 
ATOM   50   C  CZ  . PHE A 1 31  ? -0.369  0.321   -13.938 1.00 49.66 ? 311 PHE F CZ  1 
ATOM   51   N  N   . GLN A 1 32  ? 3.419   6.646   -13.068 1.00 56.54 ? 312 GLN F N   1 
ATOM   52   C  CA  . GLN A 1 32  ? 4.557   7.507   -12.791 1.00 57.39 ? 312 GLN F CA  1 
ATOM   53   C  C   . GLN A 1 32  ? 4.434   8.320   -11.490 1.00 57.21 ? 312 GLN F C   1 
ATOM   54   O  O   . GLN A 1 32  ? 5.441   8.584   -10.820 1.00 57.20 ? 312 GLN F O   1 
ATOM   55   C  CB  . GLN A 1 32  ? 4.742   8.448   -13.983 1.00 58.63 ? 312 GLN F CB  1 
ATOM   56   C  CG  . GLN A 1 32  ? 6.013   9.262   -13.969 1.00 60.60 ? 312 GLN F CG  1 
ATOM   57   C  CD  . GLN A 1 32  ? 6.214   10.030  -15.269 1.00 61.57 ? 312 GLN F CD  1 
ATOM   58   O  OE1 . GLN A 1 32  ? 7.158   10.810  -15.394 1.00 62.63 ? 312 GLN F OE1 1 
ATOM   59   N  NE2 . GLN A 1 32  ? 5.330   9.806   -16.245 1.00 61.88 ? 312 GLN F NE2 1 
ATOM   60   N  N   . ASP A 1 33  ? 3.202   8.686   -11.130 1.00 56.77 ? 313 ASP F N   1 
ATOM   61   C  CA  . ASP A 1 33  ? 2.932   9.508   -9.951  1.00 56.16 ? 313 ASP F CA  1 
ATOM   62   C  C   . ASP A 1 33  ? 2.127   8.817   -8.855  1.00 55.52 ? 313 ASP F C   1 
ATOM   63   O  O   . ASP A 1 33  ? 0.949   8.525   -9.030  1.00 55.26 ? 313 ASP F O   1 
ATOM   64   C  CB  . ASP A 1 33  ? 2.186   10.769  -10.399 1.00 57.23 ? 313 ASP F CB  1 
ATOM   65   C  CG  . ASP A 1 33  ? 2.017   11.798  -9.288  1.00 57.61 ? 313 ASP F CG  1 
ATOM   66   O  OD1 . ASP A 1 33  ? 2.348   11.515  -8.113  1.00 57.87 ? 313 ASP F OD1 1 
ATOM   67   O  OD2 . ASP A 1 33  ? 1.541   12.907  -9.610  1.00 58.66 ? 313 ASP F OD2 1 
ATOM   68   N  N   . LEU A 1 34  ? 2.757   8.590   -7.710  1.00 54.92 ? 314 LEU F N   1 
ATOM   69   C  CA  . LEU A 1 34  ? 2.085   7.942   -6.594  1.00 54.60 ? 314 LEU F CA  1 
ATOM   70   C  C   . LEU A 1 34  ? 0.766   8.632   -6.254  1.00 54.71 ? 314 LEU F C   1 
ATOM   71   O  O   . LEU A 1 34  ? -0.237  7.976   -5.962  1.00 53.76 ? 314 LEU F O   1 
ATOM   72   C  CB  . LEU A 1 34  ? 3.005   7.926   -5.372  1.00 54.28 ? 314 LEU F CB  1 
ATOM   73   C  CG  . LEU A 1 34  ? 2.489   7.240   -4.103  1.00 54.39 ? 314 LEU F CG  1 
ATOM   74   C  CD1 . LEU A 1 34  ? 1.986   5.837   -4.403  1.00 54.26 ? 314 LEU F CD1 1 
ATOM   75   C  CD2 . LEU A 1 34  ? 3.608   7.188   -3.098  1.00 54.70 ? 314 LEU F CD2 1 
ATOM   76   N  N   . GLU A 1 35  ? 0.772   9.960   -6.298  1.00 55.50 ? 315 GLU F N   1 
ATOM   77   C  CA  . GLU A 1 35  ? -0.422  10.743  -5.994  1.00 56.43 ? 315 GLU F CA  1 
ATOM   78   C  C   . GLU A 1 35  ? -1.582  10.368  -6.898  1.00 56.47 ? 315 GLU F C   1 
ATOM   79   O  O   . GLU A 1 35  ? -2.737  10.388  -6.483  1.00 56.81 ? 315 GLU F O   1 
ATOM   80   C  CB  . GLU A 1 35  ? -0.136  12.237  -6.146  1.00 57.26 ? 315 GLU F CB  1 
ATOM   81   C  CG  . GLU A 1 35  ? 0.782   12.801  -5.080  1.00 58.91 ? 315 GLU F CG  1 
ATOM   82   C  CD  . GLU A 1 35  ? 0.299   12.473  -3.686  1.00 59.73 ? 315 GLU F CD  1 
ATOM   83   O  OE1 . GLU A 1 35  ? -0.917  12.637  -3.427  1.00 60.73 ? 315 GLU F OE1 1 
ATOM   84   O  OE2 . GLU A 1 35  ? 1.129   12.052  -2.850  1.00 60.45 ? 315 GLU F OE2 1 
ATOM   85   N  N   . LYS A 1 36  ? -1.272  10.040  -8.143  1.00 56.39 ? 316 LYS F N   1 
ATOM   86   C  CA  . LYS A 1 36  ? -2.303  9.649   -9.088  1.00 56.64 ? 316 LYS F CA  1 
ATOM   87   C  C   . LYS A 1 36  ? -2.685  8.200   -8.811  1.00 56.13 ? 316 LYS F C   1 
ATOM   88   O  O   . LYS A 1 36  ? -3.861  7.845   -8.778  1.00 55.87 ? 316 LYS F O   1 
ATOM   89   C  CB  . LYS A 1 36  ? -1.784  9.776   -10.526 1.00 57.15 ? 316 LYS F CB  1 
ATOM   90   C  CG  . LYS A 1 36  ? -1.341  11.175  -10.925 1.00 57.74 ? 316 LYS F CG  1 
ATOM   91   C  CD  . LYS A 1 36  ? -1.018  11.233  -12.420 1.00 58.27 ? 316 LYS F CD  1 
ATOM   92   C  CE  . LYS A 1 36  ? -0.656  12.642  -12.870 1.00 58.43 ? 316 LYS F CE  1 
ATOM   93   N  NZ  . LYS A 1 36  ? 0.634   13.099  -12.289 1.00 58.96 ? 316 LYS F NZ  1 
ATOM   94   N  N   . LEU A 1 37  ? -1.657  7.380   -8.612  1.00 55.75 ? 317 LEU F N   1 
ATOM   95   C  CA  . LEU A 1 37  ? -1.803  5.959   -8.344  1.00 55.32 ? 317 LEU F CA  1 
ATOM   96   C  C   . LEU A 1 37  ? -2.664  5.690   -7.105  1.00 55.35 ? 317 LEU F C   1 
ATOM   97   O  O   . LEU A 1 37  ? -3.475  4.765   -7.108  1.00 54.92 ? 317 LEU F O   1 
ATOM   98   C  CB  . LEU A 1 37  ? -0.409  5.350   -8.185  1.00 55.16 ? 317 LEU F CB  1 
ATOM   99   C  CG  . LEU A 1 37  ? -0.173  3.866   -8.473  1.00 55.71 ? 317 LEU F CG  1 
ATOM   100  C  CD1 . LEU A 1 37  ? -0.729  3.471   -9.844  1.00 54.86 ? 317 LEU F CD1 1 
ATOM   101  C  CD2 . LEU A 1 37  ? 1.330   3.601   -8.395  1.00 55.18 ? 317 LEU F CD2 1 
ATOM   102  N  N   . LYS A 1 38  ? -2.500  6.506   -6.063  1.00 55.64 ? 318 LYS F N   1 
ATOM   103  C  CA  . LYS A 1 38  ? -3.275  6.348   -4.822  1.00 56.36 ? 318 LYS F CA  1 
ATOM   104  C  C   . LYS A 1 38  ? -4.763  6.414   -5.112  1.00 56.23 ? 318 LYS F C   1 
ATOM   105  O  O   . LYS A 1 38  ? -5.569  5.738   -4.470  1.00 56.26 ? 318 LYS F O   1 
ATOM   106  C  CB  . LYS A 1 38  ? -2.969  7.462   -3.814  1.00 56.86 ? 318 LYS F CB  1 
ATOM   107  C  CG  . LYS A 1 38  ? -1.506  7.648   -3.461  1.00 57.79 ? 318 LYS F CG  1 
ATOM   108  C  CD  . LYS A 1 38  ? -1.337  8.648   -2.320  1.00 58.05 ? 318 LYS F CD  1 
ATOM   109  C  CE  . LYS A 1 38  ? -2.042  9.964   -2.602  1.00 58.02 ? 318 LYS F CE  1 
ATOM   110  N  NZ  . LYS A 1 38  ? -1.886  10.909  -1.467  1.00 58.09 ? 318 LYS F NZ  1 
ATOM   111  N  N   . SER A 1 39  ? -5.108  7.250   -6.085  1.00 55.82 ? 319 SER F N   1 
ATOM   112  C  CA  . SER A 1 39  ? -6.488  7.472   -6.484  1.00 55.64 ? 319 SER F CA  1 
ATOM   113  C  C   . SER A 1 39  ? -7.018  6.495   -7.526  1.00 54.92 ? 319 SER F C   1 
ATOM   114  O  O   . SER A 1 39  ? -8.215  6.498   -7.816  1.00 55.09 ? 319 SER F O   1 
ATOM   115  C  CB  . SER A 1 39  ? -6.628  8.894   -7.032  1.00 56.15 ? 319 SER F CB  1 
ATOM   116  O  OG  . SER A 1 39  ? -6.035  9.823   -6.143  1.00 57.73 ? 319 SER F OG  1 
ATOM   117  N  N   . ARG A 1 40  ? -6.137  5.686   -8.109  1.00 53.77 ? 320 ARG F N   1 
ATOM   118  C  CA  . ARG A 1 40  ? -6.558  4.729   -9.134  1.00 52.56 ? 320 ARG F CA  1 
ATOM   119  C  C   . ARG A 1 40  ? -6.336  3.306   -8.635  1.00 51.14 ? 320 ARG F C   1 
ATOM   120  O  O   . ARG A 1 40  ? -5.248  2.751   -8.766  1.00 50.76 ? 320 ARG F O   1 
ATOM   121  C  CB  . ARG A 1 40  ? -5.771  4.976   -10.418 1.00 53.51 ? 320 ARG F CB  1 
ATOM   122  C  CG  . ARG A 1 40  ? -5.521  6.449   -10.695 1.00 55.53 ? 320 ARG F CG  1 
ATOM   123  C  CD  . ARG A 1 40  ? -6.780  7.287   -10.460 1.00 56.93 ? 320 ARG F CD  1 
ATOM   124  N  NE  . ARG A 1 40  ? -7.916  6.700   -11.155 1.00 58.36 ? 320 ARG F NE  1 
ATOM   125  C  CZ  . ARG A 1 40  ? -7.974  6.577   -12.475 1.00 59.38 ? 320 ARG F CZ  1 
ATOM   126  N  NH1 . ARG A 1 40  ? -6.964  7.012   -13.219 1.00 59.73 ? 320 ARG F NH1 1 
ATOM   127  N  NH2 . ARG A 1 40  ? -9.019  5.995   -13.055 1.00 59.99 ? 320 ARG F NH2 1 
ATOM   128  N  N   . PRO A 1 41  ? -7.387  2.695   -8.066  1.00 49.83 ? 321 PRO F N   1 
ATOM   129  C  CA  . PRO A 1 41  ? -7.399  1.339   -7.506  1.00 48.61 ? 321 PRO F CA  1 
ATOM   130  C  C   . PRO A 1 41  ? -6.893  0.219   -8.414  1.00 47.36 ? 321 PRO F C   1 
ATOM   131  O  O   . PRO A 1 41  ? -6.127  -0.636  -7.975  1.00 46.65 ? 321 PRO F O   1 
ATOM   132  C  CB  . PRO A 1 41  ? -8.864  1.141   -7.113  1.00 48.99 ? 321 PRO F CB  1 
ATOM   133  C  CG  . PRO A 1 41  ? -9.329  2.539   -6.835  1.00 49.33 ? 321 PRO F CG  1 
ATOM   134  C  CD  . PRO A 1 41  ? -8.728  3.295   -7.984  1.00 49.30 ? 321 PRO F CD  1 
ATOM   135  N  N   . ALA A 1 42  ? -7.332  0.218   -9.665  1.00 46.07 ? 322 ALA F N   1 
ATOM   136  C  CA  . ALA A 1 42  ? -6.917  -0.815  -10.612 1.00 45.03 ? 322 ALA F CA  1 
ATOM   137  C  C   . ALA A 1 42  ? -5.410  -0.772  -10.859 1.00 43.93 ? 322 ALA F C   1 
ATOM   138  O  O   . ALA A 1 42  ? -4.730  -1.806  -10.820 1.00 43.63 ? 322 ALA F O   1 
ATOM   139  C  CB  . ALA A 1 42  ? -7.670  -0.649  -11.932 1.00 45.33 ? 322 ALA F CB  1 
ATOM   140  N  N   . HIS A 1 43  ? -4.908  0.432   -11.116 1.00 42.35 ? 323 HIS F N   1 
ATOM   141  C  CA  . HIS A 1 43  ? -3.501  0.662   -11.380 1.00 40.91 ? 323 HIS F CA  1 
ATOM   142  C  C   . HIS A 1 43  ? -2.666  0.312   -10.160 1.00 40.19 ? 323 HIS F C   1 
ATOM   143  O  O   . HIS A 1 43  ? -1.625  -0.353  -10.266 1.00 39.64 ? 323 HIS F O   1 
ATOM   144  C  CB  . HIS A 1 43  ? -3.291  2.124   -11.763 1.00 41.23 ? 323 HIS F CB  1 
ATOM   145  C  CG  . HIS A 1 43  ? -3.916  2.490   -13.071 1.00 41.25 ? 323 HIS F CG  1 
ATOM   146  N  ND1 . HIS A 1 43  ? -5.282  2.513   -13.261 1.00 41.48 ? 323 HIS F ND1 1 
ATOM   147  C  CD2 . HIS A 1 43  ? -3.363  2.763   -14.277 1.00 41.41 ? 323 HIS F CD2 1 
ATOM   148  C  CE1 . HIS A 1 43  ? -5.543  2.780   -14.528 1.00 41.44 ? 323 HIS F CE1 1 
ATOM   149  N  NE2 . HIS A 1 43  ? -4.397  2.935   -15.167 1.00 41.27 ? 323 HIS F NE2 1 
ATOM   150  N  N   . LEU A 1 44  ? -3.138  0.759   -8.999  1.00 38.83 ? 324 LEU F N   1 
ATOM   151  C  CA  . LEU A 1 44  ? -2.460  0.495   -7.748  1.00 37.46 ? 324 LEU F CA  1 
ATOM   152  C  C   . LEU A 1 44  ? -2.374  -1.013  -7.569  1.00 36.41 ? 324 LEU F C   1 
ATOM   153  O  O   . LEU A 1 44  ? -1.353  -1.540  -7.149  1.00 37.08 ? 324 LEU F O   1 
ATOM   154  C  CB  . LEU A 1 44  ? -3.237  1.117   -6.585  1.00 37.63 ? 324 LEU F CB  1 
ATOM   155  C  CG  . LEU A 1 44  ? -2.569  0.988   -5.211  1.00 37.14 ? 324 LEU F CG  1 
ATOM   156  C  CD1 . LEU A 1 44  ? -1.294  1.801   -5.189  1.00 36.12 ? 324 LEU F CD1 1 
ATOM   157  C  CD2 . LEU A 1 44  ? -3.526  1.480   -4.120  1.00 37.50 ? 324 LEU F CD2 1 
ATOM   158  N  N   . GLY A 1 45  ? -3.461  -1.696  -7.892  1.00 35.30 ? 325 GLY F N   1 
ATOM   159  C  CA  . GLY A 1 45  ? -3.507  -3.140  -7.786  1.00 34.19 ? 325 GLY F CA  1 
ATOM   160  C  C   . GLY A 1 45  ? -2.449  -3.778  -8.665  1.00 33.72 ? 325 GLY F C   1 
ATOM   161  O  O   . GLY A 1 45  ? -1.707  -4.643  -8.216  1.00 34.14 ? 325 GLY F O   1 
ATOM   162  N  N   . VAL A 1 46  ? -2.373  -3.356  -9.921  1.00 32.97 ? 326 VAL F N   1 
ATOM   163  C  CA  . VAL A 1 46  ? -1.378  -3.894  -10.836 1.00 32.26 ? 326 VAL F CA  1 
ATOM   164  C  C   . VAL A 1 46  ? 0.012   -3.679  -10.212 1.00 32.05 ? 326 VAL F C   1 
ATOM   165  O  O   . VAL A 1 46  ? 0.806   -4.611  -10.100 1.00 32.59 ? 326 VAL F O   1 
ATOM   166  C  CB  . VAL A 1 46  ? -1.443  -3.175  -12.214 1.00 31.92 ? 326 VAL F CB  1 
ATOM   167  C  CG1 . VAL A 1 46  ? -0.237  -3.547  -13.063 1.00 30.71 ? 326 VAL F CG1 1 
ATOM   168  C  CG2 . VAL A 1 46  ? -2.730  -3.548  -12.933 1.00 31.43 ? 326 VAL F CG2 1 
ATOM   169  N  N   . PHE A 1 47  ? 0.292   -2.447  -9.805  1.00 31.68 ? 327 PHE F N   1 
ATOM   170  C  CA  . PHE A 1 47  ? 1.564   -2.112  -9.194  1.00 31.90 ? 327 PHE F CA  1 
ATOM   171  C  C   . PHE A 1 47  ? 1.839   -2.979  -7.963  1.00 31.82 ? 327 PHE F C   1 
ATOM   172  O  O   . PHE A 1 47  ? 2.970   -3.423  -7.740  1.00 31.88 ? 327 PHE F O   1 
ATOM   173  C  CB  . PHE A 1 47  ? 1.573   -0.620  -8.824  1.00 31.93 ? 327 PHE F CB  1 
ATOM   174  C  CG  . PHE A 1 47  ? 2.881   -0.133  -8.226  1.00 32.94 ? 327 PHE F CG  1 
ATOM   175  C  CD1 . PHE A 1 47  ? 4.108   -0.519  -8.777  1.00 32.46 ? 327 PHE F CD1 1 
ATOM   176  C  CD2 . PHE A 1 47  ? 2.882   0.720   -7.114  1.00 32.35 ? 327 PHE F CD2 1 
ATOM   177  C  CE1 . PHE A 1 47  ? 5.312   -0.066  -8.236  1.00 32.38 ? 327 PHE F CE1 1 
ATOM   178  C  CE2 . PHE A 1 47  ? 4.072   1.178   -6.566  1.00 33.17 ? 327 PHE F CE2 1 
ATOM   179  C  CZ  . PHE A 1 47  ? 5.301   0.779   -7.134  1.00 33.44 ? 327 PHE F CZ  1 
ATOM   180  N  N   . LEU A 1 48  ? 0.798   -3.235  -7.175  1.00 31.38 ? 328 LEU F N   1 
ATOM   181  C  CA  . LEU A 1 48  ? 0.936   -4.033  -5.964  1.00 30.96 ? 328 LEU F CA  1 
ATOM   182  C  C   . LEU A 1 48  ? 1.279   -5.487  -6.283  1.00 30.75 ? 328 LEU F C   1 
ATOM   183  O  O   . LEU A 1 48  ? 2.034   -6.133  -5.565  1.00 30.61 ? 328 LEU F O   1 
ATOM   184  C  CB  . LEU A 1 48  ? -0.354  -3.941  -5.131  1.00 31.22 ? 328 LEU F CB  1 
ATOM   185  C  CG  . LEU A 1 48  ? -0.510  -2.663  -4.292  1.00 30.08 ? 328 LEU F CG  1 
ATOM   186  C  CD1 . LEU A 1 48  ? -1.919  -2.555  -3.743  1.00 30.85 ? 328 LEU F CD1 1 
ATOM   187  C  CD2 . LEU A 1 48  ? 0.475   -2.708  -3.145  1.00 30.76 ? 328 LEU F CD2 1 
ATOM   188  N  N   . ARG A 1 49  ? 0.731   -6.002  -7.372  1.00 30.65 ? 329 ARG F N   1 
ATOM   189  C  CA  . ARG A 1 49  ? 1.019   -7.376  -7.765  1.00 30.70 ? 329 ARG F CA  1 
ATOM   190  C  C   . ARG A 1 49  ? 2.516   -7.512  -8.032  1.00 30.36 ? 329 ARG F C   1 
ATOM   191  O  O   . ARG A 1 49  ? 3.132   -8.504  -7.666  1.00 29.77 ? 329 ARG F O   1 
ATOM   192  C  CB  . ARG A 1 49  ? 0.199   -7.749  -9.013  1.00 30.30 ? 329 ARG F CB  1 
ATOM   193  C  CG  . ARG A 1 49  ? -1.272  -7.934  -8.684  1.00 30.07 ? 329 ARG F CG  1 
ATOM   194  C  CD  . ARG A 1 49  ? -2.127  -8.181  -9.904  1.00 30.26 ? 329 ARG F CD  1 
ATOM   195  N  NE  . ARG A 1 49  ? -1.813  -9.437  -10.565 1.00 30.47 ? 329 ARG F NE  1 
ATOM   196  C  CZ  . ARG A 1 49  ? -2.572  -9.981  -11.517 1.00 31.02 ? 329 ARG F CZ  1 
ATOM   197  N  NH1 . ARG A 1 49  ? -3.674  -9.374  -11.912 1.00 30.41 ? 329 ARG F NH1 1 
ATOM   198  N  NH2 . ARG A 1 49  ? -2.239  -11.140 -12.070 1.00 31.89 ? 329 ARG F NH2 1 
ATOM   199  N  N   . TYR A 1 50  ? 3.097   -6.495  -8.660  1.00 30.82 ? 330 TYR F N   1 
ATOM   200  C  CA  . TYR A 1 50  ? 4.519   -6.506  -8.931  1.00 31.36 ? 330 TYR F CA  1 
ATOM   201  C  C   . TYR A 1 50  ? 5.243   -6.489  -7.586  1.00 31.14 ? 330 TYR F C   1 
ATOM   202  O  O   . TYR A 1 50  ? 6.118   -7.321  -7.327  1.00 31.26 ? 330 TYR F O   1 
ATOM   203  C  CB  . TYR A 1 50  ? 4.933   -5.280  -9.767  1.00 32.08 ? 330 TYR F CB  1 
ATOM   204  C  CG  . TYR A 1 50  ? 6.430   -5.017  -9.710  1.00 33.80 ? 330 TYR F CG  1 
ATOM   205  C  CD1 . TYR A 1 50  ? 7.342   -5.901  -10.294 1.00 33.89 ? 330 TYR F CD1 1 
ATOM   206  C  CD2 . TYR A 1 50  ? 6.937   -3.941  -8.974  1.00 33.75 ? 330 TYR F CD2 1 
ATOM   207  C  CE1 . TYR A 1 50  ? 8.732   -5.720  -10.131 1.00 35.19 ? 330 TYR F CE1 1 
ATOM   208  C  CE2 . TYR A 1 50  ? 8.307   -3.755  -8.804  1.00 34.81 ? 330 TYR F CE2 1 
ATOM   209  C  CZ  . TYR A 1 50  ? 9.205   -4.645  -9.375  1.00 35.05 ? 330 TYR F CZ  1 
ATOM   210  O  OH  . TYR A 1 50  ? 10.561  -4.483  -9.138  1.00 35.38 ? 330 TYR F OH  1 
ATOM   211  N  N   . ILE A 1 51  ? 4.867   -5.551  -6.727  1.00 31.61 ? 331 ILE F N   1 
ATOM   212  C  CA  . ILE A 1 51  ? 5.492   -5.434  -5.415  1.00 31.58 ? 331 ILE F CA  1 
ATOM   213  C  C   . ILE A 1 51  ? 5.431   -6.762  -4.655  1.00 31.94 ? 331 ILE F C   1 
ATOM   214  O  O   . ILE A 1 51  ? 6.455   -7.307  -4.245  1.00 31.29 ? 331 ILE F O   1 
ATOM   215  C  CB  . ILE A 1 51  ? 4.787   -4.370  -4.545  1.00 32.14 ? 331 ILE F CB  1 
ATOM   216  C  CG1 . ILE A 1 51  ? 4.857   -2.988  -5.212  1.00 32.30 ? 331 ILE F CG1 1 
ATOM   217  C  CG2 . ILE A 1 51  ? 5.405   -4.363  -3.143  1.00 31.48 ? 331 ILE F CG2 1 
ATOM   218  C  CD1 . ILE A 1 51  ? 6.238   -2.394  -5.316  1.00 32.53 ? 331 ILE F CD1 1 
ATOM   219  N  N   . PHE A 1 52  ? 4.219   -7.276  -4.464  1.00 32.44 ? 332 PHE F N   1 
ATOM   220  C  CA  . PHE A 1 52  ? 4.031   -8.520  -3.727  1.00 32.94 ? 332 PHE F CA  1 
ATOM   221  C  C   . PHE A 1 52  ? 4.845   -9.683  -4.292  1.00 33.92 ? 332 PHE F C   1 
ATOM   222  O  O   . PHE A 1 52  ? 5.326   -10.524 -3.536  1.00 32.45 ? 332 PHE F O   1 
ATOM   223  C  CB  . PHE A 1 52  ? 2.550   -8.901  -3.683  1.00 31.89 ? 332 PHE F CB  1 
ATOM   224  C  CG  . PHE A 1 52  ? 1.750   -8.130  -2.657  1.00 32.04 ? 332 PHE F CG  1 
ATOM   225  C  CD1 . PHE A 1 52  ? 0.581   -8.680  -2.113  1.00 31.54 ? 332 PHE F CD1 1 
ATOM   226  C  CD2 . PHE A 1 52  ? 2.145   -6.860  -2.244  1.00 31.31 ? 332 PHE F CD2 1 
ATOM   227  C  CE1 . PHE A 1 52  ? -0.176  -7.975  -1.180  1.00 30.58 ? 332 PHE F CE1 1 
ATOM   228  C  CE2 . PHE A 1 52  ? 1.385   -6.141  -1.302  1.00 31.11 ? 332 PHE F CE2 1 
ATOM   229  C  CZ  . PHE A 1 52  ? 0.230   -6.701  -0.775  1.00 31.36 ? 332 PHE F CZ  1 
ATOM   230  N  N   . SER A 1 53  ? 5.001   -9.710  -5.618  1.00 35.12 ? 333 SER F N   1 
ATOM   231  C  CA  . SER A 1 53  ? 5.749   -10.768 -6.289  1.00 36.61 ? 333 SER F CA  1 
ATOM   232  C  C   . SER A 1 53  ? 7.262   -10.637 -6.261  1.00 37.02 ? 333 SER F C   1 
ATOM   233  O  O   . SER A 1 53  ? 7.954   -11.641 -6.138  1.00 37.15 ? 333 SER F O   1 
ATOM   234  C  CB  . SER A 1 53  ? 5.362   -10.860 -7.768  1.00 36.87 ? 333 SER F CB  1 
ATOM   235  O  OG  . SER A 1 53  ? 3.973   -11.089 -7.943  1.00 39.01 ? 333 SER F OG  1 
ATOM   236  N  N   . GLN A 1 54  ? 7.779   -9.413  -6.371  1.00 37.59 ? 334 GLN F N   1 
ATOM   237  C  CA  . GLN A 1 54  ? 9.235   -9.231  -6.480  1.00 38.37 ? 334 GLN F CA  1 
ATOM   238  C  C   . GLN A 1 54  ? 9.962   -8.332  -5.507  1.00 37.94 ? 334 GLN F C   1 
ATOM   239  O  O   . GLN A 1 54  ? 11.176  -8.431  -5.391  1.00 39.51 ? 334 GLN F O   1 
ATOM   240  C  CB  . GLN A 1 54  ? 9.593   -8.687  -7.873  1.00 39.67 ? 334 GLN F CB  1 
ATOM   241  C  CG  . GLN A 1 54  ? 8.674   -9.090  -8.980  1.00 42.21 ? 334 GLN F CG  1 
ATOM   242  C  CD  . GLN A 1 54  ? 9.109   -10.375 -9.631  1.00 43.92 ? 334 GLN F CD  1 
ATOM   243  O  OE1 . GLN A 1 54  ? 9.641   -11.270 -8.970  1.00 44.65 ? 334 GLN F OE1 1 
ATOM   244  N  NE2 . GLN A 1 54  ? 8.876   -10.484 -10.939 1.00 44.99 ? 334 GLN F NE2 1 
ATOM   245  N  N   . ALA A 1 55  ? 9.261   -7.444  -4.829  1.00 36.95 ? 335 ALA F N   1 
ATOM   246  C  CA  . ALA A 1 55  ? 9.944   -6.510  -3.951  1.00 35.48 ? 335 ALA F CA  1 
ATOM   247  C  C   . ALA A 1 55  ? 9.520   -6.545  -2.496  1.00 34.88 ? 335 ALA F C   1 
ATOM   248  O  O   . ALA A 1 55  ? 8.746   -7.409  -2.065  1.00 33.86 ? 335 ALA F O   1 
ATOM   249  C  CB  . ALA A 1 55  ? 9.768   -5.095  -4.511  1.00 35.39 ? 335 ALA F CB  1 
ATOM   250  N  N   . ASP A 1 56  ? 10.063  -5.595  -1.739  1.00 34.50 ? 336 ASP F N   1 
ATOM   251  C  CA  . ASP A 1 56  ? 9.732   -5.441  -0.335  1.00 34.00 ? 336 ASP F CA  1 
ATOM   252  C  C   . ASP A 1 56  ? 8.436   -4.615  -0.277  1.00 33.39 ? 336 ASP F C   1 
ATOM   253  O  O   . ASP A 1 56  ? 8.423   -3.438  -0.630  1.00 33.04 ? 336 ASP F O   1 
ATOM   254  C  CB  . ASP A 1 56  ? 10.855  -4.712  0.404   1.00 34.33 ? 336 ASP F CB  1 
ATOM   255  C  CG  . ASP A 1 56  ? 10.542  -4.524  1.874   1.00 35.10 ? 336 ASP F CG  1 
ATOM   256  O  OD1 . ASP A 1 56  ? 9.450   -4.957  2.309   1.00 35.30 ? 336 ASP F OD1 1 
ATOM   257  O  OD2 . ASP A 1 56  ? 11.379  -3.951  2.595   1.00 35.85 ? 336 ASP F OD2 1 
ATOM   258  N  N   . PRO A 1 57  ? 7.329   -5.234  0.172   1.00 33.17 ? 337 PRO F N   1 
ATOM   259  C  CA  . PRO A 1 57  ? 6.022   -4.561  0.268   1.00 32.86 ? 337 PRO F CA  1 
ATOM   260  C  C   . PRO A 1 57  ? 5.875   -3.579  1.429   1.00 33.12 ? 337 PRO F C   1 
ATOM   261  O  O   . PRO A 1 57  ? 4.869   -2.875  1.525   1.00 33.95 ? 337 PRO F O   1 
ATOM   262  C  CB  . PRO A 1 57  ? 5.059   -5.727  0.420   1.00 32.01 ? 337 PRO F CB  1 
ATOM   263  C  CG  . PRO A 1 57  ? 5.849   -6.631  1.369   1.00 32.90 ? 337 PRO F CG  1 
ATOM   264  C  CD  . PRO A 1 57  ? 7.259   -6.599  0.735   1.00 32.53 ? 337 PRO F CD  1 
ATOM   265  N  N   . SER A 1 58  ? 6.865   -3.529  2.308   1.00 32.48 ? 338 SER F N   1 
ATOM   266  C  CA  . SER A 1 58  ? 6.781   -2.678  3.482   1.00 32.83 ? 338 SER F CA  1 
ATOM   267  C  C   . SER A 1 58  ? 6.545   -1.171  3.261   1.00 33.07 ? 338 SER F C   1 
ATOM   268  O  O   . SER A 1 58  ? 5.535   -0.636  3.702   1.00 32.49 ? 338 SER F O   1 
ATOM   269  C  CB  . SER A 1 58  ? 8.030   -2.891  4.348   1.00 32.39 ? 338 SER F CB  1 
ATOM   270  O  OG  . SER A 1 58  ? 8.239   -4.280  4.580   1.00 31.27 ? 338 SER F OG  1 
ATOM   271  N  N   . PRO A 1 59  ? 7.466   -0.475  2.571   1.00 33.49 ? 339 PRO F N   1 
ATOM   272  C  CA  . PRO A 1 59  ? 7.266   0.966   2.366   1.00 34.05 ? 339 PRO F CA  1 
ATOM   273  C  C   . PRO A 1 59  ? 5.938   1.408   1.787   1.00 34.60 ? 339 PRO F C   1 
ATOM   274  O  O   . PRO A 1 59  ? 5.336   2.363   2.299   1.00 34.66 ? 339 PRO F O   1 
ATOM   275  C  CB  . PRO A 1 59  ? 8.456   1.377   1.485   1.00 34.17 ? 339 PRO F CB  1 
ATOM   276  C  CG  . PRO A 1 59  ? 8.852   0.113   0.801   1.00 34.14 ? 339 PRO F CG  1 
ATOM   277  C  CD  . PRO A 1 59  ? 8.685   -0.938  1.884   1.00 33.81 ? 339 PRO F CD  1 
ATOM   278  N  N   . LEU A 1 60  ? 5.477   0.735   0.732   1.00 34.24 ? 340 LEU F N   1 
ATOM   279  C  CA  . LEU A 1 60  ? 4.215   1.121   0.124   1.00 34.42 ? 340 LEU F CA  1 
ATOM   280  C  C   . LEU A 1 60  ? 3.012   0.744   0.959   1.00 34.59 ? 340 LEU F C   1 
ATOM   281  O  O   . LEU A 1 60  ? 2.058   1.525   1.050   1.00 34.50 ? 340 LEU F O   1 
ATOM   282  C  CB  . LEU A 1 60  ? 4.073   0.512   -1.270  1.00 34.98 ? 340 LEU F CB  1 
ATOM   283  C  CG  . LEU A 1 60  ? 2.759   0.824   -1.983  1.00 34.92 ? 340 LEU F CG  1 
ATOM   284  C  CD1 . LEU A 1 60  ? 2.556   2.339   -2.041  1.00 35.25 ? 340 LEU F CD1 1 
ATOM   285  C  CD2 . LEU A 1 60  ? 2.782   0.228   -3.392  1.00 35.50 ? 340 LEU F CD2 1 
ATOM   286  N  N   . LEU A 1 61  ? 3.025   -0.451  1.549   1.00 33.98 ? 341 LEU F N   1 
ATOM   287  C  CA  . LEU A 1 61  ? 1.889   -0.853  2.363   1.00 34.28 ? 341 LEU F CA  1 
ATOM   288  C  C   . LEU A 1 61  ? 1.816   0.059   3.573   1.00 34.84 ? 341 LEU F C   1 
ATOM   289  O  O   . LEU A 1 61  ? 0.727   0.431   4.023   1.00 35.27 ? 341 LEU F O   1 
ATOM   290  C  CB  . LEU A 1 61  ? 1.996   -2.326  2.800   1.00 33.53 ? 341 LEU F CB  1 
ATOM   291  C  CG  . LEU A 1 61  ? 1.683   -3.374  1.718   1.00 33.11 ? 341 LEU F CG  1 
ATOM   292  C  CD1 . LEU A 1 61  ? 1.741   -4.780  2.324   1.00 31.96 ? 341 LEU F CD1 1 
ATOM   293  C  CD2 . LEU A 1 61  ? 0.283   -3.103  1.124   1.00 31.71 ? 341 LEU F CD2 1 
ATOM   294  N  N   . PHE A 1 62  ? 2.978   0.422   4.098   1.00 35.07 ? 342 PHE F N   1 
ATOM   295  C  CA  . PHE A 1 62  ? 3.028   1.318   5.237   1.00 35.70 ? 342 PHE F CA  1 
ATOM   296  C  C   . PHE A 1 62  ? 2.407   2.657   4.819   1.00 36.45 ? 342 PHE F C   1 
ATOM   297  O  O   . PHE A 1 62  ? 1.498   3.188   5.477   1.00 35.95 ? 342 PHE F O   1 
ATOM   298  C  CB  . PHE A 1 62  ? 4.472   1.547   5.671   1.00 35.39 ? 342 PHE F CB  1 
ATOM   299  C  CG  . PHE A 1 62  ? 4.624   2.689   6.620   1.00 36.50 ? 342 PHE F CG  1 
ATOM   300  C  CD1 . PHE A 1 62  ? 3.992   2.659   7.870   1.00 36.13 ? 342 PHE F CD1 1 
ATOM   301  C  CD2 . PHE A 1 62  ? 5.331   3.834   6.247   1.00 36.38 ? 342 PHE F CD2 1 
ATOM   302  C  CE1 . PHE A 1 62  ? 4.060   3.750   8.727   1.00 36.10 ? 342 PHE F CE1 1 
ATOM   303  C  CE2 . PHE A 1 62  ? 5.406   4.935   7.104   1.00 36.70 ? 342 PHE F CE2 1 
ATOM   304  C  CZ  . PHE A 1 62  ? 4.767   4.892   8.347   1.00 36.40 ? 342 PHE F CZ  1 
ATOM   305  N  N   . TYR A 1 63  ? 2.904   3.187   3.705   1.00 36.55 ? 343 TYR F N   1 
ATOM   306  C  CA  . TYR A 1 63  ? 2.428   4.456   3.176   1.00 37.57 ? 343 TYR F CA  1 
ATOM   307  C  C   . TYR A 1 63  ? 0.901   4.463   3.000   1.00 37.54 ? 343 TYR F C   1 
ATOM   308  O  O   . TYR A 1 63  ? 0.219   5.426   3.377   1.00 37.15 ? 343 TYR F O   1 
ATOM   309  C  CB  . TYR A 1 63  ? 3.105   4.732   1.825   1.00 38.49 ? 343 TYR F CB  1 
ATOM   310  C  CG  . TYR A 1 63  ? 2.690   6.033   1.203   1.00 39.35 ? 343 TYR F CG  1 
ATOM   311  C  CD1 . TYR A 1 63  ? 3.510   7.153   1.283   1.00 39.64 ? 343 TYR F CD1 1 
ATOM   312  C  CD2 . TYR A 1 63  ? 1.467   6.154   0.554   1.00 39.70 ? 343 TYR F CD2 1 
ATOM   313  C  CE1 . TYR A 1 63  ? 3.118   8.368   0.727   1.00 40.62 ? 343 TYR F CE1 1 
ATOM   314  C  CE2 . TYR A 1 63  ? 1.062   7.365   -0.005  1.00 40.58 ? 343 TYR F CE2 1 
ATOM   315  C  CZ  . TYR A 1 63  ? 1.894   8.465   0.083   1.00 40.69 ? 343 TYR F CZ  1 
ATOM   316  O  OH  . TYR A 1 63  ? 1.516   9.653   -0.493  1.00 42.27 ? 343 TYR F OH  1 
ATOM   317  N  N   . LEU A 1 64  ? 0.376   3.385   2.421   1.00 36.86 ? 344 LEU F N   1 
ATOM   318  C  CA  . LEU A 1 64  ? -1.049  3.268   2.181   1.00 37.14 ? 344 LEU F CA  1 
ATOM   319  C  C   . LEU A 1 64  ? -1.850  3.206   3.486   1.00 37.82 ? 344 LEU F C   1 
ATOM   320  O  O   . LEU A 1 64  ? -2.993  3.687   3.557   1.00 37.17 ? 344 LEU F O   1 
ATOM   321  C  CB  . LEU A 1 64  ? -1.333  2.026   1.326   1.00 36.47 ? 344 LEU F CB  1 
ATOM   322  C  CG  . LEU A 1 64  ? -0.857  2.084   -0.138  1.00 36.77 ? 344 LEU F CG  1 
ATOM   323  C  CD1 . LEU A 1 64  ? -1.107  0.755   -0.826  1.00 35.89 ? 344 LEU F CD1 1 
ATOM   324  C  CD2 . LEU A 1 64  ? -1.597  3.190   -0.870  1.00 36.16 ? 344 LEU F CD2 1 
ATOM   325  N  N   . CYS A 1 65  ? -1.262  2.598   4.511   1.00 38.05 ? 345 CYS F N   1 
ATOM   326  C  CA  . CYS A 1 65  ? -1.949  2.494   5.789   1.00 38.73 ? 345 CYS F CA  1 
ATOM   327  C  C   . CYS A 1 65  ? -1.923  3.847   6.495   1.00 39.48 ? 345 CYS F C   1 
ATOM   328  O  O   . CYS A 1 65  ? -2.924  4.262   7.066   1.00 38.87 ? 345 CYS F O   1 
ATOM   329  C  CB  . CYS A 1 65  ? -1.315  1.398   6.651   1.00 38.14 ? 345 CYS F CB  1 
ATOM   330  S  SG  . CYS A 1 65  ? -1.804  -0.299  6.169   1.00 35.89 ? 345 CYS F SG  1 
ATOM   331  N  N   . ALA A 1 66  ? -0.782  4.532   6.430   1.00 40.75 ? 346 ALA F N   1 
ATOM   332  C  CA  . ALA A 1 66  ? -0.639  5.855   7.041   1.00 42.49 ? 346 ALA F CA  1 
ATOM   333  C  C   . ALA A 1 66  ? -1.607  6.798   6.345   1.00 43.70 ? 346 ALA F C   1 
ATOM   334  O  O   . ALA A 1 66  ? -2.181  7.689   6.964   1.00 44.09 ? 346 ALA F O   1 
ATOM   335  C  CB  . ALA A 1 66  ? 0.787   6.369   6.888   1.00 41.96 ? 346 ALA F CB  1 
ATOM   336  N  N   . GLU A 1 67  ? -1.786  6.584   5.049   1.00 45.24 ? 347 GLU F N   1 
ATOM   337  C  CA  . GLU A 1 67  ? -2.699  7.382   4.249   1.00 46.60 ? 347 GLU F CA  1 
ATOM   338  C  C   . GLU A 1 67  ? -4.127  7.168   4.773   1.00 47.48 ? 347 GLU F C   1 
ATOM   339  O  O   . GLU A 1 67  ? -4.869  8.131   4.974   1.00 47.73 ? 347 GLU F O   1 
ATOM   340  C  CB  . GLU A 1 67  ? -2.587  6.962   2.785   1.00 47.11 ? 347 GLU F CB  1 
ATOM   341  C  CG  . GLU A 1 67  ? -3.170  7.944   1.789   1.00 48.03 ? 347 GLU F CG  1 
ATOM   342  C  CD  . GLU A 1 67  ? -2.512  9.316   1.839   1.00 48.75 ? 347 GLU F CD  1 
ATOM   343  O  OE1 . GLU A 1 67  ? -1.381  9.441   2.376   1.00 47.91 ? 347 GLU F OE1 1 
ATOM   344  O  OE2 . GLU A 1 67  ? -3.134  10.271  1.321   1.00 49.30 ? 347 GLU F OE2 1 
ATOM   345  N  N   . VAL A 1 68  ? -4.509  5.916   5.012   1.00 48.08 ? 348 VAL F N   1 
ATOM   346  C  CA  . VAL A 1 68  ? -5.845  5.634   5.538   1.00 48.93 ? 348 VAL F CA  1 
ATOM   347  C  C   . VAL A 1 68  ? -6.009  6.235   6.932   1.00 50.20 ? 348 VAL F C   1 
ATOM   348  O  O   . VAL A 1 68  ? -7.063  6.786   7.259   1.00 50.13 ? 348 VAL F O   1 
ATOM   349  C  CB  . VAL A 1 68  ? -6.116  4.125   5.668   1.00 48.45 ? 348 VAL F CB  1 
ATOM   350  C  CG1 . VAL A 1 68  ? -7.471  3.899   6.324   1.00 47.09 ? 348 VAL F CG1 1 
ATOM   351  C  CG2 . VAL A 1 68  ? -6.058  3.463   4.293   1.00 48.51 ? 348 VAL F CG2 1 
ATOM   352  N  N   . TYR A 1 69  ? -4.963  6.111   7.748   1.00 51.12 ? 349 TYR F N   1 
ATOM   353  C  CA  . TYR A 1 69  ? -4.983  6.627   9.112   1.00 52.48 ? 349 TYR F CA  1 
ATOM   354  C  C   . TYR A 1 69  ? -5.355  8.109   9.173   1.00 53.95 ? 349 TYR F C   1 
ATOM   355  O  O   . TYR A 1 69  ? -6.204  8.515   9.961   1.00 53.74 ? 349 TYR F O   1 
ATOM   356  C  CB  . TYR A 1 69  ? -3.617  6.444   9.768   1.00 51.56 ? 349 TYR F CB  1 
ATOM   357  C  CG  . TYR A 1 69  ? -3.545  6.986   11.182  1.00 50.84 ? 349 TYR F CG  1 
ATOM   358  C  CD1 . TYR A 1 69  ? -3.900  6.193   12.273  1.00 50.14 ? 349 TYR F CD1 1 
ATOM   359  C  CD2 . TYR A 1 69  ? -3.128  8.300   11.428  1.00 50.19 ? 349 TYR F CD2 1 
ATOM   360  C  CE1 . TYR A 1 69  ? -3.838  6.686   13.570  1.00 49.52 ? 349 TYR F CE1 1 
ATOM   361  C  CE2 . TYR A 1 69  ? -3.064  8.803   12.723  1.00 49.81 ? 349 TYR F CE2 1 
ATOM   362  C  CZ  . TYR A 1 69  ? -3.419  7.988   13.788  1.00 49.55 ? 349 TYR F CZ  1 
ATOM   363  O  OH  . TYR A 1 69  ? -3.352  8.469   15.069  1.00 49.26 ? 349 TYR F OH  1 
ATOM   364  N  N   . GLN A 1 70  ? -4.703  8.905   8.336   1.00 56.01 ? 350 GLN F N   1 
ATOM   365  C  CA  . GLN A 1 70  ? -4.926  10.340  8.289   1.00 58.51 ? 350 GLN F CA  1 
ATOM   366  C  C   . GLN A 1 70  ? -6.270  10.728  7.703   1.00 60.25 ? 350 GLN F C   1 
ATOM   367  O  O   . GLN A 1 70  ? -6.450  11.865  7.284   1.00 60.83 ? 350 GLN F O   1 
ATOM   368  C  CB  . GLN A 1 70  ? -3.826  11.003  7.471   1.00 58.23 ? 350 GLN F CB  1 
ATOM   369  C  CG  . GLN A 1 70  ? -2.445  10.791  8.036   1.00 58.95 ? 350 GLN F CG  1 
ATOM   370  C  CD  . GLN A 1 70  ? -1.378  11.331  7.123   1.00 59.31 ? 350 GLN F CD  1 
ATOM   371  O  OE1 . GLN A 1 70  ? -1.328  10.990  5.942   1.00 59.63 ? 350 GLN F OE1 1 
ATOM   372  N  NE2 . GLN A 1 70  ? -0.513  12.178  7.660   1.00 60.05 ? 350 GLN F NE2 1 
ATOM   373  N  N   . GLN A 1 71  ? -7.216  9.798   7.683   1.00 62.22 ? 351 GLN F N   1 
ATOM   374  C  CA  . GLN A 1 71  ? -8.534  10.070  7.122   1.00 64.13 ? 351 GLN F CA  1 
ATOM   375  C  C   . GLN A 1 71  ? -9.586  9.213   7.812   1.00 65.38 ? 351 GLN F C   1 
ATOM   376  O  O   . GLN A 1 71  ? -10.722 9.103   7.343   1.00 65.63 ? 351 GLN F O   1 
ATOM   377  C  CB  . GLN A 1 71  ? -8.517  9.764   5.620   1.00 64.69 ? 351 GLN F CB  1 
ATOM   378  C  CG  . GLN A 1 71  ? -7.534  10.619  4.821   1.00 65.84 ? 351 GLN F CG  1 
ATOM   379  C  CD  . GLN A 1 71  ? -7.067  9.957   3.527   1.00 66.80 ? 351 GLN F CD  1 
ATOM   380  O  OE1 . GLN A 1 71  ? -7.872  9.407   2.765   1.00 67.23 ? 351 GLN F OE1 1 
ATOM   381  N  NE2 . GLN A 1 71  ? -5.758  10.019  3.267   1.00 66.63 ? 351 GLN F NE2 1 
ATOM   382  N  N   . ALA A 1 72  ? -9.203  8.608   8.932   1.00 66.62 ? 352 ALA F N   1 
ATOM   383  C  CA  . ALA A 1 72  ? -10.108 7.743   9.679   1.00 67.97 ? 352 ALA F CA  1 
ATOM   384  C  C   . ALA A 1 72  ? -10.775 8.471   10.844  1.00 68.86 ? 352 ALA F C   1 
ATOM   385  O  O   . ALA A 1 72  ? -10.283 9.510   11.300  1.00 68.91 ? 352 ALA F O   1 
ATOM   386  C  CB  . ALA A 1 72  ? -9.341  6.525   10.197  1.00 67.82 ? 352 ALA F CB  1 
ATOM   387  N  N   . SER A 1 73  ? -11.895 7.926   11.320  1.00 69.71 ? 353 SER F N   1 
ATOM   388  C  CA  . SER A 1 73  ? -12.602 8.527   12.449  1.00 71.00 ? 353 SER F CA  1 
ATOM   389  C  C   . SER A 1 73  ? -11.715 8.359   13.676  1.00 71.61 ? 353 SER F C   1 
ATOM   390  O  O   . SER A 1 73  ? -11.272 7.250   13.970  1.00 71.84 ? 353 SER F O   1 
ATOM   391  C  CB  . SER A 1 73  ? -13.954 7.837   12.684  1.00 70.95 ? 353 SER F CB  1 
ATOM   392  O  OG  . SER A 1 73  ? -13.794 6.467   13.013  1.00 71.12 ? 353 SER F OG  1 
ATOM   393  N  N   . PRO A 1 74  ? -11.418 9.465   14.389  1.00 72.25 ? 354 PRO F N   1 
ATOM   394  C  CA  . PRO A 1 74  ? -10.574 9.445   15.594  1.00 72.44 ? 354 PRO F CA  1 
ATOM   395  C  C   . PRO A 1 74  ? -11.041 8.440   16.648  1.00 72.49 ? 354 PRO F C   1 
ATOM   396  O  O   . PRO A 1 74  ? -11.059 8.723   17.851  1.00 72.76 ? 354 PRO F O   1 
ATOM   397  C  CB  . PRO A 1 74  ? -10.629 10.898  16.089  1.00 72.77 ? 354 PRO F CB  1 
ATOM   398  C  CG  . PRO A 1 74  ? -11.887 11.461  15.447  1.00 72.55 ? 354 PRO F CG  1 
ATOM   399  C  CD  . PRO A 1 74  ? -11.852 10.839  14.079  1.00 72.34 ? 354 PRO F CD  1 
ATOM   400  N  N   . LYS A 1 75  ? -11.415 7.264   16.158  1.00 72.19 ? 355 LYS F N   1 
ATOM   401  C  CA  . LYS A 1 75  ? -11.887 6.142   16.951  1.00 71.78 ? 355 LYS F CA  1 
ATOM   402  C  C   . LYS A 1 75  ? -11.307 4.926   16.229  1.00 71.20 ? 355 LYS F C   1 
ATOM   403  O  O   . LYS A 1 75  ? -10.653 4.072   16.836  1.00 71.20 ? 355 LYS F O   1 
ATOM   404  C  CB  . LYS A 1 75  ? -13.416 6.092   16.931  1.00 72.31 ? 355 LYS F CB  1 
ATOM   405  C  CG  . LYS A 1 75  ? -14.012 4.862   17.593  1.00 73.15 ? 355 LYS F CG  1 
ATOM   406  C  CD  . LYS A 1 75  ? -13.806 4.853   19.111  1.00 74.07 ? 355 LYS F CD  1 
ATOM   407  C  CE  . LYS A 1 75  ? -14.804 5.757   19.861  1.00 74.41 ? 355 LYS F CE  1 
ATOM   408  N  NZ  . LYS A 1 75  ? -14.599 7.227   19.660  1.00 74.49 ? 355 LYS F NZ  1 
ATOM   409  N  N   . ASP A 1 76  ? -11.544 4.866   14.918  1.00 70.20 ? 356 ASP F N   1 
ATOM   410  C  CA  . ASP A 1 76  ? -11.025 3.777   14.100  1.00 68.87 ? 356 ASP F CA  1 
ATOM   411  C  C   . ASP A 1 76  ? -9.524  3.951   13.935  1.00 67.53 ? 356 ASP F C   1 
ATOM   412  O  O   . ASP A 1 76  ? -8.789  2.976   13.774  1.00 67.40 ? 356 ASP F O   1 
ATOM   413  C  CB  . ASP A 1 76  ? -11.693 3.752   12.717  1.00 69.47 ? 356 ASP F CB  1 
ATOM   414  C  CG  . ASP A 1 76  ? -13.027 3.019   12.722  1.00 69.96 ? 356 ASP F CG  1 
ATOM   415  O  OD1 . ASP A 1 76  ? -13.146 2.008   13.446  1.00 70.40 ? 356 ASP F OD1 1 
ATOM   416  O  OD2 . ASP A 1 76  ? -13.952 3.439   11.992  1.00 70.48 ? 356 ASP F OD2 1 
ATOM   417  N  N   . SER A 1 77  ? -9.068  5.196   13.991  1.00 65.86 ? 357 SER F N   1 
ATOM   418  C  CA  . SER A 1 77  ? -7.647  5.466   13.837  1.00 64.23 ? 357 SER F CA  1 
ATOM   419  C  C   . SER A 1 77  ? -6.841  4.994   15.044  1.00 62.64 ? 357 SER F C   1 
ATOM   420  O  O   . SER A 1 77  ? -5.764  4.432   14.889  1.00 62.48 ? 357 SER F O   1 
ATOM   421  C  CB  . SER A 1 77  ? -7.408  6.961   13.593  1.00 64.38 ? 357 SER F CB  1 
ATOM   422  O  OG  . SER A 1 77  ? -7.899  7.738   14.670  1.00 65.32 ? 357 SER F OG  1 
ATOM   423  N  N   . ARG A 1 78  ? -7.366  5.199   16.248  1.00 60.91 ? 358 ARG F N   1 
ATOM   424  C  CA  . ARG A 1 78  ? -6.643  4.794   17.447  1.00 58.92 ? 358 ARG F CA  1 
ATOM   425  C  C   . ARG A 1 78  ? -6.087  3.363   17.382  1.00 57.04 ? 358 ARG F C   1 
ATOM   426  O  O   . ARG A 1 78  ? -4.898  3.136   17.646  1.00 56.98 ? 358 ARG F O   1 
ATOM   427  C  CB  . ARG A 1 78  ? -7.527  4.991   18.687  1.00 60.11 ? 358 ARG F CB  1 
ATOM   428  C  CG  . ARG A 1 78  ? -7.695  6.473   19.068  1.00 61.17 ? 358 ARG F CG  1 
ATOM   429  C  CD  . ARG A 1 78  ? -8.201  6.682   20.502  1.00 62.61 ? 358 ARG F CD  1 
ATOM   430  N  NE  . ARG A 1 78  ? -9.651  6.891   20.596  1.00 63.82 ? 358 ARG F NE  1 
ATOM   431  C  CZ  . ARG A 1 78  ? -10.558 5.917   20.637  1.00 64.49 ? 358 ARG F CZ  1 
ATOM   432  N  NH1 . ARG A 1 78  ? -10.181 4.642   20.593  1.00 64.87 ? 358 ARG F NH1 1 
ATOM   433  N  NH2 . ARG A 1 78  ? -11.849 6.219   20.727  1.00 64.55 ? 358 ARG F NH2 1 
ATOM   434  N  N   . SER A 1 79  ? -6.934  2.405   17.017  1.00 54.37 ? 359 SER F N   1 
ATOM   435  C  CA  . SER A 1 79  ? -6.508  1.012   16.905  1.00 51.40 ? 359 SER F CA  1 
ATOM   436  C  C   . SER A 1 79  ? -5.723  0.782   15.612  1.00 49.49 ? 359 SER F C   1 
ATOM   437  O  O   . SER A 1 79  ? -4.826  -0.060  15.577  1.00 49.33 ? 359 SER F O   1 
ATOM   438  C  CB  . SER A 1 79  ? -7.722  0.091   16.943  1.00 51.21 ? 359 SER F CB  1 
ATOM   439  O  OG  . SER A 1 79  ? -8.695  0.550   16.031  1.00 51.27 ? 359 SER F OG  1 
ATOM   440  N  N   . LEU A 1 80  ? -6.062  1.516   14.550  1.00 46.93 ? 360 LEU F N   1 
ATOM   441  C  CA  . LEU A 1 80  ? -5.330  1.383   13.291  1.00 44.54 ? 360 LEU F CA  1 
ATOM   442  C  C   . LEU A 1 80  ? -3.908  1.854   13.544  1.00 43.30 ? 360 LEU F C   1 
ATOM   443  O  O   . LEU A 1 80  ? -2.954  1.262   13.036  1.00 43.33 ? 360 LEU F O   1 
ATOM   444  C  CB  . LEU A 1 80  ? -5.950  2.229   12.175  1.00 43.65 ? 360 LEU F CB  1 
ATOM   445  C  CG  . LEU A 1 80  ? -5.196  2.197   10.833  1.00 43.56 ? 360 LEU F CG  1 
ATOM   446  C  CD1 . LEU A 1 80  ? -5.089  0.756   10.310  1.00 42.60 ? 360 LEU F CD1 1 
ATOM   447  C  CD2 . LEU A 1 80  ? -5.919  3.072   9.807   1.00 43.20 ? 360 LEU F CD2 1 
ATOM   448  N  N   . GLY A 1 81  ? -3.772  2.916   14.337  1.00 41.76 ? 361 GLY F N   1 
ATOM   449  C  CA  . GLY A 1 81  ? -2.455  3.434   14.664  1.00 40.63 ? 361 GLY F CA  1 
ATOM   450  C  C   . GLY A 1 81  ? -1.644  2.315   15.298  1.00 40.57 ? 361 GLY F C   1 
ATOM   451  O  O   . GLY A 1 81  ? -0.464  2.110   14.977  1.00 39.83 ? 361 GLY F O   1 
ATOM   452  N  N   . LYS A 1 82  ? -2.292  1.580   16.198  1.00 39.86 ? 362 LYS F N   1 
ATOM   453  C  CA  . LYS A 1 82  ? -1.660  0.461   16.881  1.00 40.22 ? 362 LYS F CA  1 
ATOM   454  C  C   . LYS A 1 82  ? -1.236  -0.641  15.897  1.00 39.43 ? 362 LYS F C   1 
ATOM   455  O  O   . LYS A 1 82  ? -0.143  -1.202  16.021  1.00 39.13 ? 362 LYS F O   1 
ATOM   456  C  CB  . LYS A 1 82  ? -2.611  -0.143  17.921  1.00 41.05 ? 362 LYS F CB  1 
ATOM   457  C  CG  . LYS A 1 82  ? -2.722  0.599   19.247  1.00 43.00 ? 362 LYS F CG  1 
ATOM   458  C  CD  . LYS A 1 82  ? -3.707  -0.159  20.174  1.00 45.14 ? 362 LYS F CD  1 
ATOM   459  C  CE  . LYS A 1 82  ? -3.907  0.488   21.555  1.00 46.29 ? 362 LYS F CE  1 
ATOM   460  N  NZ  . LYS A 1 82  ? -4.937  -0.268  22.373  1.00 46.54 ? 362 LYS F NZ  1 
ATOM   461  N  N   . ASP A 1 83  ? -2.088  -0.967  14.928  1.00 38.36 ? 363 ASP F N   1 
ATOM   462  C  CA  . ASP A 1 83  ? -1.714  -2.018  13.985  1.00 37.61 ? 363 ASP F CA  1 
ATOM   463  C  C   . ASP A 1 83  ? -0.548  -1.552  13.140  1.00 37.03 ? 363 ASP F C   1 
ATOM   464  O  O   . ASP A 1 83  ? 0.393   -2.310  12.895  1.00 36.22 ? 363 ASP F O   1 
ATOM   465  C  CB  . ASP A 1 83  ? -2.899  -2.432  13.112  1.00 37.53 ? 363 ASP F CB  1 
ATOM   466  C  CG  . ASP A 1 83  ? -3.965  -3.164  13.905  1.00 37.64 ? 363 ASP F CG  1 
ATOM   467  O  OD1 . ASP A 1 83  ? -3.589  -4.014  14.744  1.00 37.30 ? 363 ASP F OD1 1 
ATOM   468  O  OD2 . ASP A 1 83  ? -5.170  -2.894  13.692  1.00 37.72 ? 363 ASP F OD2 1 
ATOM   469  N  N   . ILE A 1 84  ? -0.594  -0.289  12.728  1.00 36.61 ? 364 ILE F N   1 
ATOM   470  C  CA  . ILE A 1 84  ? 0.486   0.285   11.939  1.00 36.35 ? 364 ILE F CA  1 
ATOM   471  C  C   . ILE A 1 84  ? 1.818   0.153   12.679  1.00 36.65 ? 364 ILE F C   1 
ATOM   472  O  O   . ILE A 1 84  ? 2.846   -0.180  12.086  1.00 36.58 ? 364 ILE F O   1 
ATOM   473  C  CB  . ILE A 1 84  ? 0.237   1.773   11.647  1.00 36.21 ? 364 ILE F CB  1 
ATOM   474  C  CG1 . ILE A 1 84  ? -0.749  1.915   10.485  1.00 35.45 ? 364 ILE F CG1 1 
ATOM   475  C  CG2 . ILE A 1 84  ? 1.560   2.464   11.307  1.00 36.68 ? 364 ILE F CG2 1 
ATOM   476  C  CD1 . ILE A 1 84  ? -1.187  3.357   10.213  1.00 35.85 ? 364 ILE F CD1 1 
ATOM   477  N  N   . TRP A 1 85  ? 1.796   0.403   13.983  1.00 37.08 ? 365 TRP F N   1 
ATOM   478  C  CA  . TRP A 1 85  ? 3.009   0.328   14.790  1.00 37.10 ? 365 TRP F CA  1 
ATOM   479  C  C   . TRP A 1 85  ? 3.591   -1.075  14.871  1.00 37.00 ? 365 TRP F C   1 
ATOM   480  O  O   . TRP A 1 85  ? 4.794   -1.263  14.685  1.00 37.78 ? 365 TRP F O   1 
ATOM   481  C  CB  . TRP A 1 85  ? 2.735   0.848   16.205  1.00 37.05 ? 365 TRP F CB  1 
ATOM   482  C  CG  . TRP A 1 85  ? 3.837   0.537   17.160  1.00 37.04 ? 365 TRP F CG  1 
ATOM   483  C  CD1 . TRP A 1 85  ? 3.883   -0.491  18.064  1.00 36.76 ? 365 TRP F CD1 1 
ATOM   484  C  CD2 . TRP A 1 85  ? 5.087   1.227   17.268  1.00 37.50 ? 365 TRP F CD2 1 
ATOM   485  N  NE1 . TRP A 1 85  ? 5.090   -0.481  18.729  1.00 37.57 ? 365 TRP F NE1 1 
ATOM   486  C  CE2 . TRP A 1 85  ? 5.846   0.563   18.257  1.00 37.91 ? 365 TRP F CE2 1 
ATOM   487  C  CE3 . TRP A 1 85  ? 5.641   2.343   16.617  1.00 37.64 ? 365 TRP F CE3 1 
ATOM   488  C  CZ2 . TRP A 1 85  ? 7.132   0.981   18.613  1.00 39.16 ? 365 TRP F CZ2 1 
ATOM   489  C  CZ3 . TRP A 1 85  ? 6.918   2.761   16.967  1.00 38.44 ? 365 TRP F CZ3 1 
ATOM   490  C  CH2 . TRP A 1 85  ? 7.653   2.083   17.956  1.00 39.02 ? 365 TRP F CH2 1 
ATOM   491  N  N   . ASN A 1 86  ? 2.733   -2.051  15.154  1.00 36.62 ? 366 ASN F N   1 
ATOM   492  C  CA  . ASN A 1 86  ? 3.138   -3.457  15.285  1.00 36.14 ? 366 ASN F CA  1 
ATOM   493  C  C   . ASN A 1 86  ? 3.561   -4.096  13.964  1.00 35.97 ? 366 ASN F C   1 
ATOM   494  O  O   . ASN A 1 86  ? 4.448   -4.948  13.935  1.00 35.88 ? 366 ASN F O   1 
ATOM   495  C  CB  . ASN A 1 86  ? 1.997   -4.284  15.904  1.00 35.22 ? 366 ASN F CB  1 
ATOM   496  C  CG  . ASN A 1 86  ? 1.791   -3.975  17.381  1.00 35.27 ? 366 ASN F CG  1 
ATOM   497  O  OD1 . ASN A 1 86  ? 2.729   -4.048  18.166  1.00 34.51 ? 366 ASN F OD1 1 
ATOM   498  N  ND2 . ASN A 1 86  ? 0.567   -3.628  17.760  1.00 34.51 ? 366 ASN F ND2 1 
ATOM   499  N  N   . ILE A 1 87  ? 2.927   -3.684  12.872  1.00 35.81 ? 367 ILE F N   1 
ATOM   500  C  CA  . ILE A 1 87  ? 3.248   -4.249  11.573  1.00 35.67 ? 367 ILE F CA  1 
ATOM   501  C  C   . ILE A 1 87  ? 4.461   -3.635  10.890  1.00 36.28 ? 367 ILE F C   1 
ATOM   502  O  O   . ILE A 1 87  ? 5.292   -4.352  10.304  1.00 36.09 ? 367 ILE F O   1 
ATOM   503  C  CB  . ILE A 1 87  ? 2.052   -4.128  10.618  1.00 34.97 ? 367 ILE F CB  1 
ATOM   504  C  CG1 . ILE A 1 87  ? 0.922   -5.034  11.101  1.00 34.43 ? 367 ILE F CG1 1 
ATOM   505  C  CG2 . ILE A 1 87  ? 2.473   -4.491  9.194   1.00 35.26 ? 367 ILE F CG2 1 
ATOM   506  C  CD1 . ILE A 1 87  ? -0.318  -4.945  10.276  1.00 34.72 ? 367 ILE F CD1 1 
ATOM   507  N  N   . PHE A 1 88  ? 4.576   -2.316  10.984  1.00 36.47 ? 368 PHE F N   1 
ATOM   508  C  CA  . PHE A 1 88  ? 5.647   -1.611  10.292  1.00 37.28 ? 368 PHE F CA  1 
ATOM   509  C  C   . PHE A 1 88  ? 6.750   -0.935  11.085  1.00 38.48 ? 368 PHE F C   1 
ATOM   510  O  O   . PHE A 1 88  ? 7.876   -0.861  10.611  1.00 38.55 ? 368 PHE F O   1 
ATOM   511  C  CB  . PHE A 1 88  ? 5.048   -0.523  9.387   1.00 35.78 ? 368 PHE F CB  1 
ATOM   512  C  CG  . PHE A 1 88  ? 3.950   -1.008  8.481   1.00 35.15 ? 368 PHE F CG  1 
ATOM   513  C  CD1 . PHE A 1 88  ? 2.622   -0.811  8.817   1.00 34.04 ? 368 PHE F CD1 1 
ATOM   514  C  CD2 . PHE A 1 88  ? 4.253   -1.646  7.276   1.00 34.61 ? 368 PHE F CD2 1 
ATOM   515  C  CE1 . PHE A 1 88  ? 1.610   -1.234  7.972   1.00 34.19 ? 368 PHE F CE1 1 
ATOM   516  C  CE2 . PHE A 1 88  ? 3.247   -2.076  6.424   1.00 34.35 ? 368 PHE F CE2 1 
ATOM   517  C  CZ  . PHE A 1 88  ? 1.920   -1.870  6.769   1.00 34.00 ? 368 PHE F CZ  1 
ATOM   518  N  N   . LEU A 1 89  ? 6.451   -0.452  12.282  1.00 39.93 ? 369 LEU F N   1 
ATOM   519  C  CA  . LEU A 1 89  ? 7.451   0.322   12.989  1.00 42.03 ? 369 LEU F CA  1 
ATOM   520  C  C   . LEU A 1 89  ? 8.130   -0.166  14.239  1.00 43.33 ? 369 LEU F C   1 
ATOM   521  O  O   . LEU A 1 89  ? 9.187   0.354   14.597  1.00 43.42 ? 369 LEU F O   1 
ATOM   522  C  CB  . LEU A 1 89  ? 6.875   1.711   13.267  1.00 42.32 ? 369 LEU F CB  1 
ATOM   523  C  CG  . LEU A 1 89  ? 6.235   2.401   12.062  1.00 42.41 ? 369 LEU F CG  1 
ATOM   524  C  CD1 . LEU A 1 89  ? 5.520   3.661   12.518  1.00 42.66 ? 369 LEU F CD1 1 
ATOM   525  C  CD2 . LEU A 1 89  ? 7.303   2.709   11.017  1.00 42.79 ? 369 LEU F CD2 1 
ATOM   526  N  N   . GLU A 1 90  ? 7.558   -1.143  14.920  1.00 45.20 ? 370 GLU F N   1 
ATOM   527  C  CA  . GLU A 1 90  ? 8.196   -1.590  16.138  1.00 46.71 ? 370 GLU F CA  1 
ATOM   528  C  C   . GLU A 1 90  ? 9.432   -2.447  15.853  1.00 47.23 ? 370 GLU F C   1 
ATOM   529  O  O   . GLU A 1 90  ? 9.594   -2.985  14.756  1.00 47.04 ? 370 GLU F O   1 
ATOM   530  C  CB  . GLU A 1 90  ? 7.182   -2.316  17.026  1.00 47.33 ? 370 GLU F CB  1 
ATOM   531  C  CG  . GLU A 1 90  ? 6.895   -3.741  16.660  1.00 49.53 ? 370 GLU F CG  1 
ATOM   532  C  CD  . GLU A 1 90  ? 7.731   -4.698  17.472  1.00 50.09 ? 370 GLU F CD  1 
ATOM   533  O  OE1 . GLU A 1 90  ? 7.748   -4.540  18.708  1.00 50.92 ? 370 GLU F OE1 1 
ATOM   534  O  OE2 . GLU A 1 90  ? 8.362   -5.603  16.884  1.00 51.07 ? 370 GLU F OE2 1 
ATOM   535  N  N   . LYS A 1 91  ? 10.308  -2.526  16.852  1.00 47.67 ? 371 LYS F N   1 
ATOM   536  C  CA  . LYS A 1 91  ? 11.561  -3.274  16.781  1.00 48.17 ? 371 LYS F CA  1 
ATOM   537  C  C   . LYS A 1 91  ? 11.591  -4.493  15.862  1.00 47.20 ? 371 LYS F C   1 
ATOM   538  O  O   . LYS A 1 91  ? 12.490  -4.632  15.033  1.00 47.52 ? 371 LYS F O   1 
ATOM   539  C  CB  . LYS A 1 91  ? 11.982  -3.731  18.194  1.00 49.80 ? 371 LYS F CB  1 
ATOM   540  C  CG  . LYS A 1 91  ? 13.100  -2.893  18.804  1.00 52.31 ? 371 LYS F CG  1 
ATOM   541  C  CD  . LYS A 1 91  ? 14.365  -2.950  17.933  1.00 53.95 ? 371 LYS F CD  1 
ATOM   542  C  CE  . LYS A 1 91  ? 15.382  -1.873  18.328  1.00 55.05 ? 371 LYS F CE  1 
ATOM   543  N  NZ  . LYS A 1 91  ? 15.680  -1.857  19.791  1.00 55.59 ? 371 LYS F NZ  1 
ATOM   544  N  N   . ASN A 1 92  ? 10.620  -5.381  16.030  1.00 45.56 ? 372 ASN F N   1 
ATOM   545  C  CA  . ASN A 1 92  ? 10.580  -6.605  15.249  1.00 44.10 ? 372 ASN F CA  1 
ATOM   546  C  C   . ASN A 1 92  ? 9.368   -6.701  14.345  1.00 42.22 ? 372 ASN F C   1 
ATOM   547  O  O   . ASN A 1 92  ? 8.810   -7.777  14.169  1.00 41.69 ? 372 ASN F O   1 
ATOM   548  C  CB  . ASN A 1 92  ? 10.608  -7.801  16.197  1.00 44.97 ? 372 ASN F CB  1 
ATOM   549  C  CG  . ASN A 1 92  ? 11.828  -7.794  17.096  1.00 45.99 ? 372 ASN F CG  1 
ATOM   550  O  OD1 . ASN A 1 92  ? 12.960  -7.704  16.616  1.00 47.08 ? 372 ASN F OD1 1 
ATOM   551  N  ND2 . ASN A 1 92  ? 11.607  -7.894  18.411  1.00 46.28 ? 372 ASN F ND2 1 
ATOM   552  N  N   . ALA A 1 93  ? 8.972   -5.573  13.771  1.00 40.56 ? 373 ALA F N   1 
ATOM   553  C  CA  . ALA A 1 93  ? 7.826   -5.532  12.892  1.00 39.60 ? 373 ALA F CA  1 
ATOM   554  C  C   . ALA A 1 93  ? 8.099   -6.405  11.667  1.00 39.15 ? 373 ALA F C   1 
ATOM   555  O  O   . ALA A 1 93  ? 9.199   -6.396  11.122  1.00 39.22 ? 373 ALA F O   1 
ATOM   556  C  CB  . ALA A 1 93  ? 7.554   -4.105  12.473  1.00 38.74 ? 373 ALA F CB  1 
ATOM   557  N  N   . PRO A 1 94  ? 7.100   -7.188  11.232  1.00 38.81 ? 374 PRO F N   1 
ATOM   558  C  CA  . PRO A 1 94  ? 7.279   -8.057  10.056  1.00 38.48 ? 374 PRO F CA  1 
ATOM   559  C  C   . PRO A 1 94  ? 7.493   -7.300  8.738   1.00 38.28 ? 374 PRO F C   1 
ATOM   560  O  O   . PRO A 1 94  ? 8.237   -7.753  7.873   1.00 37.92 ? 374 PRO F O   1 
ATOM   561  C  CB  . PRO A 1 94  ? 6.006   -8.904  10.053  1.00 37.54 ? 374 PRO F CB  1 
ATOM   562  C  CG  . PRO A 1 94  ? 4.997   -8.003  10.711  1.00 38.10 ? 374 PRO F CG  1 
ATOM   563  C  CD  . PRO A 1 94  ? 5.777   -7.390  11.849  1.00 37.89 ? 374 PRO F CD  1 
ATOM   564  N  N   . LEU A 1 95  ? 6.829   -6.157  8.585   1.00 38.69 ? 375 LEU F N   1 
ATOM   565  C  CA  . LEU A 1 95  ? 6.966   -5.338  7.378   1.00 39.11 ? 375 LEU F CA  1 
ATOM   566  C  C   . LEU A 1 95  ? 7.628   -4.026  7.784   1.00 40.45 ? 375 LEU F C   1 
ATOM   567  O  O   . LEU A 1 95  ? 7.141   -2.923  7.495   1.00 39.80 ? 375 LEU F O   1 
ATOM   568  C  CB  . LEU A 1 95  ? 5.595   -5.065  6.764   1.00 37.39 ? 375 LEU F CB  1 
ATOM   569  C  CG  . LEU A 1 95  ? 4.769   -6.302  6.417   1.00 36.66 ? 375 LEU F CG  1 
ATOM   570  C  CD1 . LEU A 1 95  ? 3.468   -5.851  5.736   1.00 35.37 ? 375 LEU F CD1 1 
ATOM   571  C  CD2 . LEU A 1 95  ? 5.579   -7.240  5.510   1.00 34.76 ? 375 LEU F CD2 1 
ATOM   572  N  N   . ARG A 1 96  ? 8.756   -4.182  8.459   1.00 42.37 ? 376 ARG F N   1 
ATOM   573  C  CA  . ARG A 1 96  ? 9.531   -3.079  8.981   1.00 44.46 ? 376 ARG F CA  1 
ATOM   574  C  C   . ARG A 1 96  ? 9.935   -2.002  8.000   1.00 45.12 ? 376 ARG F C   1 
ATOM   575  O  O   . ARG A 1 96  ? 10.450  -2.267  6.919   1.00 45.06 ? 376 ARG F O   1 
ATOM   576  C  CB  . ARG A 1 96  ? 10.789  -3.610  9.655   1.00 46.17 ? 376 ARG F CB  1 
ATOM   577  C  CG  . ARG A 1 96  ? 11.596  -2.546  10.387  1.00 49.03 ? 376 ARG F CG  1 
ATOM   578  C  CD  . ARG A 1 96  ? 10.892  -2.134  11.667  1.00 51.99 ? 376 ARG F CD  1 
ATOM   579  N  NE  . ARG A 1 96  ? 11.603  -1.074  12.374  1.00 54.70 ? 376 ARG F NE  1 
ATOM   580  C  CZ  . ARG A 1 96  ? 12.883  -1.139  12.732  1.00 56.57 ? 376 ARG F CZ  1 
ATOM   581  N  NH1 . ARG A 1 96  ? 13.608  -2.222  12.449  1.00 57.07 ? 376 ARG F NH1 1 
ATOM   582  N  NH2 . ARG A 1 96  ? 13.441  -0.113  13.373  1.00 57.71 ? 376 ARG F NH2 1 
ATOM   583  N  N   . VAL A 1 97  ? 9.682   -0.770  8.402   1.00 46.16 ? 377 VAL F N   1 
ATOM   584  C  CA  . VAL A 1 97  ? 10.064  0.388   7.629   1.00 47.70 ? 377 VAL F CA  1 
ATOM   585  C  C   . VAL A 1 97  ? 10.986  1.136   8.584   1.00 49.11 ? 377 VAL F C   1 
ATOM   586  O  O   . VAL A 1 97  ? 10.597  1.489   9.695   1.00 48.49 ? 377 VAL F O   1 
ATOM   587  C  CB  . VAL A 1 97  ? 8.855   1.268   7.272   1.00 47.47 ? 377 VAL F CB  1 
ATOM   588  C  CG1 . VAL A 1 97  ? 9.335   2.579   6.686   1.00 47.63 ? 377 VAL F CG1 1 
ATOM   589  C  CG2 . VAL A 1 97  ? 7.962   0.548   6.278   1.00 47.05 ? 377 VAL F CG2 1 
ATOM   590  N  N   . LYS A 1 98  ? 12.223  1.345   8.170   1.00 50.89 ? 378 LYS F N   1 
ATOM   591  C  CA  . LYS A 1 98  ? 13.148  2.037   9.037   1.00 53.06 ? 378 LYS F CA  1 
ATOM   592  C  C   . LYS A 1 98  ? 12.980  3.554   8.905   1.00 53.77 ? 378 LYS F C   1 
ATOM   593  O  O   . LYS A 1 98  ? 12.860  4.082   7.798   1.00 53.62 ? 378 LYS F O   1 
ATOM   594  C  CB  . LYS A 1 98  ? 14.584  1.617   8.709   1.00 54.11 ? 378 LYS F CB  1 
ATOM   595  C  CG  . LYS A 1 98  ? 15.578  2.101   9.746   1.00 56.04 ? 378 LYS F CG  1 
ATOM   596  C  CD  . LYS A 1 98  ? 17.000  2.166   9.207   1.00 57.47 ? 378 LYS F CD  1 
ATOM   597  C  CE  . LYS A 1 98  ? 17.814  3.181   10.013  1.00 58.46 ? 378 LYS F CE  1 
ATOM   598  N  NZ  . LYS A 1 98  ? 17.247  4.575   9.915   1.00 58.83 ? 378 LYS F NZ  1 
ATOM   599  N  N   . ILE A 1 99  ? 12.952  4.245   10.042  1.00 54.79 ? 379 ILE F N   1 
ATOM   600  C  CA  . ILE A 1 99  ? 12.805  5.702   10.058  1.00 56.13 ? 379 ILE F CA  1 
ATOM   601  C  C   . ILE A 1 99  ? 13.726  6.284   11.131  1.00 57.04 ? 379 ILE F C   1 
ATOM   602  O  O   . ILE A 1 99  ? 14.169  5.566   12.028  1.00 57.41 ? 379 ILE F O   1 
ATOM   603  C  CB  . ILE A 1 99  ? 11.332  6.123   10.349  1.00 56.05 ? 379 ILE F CB  1 
ATOM   604  C  CG1 . ILE A 1 99  ? 10.922  5.704   11.771  1.00 56.15 ? 379 ILE F CG1 1 
ATOM   605  C  CG2 . ILE A 1 99  ? 10.405  5.490   9.315   1.00 55.73 ? 379 ILE F CG2 1 
ATOM   606  C  CD1 . ILE A 1 99  ? 9.487   6.091   12.167  1.00 55.79 ? 379 ILE F CD1 1 
ATOM   607  N  N   . PRO A 1 100 ? 14.038  7.589   11.047  1.00 57.99 ? 380 PRO F N   1 
ATOM   608  C  CA  . PRO A 1 100 ? 14.914  8.232   12.033  1.00 59.00 ? 380 PRO F CA  1 
ATOM   609  C  C   . PRO A 1 100 ? 14.506  7.940   13.475  1.00 60.12 ? 380 PRO F C   1 
ATOM   610  O  O   . PRO A 1 100 ? 13.321  8.005   13.825  1.00 60.09 ? 380 PRO F O   1 
ATOM   611  C  CB  . PRO A 1 100 ? 14.783  9.716   11.689  1.00 58.60 ? 380 PRO F CB  1 
ATOM   612  C  CG  . PRO A 1 100 ? 14.604  9.687   10.219  1.00 58.03 ? 380 PRO F CG  1 
ATOM   613  C  CD  . PRO A 1 100 ? 13.619  8.559   10.019  1.00 58.03 ? 380 PRO F CD  1 
ATOM   614  N  N   . GLU A 1 101 ? 15.501  7.628   14.298  1.00 61.49 ? 381 GLU F N   1 
ATOM   615  C  CA  . GLU A 1 101 ? 15.309  7.328   15.717  1.00 63.03 ? 381 GLU F CA  1 
ATOM   616  C  C   . GLU A 1 101 ? 14.496  8.398   16.447  1.00 63.17 ? 381 GLU F C   1 
ATOM   617  O  O   . GLU A 1 101 ? 13.748  8.098   17.374  1.00 62.97 ? 381 GLU F O   1 
ATOM   618  C  CB  . GLU A 1 101 ? 16.672  7.180   16.398  1.00 64.21 ? 381 GLU F CB  1 
ATOM   619  C  CG  . GLU A 1 101 ? 17.508  6.015   15.874  1.00 66.57 ? 381 GLU F CG  1 
ATOM   620  C  CD  . GLU A 1 101 ? 17.031  4.657   16.387  1.00 67.59 ? 381 GLU F CD  1 
ATOM   621  O  OE1 . GLU A 1 101 ? 17.137  4.418   17.616  1.00 68.25 ? 381 GLU F OE1 1 
ATOM   622  O  OE2 . GLU A 1 101 ? 16.552  3.834   15.565  1.00 68.01 ? 381 GLU F OE2 1 
HETATM 623  N  N   . MSE A 1 102 ? 14.659  9.649   16.029  1.00 63.56 ? 382 MSE F N   1 
HETATM 624  C  CA  . MSE A 1 102 ? 13.943  10.767  16.636  1.00 63.68 ? 382 MSE F CA  1 
HETATM 625  C  C   . MSE A 1 102 ? 12.450  10.653  16.304  1.00 62.68 ? 382 MSE F C   1 
HETATM 626  O  O   . MSE A 1 102 ? 11.592  10.861  17.166  1.00 62.50 ? 382 MSE F O   1 
HETATM 627  C  CB  . MSE A 1 102 ? 14.502  12.086  16.094  1.00 65.86 ? 382 MSE F CB  1 
HETATM 628  C  CG  . MSE A 1 102 ? 14.468  13.265  17.060  1.00 68.53 ? 382 MSE F CG  1 
HETATM 629  SE SE  . MSE A 1 102 ? 15.719  13.133  18.557  1.00 73.13 ? 382 MSE F SE  1 
HETATM 630  C  CE  . MSE A 1 102 ? 17.362  13.030  17.546  1.00 70.98 ? 382 MSE F CE  1 
ATOM   631  N  N   . LEU A 1 103 ? 12.152  10.314  15.051  1.00 61.30 ? 383 LEU F N   1 
ATOM   632  C  CA  . LEU A 1 103 ? 10.773  10.170  14.587  1.00 59.65 ? 383 LEU F CA  1 
ATOM   633  C  C   . LEU A 1 103 ? 10.119  8.927   15.181  1.00 58.87 ? 383 LEU F C   1 
ATOM   634  O  O   . LEU A 1 103 ? 8.975   8.974   15.627  1.00 58.00 ? 383 LEU F O   1 
ATOM   635  C  CB  . LEU A 1 103 ? 10.737  10.099  13.053  1.00 58.82 ? 383 LEU F CB  1 
ATOM   636  C  CG  . LEU A 1 103 ? 9.360   10.053  12.381  1.00 58.47 ? 383 LEU F CG  1 
ATOM   637  C  CD1 . LEU A 1 103 ? 8.495   11.213  12.864  1.00 57.94 ? 383 LEU F CD1 1 
ATOM   638  C  CD2 . LEU A 1 103 ? 9.530   10.102  10.873  1.00 58.00 ? 383 LEU F CD2 1 
ATOM   639  N  N   . GLN A 1 104 ? 10.860  7.822   15.173  1.00 58.48 ? 384 GLN F N   1 
ATOM   640  C  CA  . GLN A 1 104 ? 10.393  6.549   15.713  1.00 58.23 ? 384 GLN F CA  1 
ATOM   641  C  C   . GLN A 1 104 ? 9.880   6.701   17.141  1.00 57.86 ? 384 GLN F C   1 
ATOM   642  O  O   . GLN A 1 104 ? 8.894   6.071   17.533  1.00 57.88 ? 384 GLN F O   1 
ATOM   643  C  CB  . GLN A 1 104 ? 11.531  5.531   15.706  1.00 58.56 ? 384 GLN F CB  1 
ATOM   644  C  CG  . GLN A 1 104 ? 11.178  4.210   16.358  1.00 59.12 ? 384 GLN F CG  1 
ATOM   645  C  CD  . GLN A 1 104 ? 10.922  3.126   15.338  1.00 59.84 ? 384 GLN F CD  1 
ATOM   646  O  OE1 . GLN A 1 104 ? 10.498  3.410   14.215  1.00 60.45 ? 384 GLN F OE1 1 
ATOM   647  N  NE2 . GLN A 1 104 ? 11.172  1.872   15.719  1.00 59.78 ? 384 GLN F NE2 1 
ATOM   648  N  N   . ALA A 1 105 ? 10.563  7.534   17.917  1.00 57.54 ? 385 ALA F N   1 
ATOM   649  C  CA  . ALA A 1 105 ? 10.195  7.777   19.308  1.00 57.56 ? 385 ALA F CA  1 
ATOM   650  C  C   . ALA A 1 105 ? 8.879   8.533   19.442  1.00 57.27 ? 385 ALA F C   1 
ATOM   651  O  O   . ALA A 1 105 ? 8.036   8.170   20.254  1.00 57.00 ? 385 ALA F O   1 
ATOM   652  C  CB  . ALA A 1 105 ? 11.310  8.543   20.014  1.00 57.53 ? 385 ALA F CB  1 
ATOM   653  N  N   . GLU A 1 106 ? 8.717   9.592   18.655  1.00 57.21 ? 386 GLU F N   1 
ATOM   654  C  CA  . GLU A 1 106 ? 7.498   10.394  18.680  1.00 57.54 ? 386 GLU F CA  1 
ATOM   655  C  C   . GLU A 1 106 ? 6.303   9.535   18.277  1.00 57.43 ? 386 GLU F C   1 
ATOM   656  O  O   . GLU A 1 106 ? 5.264   9.537   18.942  1.00 57.01 ? 386 GLU F O   1 
ATOM   657  C  CB  . GLU A 1 106 ? 7.620   11.565  17.700  1.00 58.02 ? 386 GLU F CB  1 
ATOM   658  C  CG  . GLU A 1 106 ? 7.892   12.927  18.322  1.00 58.93 ? 386 GLU F CG  1 
ATOM   659  C  CD  . GLU A 1 106 ? 6.631   13.631  18.787  1.00 59.03 ? 386 GLU F CD  1 
ATOM   660  O  OE1 . GLU A 1 106 ? 6.031   13.184  19.782  1.00 59.77 ? 386 GLU F OE1 1 
ATOM   661  O  OE2 . GLU A 1 106 ? 6.239   14.633  18.154  1.00 59.21 ? 386 GLU F OE2 1 
ATOM   662  N  N   . ILE A 1 107 ? 6.458   8.811   17.173  1.00 57.72 ? 387 ILE F N   1 
ATOM   663  C  CA  . ILE A 1 107 ? 5.395   7.949   16.666  1.00 58.08 ? 387 ILE F CA  1 
ATOM   664  C  C   . ILE A 1 107 ? 5.024   6.883   17.689  1.00 58.28 ? 387 ILE F C   1 
ATOM   665  O  O   . ILE A 1 107 ? 3.846   6.673   17.966  1.00 58.10 ? 387 ILE F O   1 
ATOM   666  C  CB  . ILE A 1 107 ? 5.813   7.295   15.333  1.00 58.08 ? 387 ILE F CB  1 
ATOM   667  C  CG1 . ILE A 1 107 ? 5.751   8.342   14.219  1.00 58.31 ? 387 ILE F CG1 1 
ATOM   668  C  CG2 . ILE A 1 107 ? 4.909   6.133   15.003  1.00 58.24 ? 387 ILE F CG2 1 
ATOM   669  C  CD1 . ILE A 1 107 ? 6.242   7.848   12.878  1.00 58.62 ? 387 ILE F CD1 1 
ATOM   670  N  N   . ASP A 1 108 ? 6.028   6.231   18.267  1.00 58.74 ? 388 ASP F N   1 
ATOM   671  C  CA  . ASP A 1 108 ? 5.791   5.201   19.268  1.00 59.56 ? 388 ASP F CA  1 
ATOM   672  C  C   . ASP A 1 108 ? 4.936   5.746   20.412  1.00 60.33 ? 388 ASP F C   1 
ATOM   673  O  O   . ASP A 1 108 ? 3.920   5.151   20.785  1.00 60.14 ? 388 ASP F O   1 
ATOM   674  C  CB  . ASP A 1 108 ? 7.121   4.692   19.824  1.00 59.52 ? 388 ASP F CB  1 
ATOM   675  C  CG  . ASP A 1 108 ? 6.942   3.648   20.923  1.00 60.16 ? 388 ASP F CG  1 
ATOM   676  O  OD1 . ASP A 1 108 ? 5.798   3.190   21.162  1.00 60.21 ? 388 ASP F OD1 1 
ATOM   677  O  OD2 . ASP A 1 108 ? 7.960   3.273   21.548  1.00 60.68 ? 388 ASP F OD2 1 
ATOM   678  N  N   . SER A 1 109 ? 5.361   6.877   20.965  1.00 60.89 ? 389 SER F N   1 
ATOM   679  C  CA  . SER A 1 109 ? 4.658   7.517   22.064  1.00 61.64 ? 389 SER F CA  1 
ATOM   680  C  C   . SER A 1 109 ? 3.185   7.793   21.740  1.00 62.37 ? 389 SER F C   1 
ATOM   681  O  O   . SER A 1 109 ? 2.289   7.312   22.433  1.00 62.24 ? 389 SER F O   1 
ATOM   682  C  CB  . SER A 1 109 ? 5.370   8.820   22.427  1.00 61.43 ? 389 SER F CB  1 
ATOM   683  O  OG  . SER A 1 109 ? 4.782   9.422   23.561  1.00 61.52 ? 389 SER F OG  1 
ATOM   684  N  N   . ARG A 1 110 ? 2.937   8.555   20.682  1.00 63.27 ? 390 ARG F N   1 
ATOM   685  C  CA  . ARG A 1 110 ? 1.571   8.891   20.296  1.00 64.52 ? 390 ARG F CA  1 
ATOM   686  C  C   . ARG A 1 110 ? 0.679   7.689   19.999  1.00 65.26 ? 390 ARG F C   1 
ATOM   687  O  O   . ARG A 1 110 ? -0.384  7.544   20.593  1.00 65.36 ? 390 ARG F O   1 
ATOM   688  C  CB  . ARG A 1 110 ? 1.584   9.809   19.080  1.00 64.68 ? 390 ARG F CB  1 
ATOM   689  C  CG  . ARG A 1 110 ? 2.202   11.157  19.344  1.00 65.13 ? 390 ARG F CG  1 
ATOM   690  C  CD  . ARG A 1 110 ? 2.456   11.889  18.051  1.00 65.34 ? 390 ARG F CD  1 
ATOM   691  N  NE  . ARG A 1 110 ? 3.051   13.191  18.302  1.00 65.98 ? 390 ARG F NE  1 
ATOM   692  C  CZ  . ARG A 1 110 ? 2.371   14.253  18.717  1.00 66.38 ? 390 ARG F CZ  1 
ATOM   693  N  NH1 . ARG A 1 110 ? 1.061   14.166  18.921  1.00 66.12 ? 390 ARG F NH1 1 
ATOM   694  N  NH2 . ARG A 1 110 ? 3.007   15.400  18.937  1.00 66.59 ? 390 ARG F NH2 1 
ATOM   695  N  N   . LEU A 1 111 ? 1.104   6.837   19.072  1.00 66.18 ? 391 LEU F N   1 
ATOM   696  C  CA  . LEU A 1 111 ? 0.312   5.667   18.716  1.00 67.34 ? 391 LEU F CA  1 
ATOM   697  C  C   . LEU A 1 111 ? 0.047   4.837   19.958  1.00 68.11 ? 391 LEU F C   1 
ATOM   698  O  O   . LEU A 1 111 ? -1.047  4.297   20.135  1.00 68.23 ? 391 LEU F O   1 
ATOM   699  C  CB  . LEU A 1 111 ? 1.042   4.813   17.675  1.00 67.53 ? 391 LEU F CB  1 
ATOM   700  C  CG  . LEU A 1 111 ? 1.317   5.475   16.322  1.00 68.00 ? 391 LEU F CG  1 
ATOM   701  C  CD1 . LEU A 1 111 ? 2.062   4.505   15.411  1.00 68.06 ? 391 LEU F CD1 1 
ATOM   702  C  CD2 . LEU A 1 111 ? 0.001   5.905   15.690  1.00 67.96 ? 391 LEU F CD2 1 
ATOM   703  N  N   . ARG A 1 112 ? 1.059   4.738   20.813  1.00 68.98 ? 392 ARG F N   1 
ATOM   704  C  CA  . ARG A 1 112 ? 0.943   3.985   22.051  1.00 69.79 ? 392 ARG F CA  1 
ATOM   705  C  C   . ARG A 1 112 ? -0.158  4.586   22.911  1.00 69.85 ? 392 ARG F C   1 
ATOM   706  O  O   . ARG A 1 112 ? -1.038  3.872   23.390  1.00 70.03 ? 392 ARG F O   1 
ATOM   707  C  CB  . ARG A 1 112 ? 2.266   4.018   22.831  1.00 70.93 ? 392 ARG F CB  1 
ATOM   708  C  CG  . ARG A 1 112 ? 2.230   3.281   24.169  1.00 72.27 ? 392 ARG F CG  1 
ATOM   709  C  CD  . ARG A 1 112 ? 3.574   3.302   24.906  1.00 73.52 ? 392 ARG F CD  1 
ATOM   710  N  NE  . ARG A 1 112 ? 3.555   2.408   26.071  1.00 75.09 ? 392 ARG F NE  1 
ATOM   711  C  CZ  . ARG A 1 112 ? 4.555   2.260   26.943  1.00 75.85 ? 392 ARG F CZ  1 
ATOM   712  N  NH1 . ARG A 1 112 ? 5.684   2.949   26.804  1.00 76.21 ? 392 ARG F NH1 1 
ATOM   713  N  NH2 . ARG A 1 112 ? 4.431   1.410   27.960  1.00 76.04 ? 392 ARG F NH2 1 
ATOM   714  N  N   . ASN A 1 113 ? -0.111  5.904   23.087  1.00 69.82 ? 393 ASN F N   1 
ATOM   715  C  CA  . ASN A 1 113 ? -1.084  6.603   23.918  1.00 69.68 ? 393 ASN F CA  1 
ATOM   716  C  C   . ASN A 1 113 ? -2.329  7.010   23.155  1.00 69.49 ? 393 ASN F C   1 
ATOM   717  O  O   . ASN A 1 113 ? -3.048  7.921   23.569  1.00 69.39 ? 393 ASN F O   1 
ATOM   718  C  CB  . ASN A 1 113 ? -0.445  7.843   24.541  1.00 69.90 ? 393 ASN F CB  1 
ATOM   719  C  CG  . ASN A 1 113 ? 0.810   7.519   25.322  1.00 70.41 ? 393 ASN F CG  1 
ATOM   720  O  OD1 . ASN A 1 113 ? 1.435   8.406   25.911  1.00 71.09 ? 393 ASN F OD1 1 
ATOM   721  N  ND2 . ASN A 1 113 ? 1.192   6.247   25.332  1.00 70.26 ? 393 ASN F ND2 1 
ATOM   722  N  N   . SER A 1 114 ? -2.582  6.327   22.044  1.00 69.23 ? 394 SER F N   1 
ATOM   723  C  CA  . SER A 1 114 ? -3.745  6.615   21.212  1.00 68.94 ? 394 SER F CA  1 
ATOM   724  C  C   . SER A 1 114 ? -3.922  8.127   21.010  1.00 68.81 ? 394 SER F C   1 
ATOM   725  O  O   . SER A 1 114 ? -5.017  8.669   21.166  1.00 68.92 ? 394 SER F O   1 
ATOM   726  C  CB  . SER A 1 114 ? -5.004  6.003   21.842  1.00 68.95 ? 394 SER F CB  1 
ATOM   727  O  OG  . SER A 1 114 ? -4.883  4.594   21.977  1.00 68.25 ? 394 SER F OG  1 
ATOM   728  N  N   . GLU A 1 115 ? -2.823  8.796   20.673  1.00 68.44 ? 395 GLU F N   1 
ATOM   729  C  CA  . GLU A 1 115 ? -2.818  10.233  20.431  1.00 68.02 ? 395 GLU F CA  1 
ATOM   730  C  C   . GLU A 1 115 ? -2.847  10.479  18.928  1.00 67.42 ? 395 GLU F C   1 
ATOM   731  O  O   . GLU A 1 115 ? -2.858  9.533   18.144  1.00 67.45 ? 395 GLU F O   1 
ATOM   732  C  CB  . GLU A 1 115 ? -1.563  10.873  21.031  1.00 68.38 ? 395 GLU F CB  1 
ATOM   733  C  CG  . GLU A 1 115 ? -1.639  11.104  22.526  1.00 68.76 ? 395 GLU F CG  1 
ATOM   734  C  CD  . GLU A 1 115 ? -0.289  11.449  23.134  1.00 69.13 ? 395 GLU F CD  1 
ATOM   735  O  OE1 . GLU A 1 115 ? 0.420   12.329  22.592  1.00 69.25 ? 395 GLU F OE1 1 
ATOM   736  O  OE2 . GLU A 1 115 ? 0.055   10.837  24.167  1.00 69.40 ? 395 GLU F OE2 1 
ATOM   737  N  N   . ASP A 1 116 ? -2.851  11.749  18.533  1.00 66.56 ? 396 ASP F N   1 
ATOM   738  C  CA  . ASP A 1 116 ? -2.888  12.111  17.123  1.00 65.67 ? 396 ASP F CA  1 
ATOM   739  C  C   . ASP A 1 116 ? -1.512  12.001  16.492  1.00 64.54 ? 396 ASP F C   1 
ATOM   740  O  O   . ASP A 1 116 ? -0.636  12.830  16.743  1.00 64.53 ? 396 ASP F O   1 
ATOM   741  C  CB  . ASP A 1 116 ? -3.408  13.535  16.953  1.00 66.58 ? 396 ASP F CB  1 
ATOM   742  C  CG  . ASP A 1 116 ? -3.368  13.996  15.512  1.00 67.45 ? 396 ASP F CG  1 
ATOM   743  O  OD1 . ASP A 1 116 ? -3.960  13.304  14.658  1.00 68.25 ? 396 ASP F OD1 1 
ATOM   744  O  OD2 . ASP A 1 116 ? -2.747  15.046  15.232  1.00 67.93 ? 396 ASP F OD2 1 
ATOM   745  N  N   . ALA A 1 117 ? -1.329  10.980  15.661  1.00 63.00 ? 397 ALA F N   1 
ATOM   746  C  CA  . ALA A 1 117 ? -0.047  10.762  15.008  1.00 61.39 ? 397 ALA F CA  1 
ATOM   747  C  C   . ALA A 1 117 ? -0.071  11.107  13.519  1.00 60.10 ? 397 ALA F C   1 
ATOM   748  O  O   . ALA A 1 117 ? 0.863   10.787  12.793  1.00 59.71 ? 397 ALA F O   1 
ATOM   749  C  CB  . ALA A 1 117 ? 0.393   9.313   15.211  1.00 61.27 ? 397 ALA F CB  1 
ATOM   750  N  N   . ARG A 1 118 ? -1.131  11.768  13.068  1.00 59.05 ? 398 ARG F N   1 
ATOM   751  C  CA  . ARG A 1 118 ? -1.237  12.141  11.663  1.00 58.29 ? 398 ARG F CA  1 
ATOM   752  C  C   . ARG A 1 118 ? -0.016  12.927  11.202  1.00 57.38 ? 398 ARG F C   1 
ATOM   753  O  O   . ARG A 1 118 ? 0.483   12.724  10.096  1.00 57.02 ? 398 ARG F O   1 
ATOM   754  C  CB  . ARG A 1 118 ? -2.501  12.963  11.428  1.00 59.02 ? 398 ARG F CB  1 
ATOM   755  C  CG  . ARG A 1 118 ? -3.764  12.222  11.799  1.00 60.64 ? 398 ARG F CG  1 
ATOM   756  C  CD  . ARG A 1 118 ? -5.005  12.911  11.278  1.00 62.28 ? 398 ARG F CD  1 
ATOM   757  N  NE  . ARG A 1 118 ? -6.188  12.085  11.517  1.00 64.32 ? 398 ARG F NE  1 
ATOM   758  C  CZ  . ARG A 1 118 ? -7.397  12.318  11.001  1.00 65.33 ? 398 ARG F CZ  1 
ATOM   759  N  NH1 . ARG A 1 118 ? -7.597  13.364  10.201  1.00 65.33 ? 398 ARG F NH1 1 
ATOM   760  N  NH2 . ARG A 1 118 ? -8.411  11.501  11.288  1.00 65.34 ? 398 ARG F NH2 1 
ATOM   761  N  N   . GLY A 1 119 ? 0.475   13.810  12.063  1.00 56.09 ? 399 GLY F N   1 
ATOM   762  C  CA  . GLY A 1 119 ? 1.628   14.612  11.716  1.00 55.22 ? 399 GLY F CA  1 
ATOM   763  C  C   . GLY A 1 119 ? 2.888   13.796  11.545  1.00 54.79 ? 399 GLY F C   1 
ATOM   764  O  O   . GLY A 1 119 ? 3.537   13.845  10.497  1.00 54.68 ? 399 GLY F O   1 
ATOM   765  N  N   . VAL A 1 120 ? 3.243   13.047  12.584  1.00 54.27 ? 400 VAL F N   1 
ATOM   766  C  CA  . VAL A 1 120 ? 4.430   12.218  12.548  1.00 53.70 ? 400 VAL F CA  1 
ATOM   767  C  C   . VAL A 1 120 ? 4.305   11.129  11.475  1.00 53.44 ? 400 VAL F C   1 
ATOM   768  O  O   . VAL A 1 120 ? 5.275   10.828  10.785  1.00 53.60 ? 400 VAL F O   1 
ATOM   769  C  CB  . VAL A 1 120 ? 4.700   11.578  13.930  1.00 53.65 ? 400 VAL F CB  1 
ATOM   770  C  CG1 . VAL A 1 120 ? 5.057   12.650  14.932  1.00 53.89 ? 400 VAL F CG1 1 
ATOM   771  C  CG2 . VAL A 1 120 ? 3.482   10.830  14.408  1.00 53.78 ? 400 VAL F CG2 1 
ATOM   772  N  N   . LEU A 1 121 ? 3.119   10.546  11.321  1.00 52.80 ? 401 LEU F N   1 
ATOM   773  C  CA  . LEU A 1 121 ? 2.950   9.516   10.303  1.00 52.84 ? 401 LEU F CA  1 
ATOM   774  C  C   . LEU A 1 121 ? 3.208   10.115  8.930   1.00 53.18 ? 401 LEU F C   1 
ATOM   775  O  O   . LEU A 1 121 ? 3.784   9.458   8.059   1.00 52.92 ? 401 LEU F O   1 
ATOM   776  C  CB  . LEU A 1 121 ? 1.557   8.878   10.381  1.00 52.10 ? 401 LEU F CB  1 
ATOM   777  C  CG  . LEU A 1 121 ? 1.483   7.826   11.502  1.00 51.79 ? 401 LEU F CG  1 
ATOM   778  C  CD1 . LEU A 1 121 ? 0.129   7.163   11.545  1.00 51.50 ? 401 LEU F CD1 1 
ATOM   779  C  CD2 . LEU A 1 121 ? 2.563   6.791   11.280  1.00 51.54 ? 401 LEU F CD2 1 
ATOM   780  N  N   . CYS A 1 122 ? 2.803   11.371  8.749   1.00 53.43 ? 402 CYS F N   1 
ATOM   781  C  CA  . CYS A 1 122 ? 3.025   12.077  7.492   1.00 53.59 ? 402 CYS F CA  1 
ATOM   782  C  C   . CYS A 1 122 ? 4.540   12.214  7.336   1.00 53.14 ? 402 CYS F C   1 
ATOM   783  O  O   . CYS A 1 122 ? 5.091   12.055  6.245   1.00 52.89 ? 402 CYS F O   1 
ATOM   784  C  CB  . CYS A 1 122 ? 2.372   13.457  7.551   1.00 54.70 ? 402 CYS F CB  1 
ATOM   785  S  SG  . CYS A 1 122 ? 1.991   14.182  5.943   1.00 56.89 ? 402 CYS F SG  1 
ATOM   786  N  N   . GLU A 1 123 ? 5.217   12.503  8.442   1.00 52.42 ? 403 GLU F N   1 
ATOM   787  C  CA  . GLU A 1 123 ? 6.668   12.623  8.408   1.00 52.10 ? 403 GLU F CA  1 
ATOM   788  C  C   . GLU A 1 123 ? 7.262   11.263  8.040   1.00 51.56 ? 403 GLU F C   1 
ATOM   789  O  O   . GLU A 1 123 ? 8.256   11.189  7.324   1.00 50.70 ? 403 GLU F O   1 
ATOM   790  C  CB  . GLU A 1 123 ? 7.213   13.055  9.776   1.00 52.41 ? 403 GLU F CB  1 
ATOM   791  C  CG  . GLU A 1 123 ? 7.105   14.547  10.081  1.00 52.82 ? 403 GLU F CG  1 
ATOM   792  C  CD  . GLU A 1 123 ? 7.598   14.892  11.484  1.00 53.19 ? 403 GLU F CD  1 
ATOM   793  O  OE1 . GLU A 1 123 ? 8.771   14.582  11.797  1.00 52.68 ? 403 GLU F OE1 1 
ATOM   794  O  OE2 . GLU A 1 123 ? 6.809   15.473  12.270  1.00 53.68 ? 403 GLU F OE2 1 
ATOM   795  N  N   . ALA A 1 124 ? 6.647   10.192  8.546   1.00 50.97 ? 404 ALA F N   1 
ATOM   796  C  CA  . ALA A 1 124 ? 7.118   8.836   8.283   1.00 50.66 ? 404 ALA F CA  1 
ATOM   797  C  C   . ALA A 1 124 ? 6.920   8.497   6.814   1.00 50.30 ? 404 ALA F C   1 
ATOM   798  O  O   . ALA A 1 124 ? 7.798   7.927   6.179   1.00 50.10 ? 404 ALA F O   1 
ATOM   799  C  CB  . ALA A 1 124 ? 6.380   7.828   9.171   1.00 50.13 ? 404 ALA F CB  1 
ATOM   800  N  N   . GLN A 1 125 ? 5.766   8.855   6.274   1.00 50.11 ? 405 GLN F N   1 
ATOM   801  C  CA  . GLN A 1 125 ? 5.507   8.587   4.875   1.00 50.60 ? 405 GLN F CA  1 
ATOM   802  C  C   . GLN A 1 125 ? 6.652   9.135   4.027   1.00 51.64 ? 405 GLN F C   1 
ATOM   803  O  O   . GLN A 1 125 ? 7.142   8.448   3.117   1.00 52.00 ? 405 GLN F O   1 
ATOM   804  C  CB  . GLN A 1 125 ? 4.182   9.219   4.439   1.00 49.66 ? 405 GLN F CB  1 
ATOM   805  C  CG  . GLN A 1 125 ? 2.965   8.478   4.937   1.00 48.47 ? 405 GLN F CG  1 
ATOM   806  C  CD  . GLN A 1 125 ? 1.672   9.045   4.388   1.00 48.31 ? 405 GLN F CD  1 
ATOM   807  O  OE1 . GLN A 1 125 ? 1.345   10.202  4.624   1.00 48.92 ? 405 GLN F OE1 1 
ATOM   808  N  NE2 . GLN A 1 125 ? 0.928   8.232   3.655   1.00 47.02 ? 405 GLN F NE2 1 
ATOM   809  N  N   . GLU A 1 126 ? 7.088   10.361  4.326   1.00 52.24 ? 406 GLU F N   1 
ATOM   810  C  CA  . GLU A 1 126 ? 8.180   10.985  3.577   1.00 52.92 ? 406 GLU F CA  1 
ATOM   811  C  C   . GLU A 1 126 ? 9.423   10.105  3.579   1.00 52.42 ? 406 GLU F C   1 
ATOM   812  O  O   . GLU A 1 126 ? 10.129  10.013  2.577   1.00 52.21 ? 406 GLU F O   1 
ATOM   813  C  CB  . GLU A 1 126 ? 8.554   12.348  4.169   1.00 54.62 ? 406 GLU F CB  1 
ATOM   814  C  CG  . GLU A 1 126 ? 7.413   13.342  4.272   1.00 57.08 ? 406 GLU F CG  1 
ATOM   815  C  CD  . GLU A 1 126 ? 6.654   13.505  2.968   1.00 58.93 ? 406 GLU F CD  1 
ATOM   816  O  OE1 . GLU A 1 126 ? 7.279   13.854  1.932   1.00 59.58 ? 406 GLU F OE1 1 
ATOM   817  O  OE2 . GLU A 1 126 ? 5.419   13.288  2.986   1.00 60.34 ? 406 GLU F OE2 1 
ATOM   818  N  N   . ALA A 1 127 ? 9.691   9.459   4.708   1.00 51.80 ? 407 ALA F N   1 
ATOM   819  C  CA  . ALA A 1 127 ? 10.864  8.597   4.821   1.00 51.37 ? 407 ALA F CA  1 
ATOM   820  C  C   . ALA A 1 127 ? 10.794  7.374   3.908   1.00 51.52 ? 407 ALA F C   1 
ATOM   821  O  O   . ALA A 1 127 ? 11.820  6.866   3.459   1.00 51.50 ? 407 ALA F O   1 
ATOM   822  C  CB  . ALA A 1 127 ? 11.039  8.151   6.266   1.00 50.74 ? 407 ALA F CB  1 
ATOM   823  N  N   . ALA A 1 128 ? 9.585   6.899   3.635   1.00 51.54 ? 408 ALA F N   1 
ATOM   824  C  CA  . ALA A 1 128 ? 9.402   5.724   2.797   1.00 51.94 ? 408 ALA F CA  1 
ATOM   825  C  C   . ALA A 1 128 ? 9.374   6.046   1.304   1.00 52.39 ? 408 ALA F C   1 
ATOM   826  O  O   . ALA A 1 128 ? 9.572   5.156   0.474   1.00 52.08 ? 408 ALA F O   1 
ATOM   827  C  CB  . ALA A 1 128 ? 8.109   5.018   3.183   1.00 51.47 ? 408 ALA F CB  1 
HETATM 828  N  N   . MSE A 1 129 ? 9.125   7.312   0.976   1.00 52.96 ? 409 MSE F N   1 
HETATM 829  C  CA  . MSE A 1 129 ? 9.015   7.747   -0.412  1.00 53.97 ? 409 MSE F CA  1 
HETATM 830  C  C   . MSE A 1 129 ? 10.135  7.354   -1.344  1.00 52.64 ? 409 MSE F C   1 
HETATM 831  O  O   . MSE A 1 129 ? 9.889   6.869   -2.444  1.00 52.29 ? 409 MSE F O   1 
HETATM 832  C  CB  . MSE A 1 129 ? 8.817   9.256   -0.480  1.00 57.26 ? 409 MSE F CB  1 
HETATM 833  C  CG  . MSE A 1 129 ? 7.367   9.662   -0.426  1.00 61.08 ? 409 MSE F CG  1 
HETATM 834  SE SE  . MSE A 1 129 ? 6.329   8.691   -1.754  1.00 67.75 ? 409 MSE F SE  1 
HETATM 835  C  CE  . MSE A 1 129 ? 7.518   8.891   -3.260  1.00 64.86 ? 409 MSE F CE  1 
ATOM   836  N  N   . PRO A 1 130 ? 11.382  7.572   -0.927  1.00 51.41 ? 410 PRO F N   1 
ATOM   837  C  CA  . PRO A 1 130 ? 12.528  7.221   -1.765  1.00 50.42 ? 410 PRO F CA  1 
ATOM   838  C  C   . PRO A 1 130 ? 12.483  5.778   -2.294  1.00 49.22 ? 410 PRO F C   1 
ATOM   839  O  O   . PRO A 1 130 ? 12.729  5.544   -3.484  1.00 48.62 ? 410 PRO F O   1 
ATOM   840  C  CB  . PRO A 1 130 ? 13.715  7.462   -0.834  1.00 50.48 ? 410 PRO F CB  1 
ATOM   841  C  CG  . PRO A 1 130 ? 13.239  8.595   0.001   1.00 51.03 ? 410 PRO F CG  1 
ATOM   842  C  CD  . PRO A 1 130 ? 11.828  8.185   0.334   1.00 51.42 ? 410 PRO F CD  1 
ATOM   843  N  N   . GLU A 1 131 ? 12.172  4.818   -1.417  1.00 47.79 ? 411 GLU F N   1 
ATOM   844  C  CA  . GLU A 1 131 ? 12.124  3.416   -1.844  1.00 46.53 ? 411 GLU F CA  1 
ATOM   845  C  C   . GLU A 1 131 ? 10.898  3.153   -2.696  1.00 45.14 ? 411 GLU F C   1 
ATOM   846  O  O   . GLU A 1 131 ? 10.934  2.361   -3.635  1.00 45.40 ? 411 GLU F O   1 
ATOM   847  C  CB  . GLU A 1 131 ? 12.151  2.465   -0.645  1.00 46.40 ? 411 GLU F CB  1 
ATOM   848  C  CG  . GLU A 1 131 ? 12.133  0.978   -1.038  1.00 47.53 ? 411 GLU F CG  1 
ATOM   849  C  CD  . GLU A 1 131 ? 12.632  0.044   0.078   1.00 47.67 ? 411 GLU F CD  1 
ATOM   850  O  OE1 . GLU A 1 131 ? 12.604  0.443   1.264   1.00 48.58 ? 411 GLU F OE1 1 
ATOM   851  O  OE2 . GLU A 1 131 ? 13.046  -1.099  -0.228  1.00 47.91 ? 411 GLU F OE2 1 
ATOM   852  N  N   . ILE A 1 132 ? 9.805   3.819   -2.374  1.00 43.79 ? 412 ILE F N   1 
ATOM   853  C  CA  . ILE A 1 132 ? 8.607   3.647   -3.163  1.00 43.04 ? 412 ILE F CA  1 
ATOM   854  C  C   . ILE A 1 132 ? 8.897   4.136   -4.593  1.00 43.49 ? 412 ILE F C   1 
ATOM   855  O  O   . ILE A 1 132 ? 8.546   3.472   -5.568  1.00 43.42 ? 412 ILE F O   1 
ATOM   856  C  CB  . ILE A 1 132 ? 7.437   4.433   -2.558  1.00 41.68 ? 412 ILE F CB  1 
ATOM   857  C  CG1 . ILE A 1 132 ? 7.099   3.852   -1.181  1.00 41.34 ? 412 ILE F CG1 1 
ATOM   858  C  CG2 . ILE A 1 132 ? 6.247   4.389   -3.490  1.00 41.02 ? 412 ILE F CG2 1 
ATOM   859  C  CD1 . ILE A 1 132 ? 5.901   4.496   -0.493  1.00 40.49 ? 412 ILE F CD1 1 
ATOM   860  N  N   . GLN A 1 133 ? 9.559   5.286   -4.707  1.00 44.09 ? 413 GLN F N   1 
ATOM   861  C  CA  . GLN A 1 133 ? 9.893   5.859   -6.004  1.00 44.91 ? 413 GLN F CA  1 
ATOM   862  C  C   . GLN A 1 133 ? 10.742  4.899   -6.810  1.00 44.33 ? 413 GLN F C   1 
ATOM   863  O  O   . GLN A 1 133 ? 10.505  4.687   -7.994  1.00 43.78 ? 413 GLN F O   1 
ATOM   864  C  CB  . GLN A 1 133 ? 10.651  7.178   -5.839  1.00 46.82 ? 413 GLN F CB  1 
ATOM   865  C  CG  . GLN A 1 133 ? 9.758   8.379   -5.568  1.00 49.34 ? 413 GLN F CG  1 
ATOM   866  C  CD  . GLN A 1 133 ? 8.653   8.520   -6.599  1.00 51.15 ? 413 GLN F CD  1 
ATOM   867  O  OE1 . GLN A 1 133 ? 8.898   8.424   -7.810  1.00 52.29 ? 413 GLN F OE1 1 
ATOM   868  N  NE2 . GLN A 1 133 ? 7.425   8.754   -6.129  1.00 51.73 ? 413 GLN F NE2 1 
ATOM   869  N  N   . GLU A 1 134 ? 11.739  4.327   -6.154  1.00 43.98 ? 414 GLU F N   1 
ATOM   870  C  CA  . GLU A 1 134 ? 12.622  3.380   -6.803  1.00 43.81 ? 414 GLU F CA  1 
ATOM   871  C  C   . GLU A 1 134 ? 11.797  2.194   -7.333  1.00 42.93 ? 414 GLU F C   1 
ATOM   872  O  O   . GLU A 1 134 ? 11.984  1.760   -8.471  1.00 42.92 ? 414 GLU F O   1 
ATOM   873  C  CB  . GLU A 1 134 ? 13.653  2.901   -5.796  1.00 45.79 ? 414 GLU F CB  1 
ATOM   874  C  CG  . GLU A 1 134 ? 14.839  2.221   -6.407  1.00 49.14 ? 414 GLU F CG  1 
ATOM   875  C  CD  . GLU A 1 134 ? 15.507  1.293   -5.424  1.00 51.37 ? 414 GLU F CD  1 
ATOM   876  O  OE1 . GLU A 1 134 ? 15.801  1.744   -4.283  1.00 52.43 ? 414 GLU F OE1 1 
ATOM   877  O  OE2 . GLU A 1 134 ? 15.731  0.113   -5.796  1.00 52.83 ? 414 GLU F OE2 1 
ATOM   878  N  N   . GLN A 1 135 ? 10.882  1.679   -6.510  1.00 41.28 ? 415 GLN F N   1 
ATOM   879  C  CA  . GLN A 1 135 ? 10.023  0.579   -6.924  1.00 39.33 ? 415 GLN F CA  1 
ATOM   880  C  C   . GLN A 1 135 ? 9.147   1.029   -8.095  1.00 38.51 ? 415 GLN F C   1 
ATOM   881  O  O   . GLN A 1 135 ? 8.872   0.252   -9.011  1.00 37.11 ? 415 GLN F O   1 
ATOM   882  C  CB  . GLN A 1 135 ? 9.144   0.113   -5.758  1.00 39.22 ? 415 GLN F CB  1 
ATOM   883  C  CG  . GLN A 1 135 ? 9.943   -0.455  -4.561  1.00 38.50 ? 415 GLN F CG  1 
ATOM   884  C  CD  . GLN A 1 135 ? 9.049   -0.985  -3.456  1.00 37.91 ? 415 GLN F CD  1 
ATOM   885  O  OE1 . GLN A 1 135 ? 7.867   -0.643  -3.389  1.00 38.87 ? 415 GLN F OE1 1 
ATOM   886  N  NE2 . GLN A 1 135 ? 9.608   -1.808  -2.574  1.00 37.06 ? 415 GLN F NE2 1 
ATOM   887  N  N   . ILE A 1 136 ? 8.703   2.282   -8.063  1.00 37.78 ? 416 ILE F N   1 
ATOM   888  C  CA  . ILE A 1 136 ? 7.893   2.806   -9.153  1.00 38.26 ? 416 ILE F CA  1 
ATOM   889  C  C   . ILE A 1 136 ? 8.717   2.758   -10.451 1.00 38.64 ? 416 ILE F C   1 
ATOM   890  O  O   . ILE A 1 136 ? 8.211   2.379   -11.504 1.00 37.79 ? 416 ILE F O   1 
ATOM   891  C  CB  . ILE A 1 136 ? 7.412   4.252   -8.856  1.00 38.12 ? 416 ILE F CB  1 
ATOM   892  C  CG1 . ILE A 1 136 ? 6.098   4.184   -8.070  1.00 38.77 ? 416 ILE F CG1 1 
ATOM   893  C  CG2 . ILE A 1 136 ? 7.230   5.042   -10.160 1.00 38.29 ? 416 ILE F CG2 1 
ATOM   894  C  CD1 . ILE A 1 136 ? 5.550   5.524   -7.620  1.00 38.99 ? 416 ILE F CD1 1 
ATOM   895  N  N   . HIS A 1 137 ? 9.992   3.117   -10.358 1.00 39.01 ? 417 HIS F N   1 
ATOM   896  C  CA  . HIS A 1 137 ? 10.881  3.082   -11.514 1.00 40.24 ? 417 HIS F CA  1 
ATOM   897  C  C   . HIS A 1 137 ? 11.011  1.630   -12.002 1.00 39.77 ? 417 HIS F C   1 
ATOM   898  O  O   . HIS A 1 137 ? 10.912  1.333   -13.199 1.00 39.33 ? 417 HIS F O   1 
ATOM   899  C  CB  . HIS A 1 137 ? 12.270  3.629   -11.123 1.00 42.19 ? 417 HIS F CB  1 
ATOM   900  C  CG  . HIS A 1 137 ? 13.382  3.139   -12.005 1.00 44.80 ? 417 HIS F CG  1 
ATOM   901  N  ND1 . HIS A 1 137 ? 13.541  3.559   -13.313 1.00 45.76 ? 417 HIS F ND1 1 
ATOM   902  C  CD2 . HIS A 1 137 ? 14.335  2.197   -11.793 1.00 45.36 ? 417 HIS F CD2 1 
ATOM   903  C  CE1 . HIS A 1 137 ? 14.537  2.891   -13.869 1.00 46.26 ? 417 HIS F CE1 1 
ATOM   904  N  NE2 . HIS A 1 137 ? 15.036  2.058   -12.969 1.00 46.49 ? 417 HIS F NE2 1 
ATOM   905  N  N   . ASP A 1 138 ? 11.236  0.728   -11.056 1.00 39.08 ? 418 ASP F N   1 
ATOM   906  C  CA  . ASP A 1 138 ? 11.389  -0.674  -11.380 1.00 38.59 ? 418 ASP F CA  1 
ATOM   907  C  C   . ASP A 1 138 ? 10.194  -1.224  -12.127 1.00 37.94 ? 418 ASP F C   1 
ATOM   908  O  O   . ASP A 1 138 ? 10.354  -1.951  -13.103 1.00 37.78 ? 418 ASP F O   1 
ATOM   909  C  CB  . ASP A 1 138 ? 11.623  -1.479  -10.116 1.00 39.06 ? 418 ASP F CB  1 
ATOM   910  C  CG  . ASP A 1 138 ? 12.944  -1.178  -9.501  1.00 40.12 ? 418 ASP F CG  1 
ATOM   911  O  OD1 . ASP A 1 138 ? 13.919  -1.005  -10.273 1.00 40.72 ? 418 ASP F OD1 1 
ATOM   912  O  OD2 . ASP A 1 138 ? 13.017  -1.124  -8.257  1.00 40.92 ? 418 ASP F OD2 1 
ATOM   913  N  N   . TYR A 1 139 ? 8.996   -0.877  -11.673 1.00 37.42 ? 419 TYR F N   1 
ATOM   914  C  CA  . TYR A 1 139 ? 7.816   -1.372  -12.346 1.00 37.18 ? 419 TYR F CA  1 
ATOM   915  C  C   . TYR A 1 139 ? 7.691   -0.797  -13.754 1.00 37.48 ? 419 TYR F C   1 
ATOM   916  O  O   . TYR A 1 139 ? 7.276   -1.505  -14.670 1.00 37.34 ? 419 TYR F O   1 
ATOM   917  C  CB  . TYR A 1 139 ? 6.532   -1.089  -11.566 1.00 35.99 ? 419 TYR F CB  1 
ATOM   918  C  CG  . TYR A 1 139 ? 5.360   -1.752  -12.254 1.00 35.58 ? 419 TYR F CG  1 
ATOM   919  C  CD1 . TYR A 1 139 ? 5.376   -3.128  -12.495 1.00 34.59 ? 419 TYR F CD1 1 
ATOM   920  C  CD2 . TYR A 1 139 ? 4.306   -0.999  -12.788 1.00 35.12 ? 419 TYR F CD2 1 
ATOM   921  C  CE1 . TYR A 1 139 ? 4.394   -3.742  -13.260 1.00 34.83 ? 419 TYR F CE1 1 
ATOM   922  C  CE2 . TYR A 1 139 ? 3.304   -1.609  -13.566 1.00 34.97 ? 419 TYR F CE2 1 
ATOM   923  C  CZ  . TYR A 1 139 ? 3.370   -2.983  -13.800 1.00 34.71 ? 419 TYR F CZ  1 
ATOM   924  O  OH  . TYR A 1 139 ? 2.459   -3.596  -14.627 1.00 35.07 ? 419 TYR F OH  1 
ATOM   925  N  N   . ARG A 1 140 ? 8.045   0.475   -13.930 1.00 37.87 ? 420 ARG F N   1 
ATOM   926  C  CA  . ARG A 1 140 ? 7.961   1.079   -15.260 1.00 39.01 ? 420 ARG F CA  1 
ATOM   927  C  C   . ARG A 1 140 ? 8.921   0.357   -16.196 1.00 38.00 ? 420 ARG F C   1 
ATOM   928  O  O   . ARG A 1 140 ? 8.663   0.226   -17.383 1.00 38.40 ? 420 ARG F O   1 
ATOM   929  C  CB  . ARG A 1 140 ? 8.277   2.579   -15.206 1.00 41.25 ? 420 ARG F CB  1 
ATOM   930  C  CG  . ARG A 1 140 ? 7.064   3.433   -14.764 1.00 45.02 ? 420 ARG F CG  1 
ATOM   931  C  CD  . ARG A 1 140 ? 7.386   4.365   -13.586 1.00 47.90 ? 420 ARG F CD  1 
ATOM   932  N  NE  . ARG A 1 140 ? 8.095   5.576   -13.996 1.00 51.12 ? 420 ARG F NE  1 
ATOM   933  C  CZ  . ARG A 1 140 ? 7.582   6.472   -14.837 1.00 53.20 ? 420 ARG F CZ  1 
ATOM   934  N  NH1 . ARG A 1 140 ? 6.363   6.275   -15.341 1.00 54.08 ? 420 ARG F NH1 1 
ATOM   935  N  NH2 . ARG A 1 140 ? 8.278   7.558   -15.183 1.00 53.40 ? 420 ARG F NH2 1 
ATOM   936  N  N   . THR A 1 141 ? 10.031  -0.120  -15.654 1.00 36.97 ? 421 THR F N   1 
ATOM   937  C  CA  . THR A 1 141 ? 10.990  -0.856  -16.453 1.00 36.11 ? 421 THR F CA  1 
ATOM   938  C  C   . THR A 1 141 ? 10.308  -2.138  -16.939 1.00 35.90 ? 421 THR F C   1 
ATOM   939  O  O   . THR A 1 141 ? 10.446  -2.505  -18.099 1.00 35.53 ? 421 THR F O   1 
ATOM   940  C  CB  . THR A 1 141 ? 12.248  -1.199  -15.625 1.00 36.09 ? 421 THR F CB  1 
ATOM   941  O  OG1 . THR A 1 141 ? 12.942  0.012   -15.300 1.00 35.10 ? 421 THR F OG1 1 
ATOM   942  C  CG2 . THR A 1 141 ? 13.167  -2.137  -16.399 1.00 36.01 ? 421 THR F CG2 1 
ATOM   943  N  N   . LYS A 1 142 ? 9.571   -2.809  -16.050 1.00 35.75 ? 422 LYS F N   1 
ATOM   944  C  CA  . LYS A 1 142 ? 8.844   -4.039  -16.409 1.00 35.91 ? 422 LYS F CA  1 
ATOM   945  C  C   . LYS A 1 142 ? 7.870   -3.745  -17.555 1.00 35.72 ? 422 LYS F C   1 
ATOM   946  O  O   . LYS A 1 142 ? 7.696   -4.567  -18.459 1.00 34.85 ? 422 LYS F O   1 
ATOM   947  C  CB  . LYS A 1 142 ? 8.046   -4.583  -15.213 1.00 35.93 ? 422 LYS F CB  1 
ATOM   948  C  CG  . LYS A 1 142 ? 8.896   -5.043  -14.041 1.00 36.98 ? 422 LYS F CG  1 
ATOM   949  C  CD  . LYS A 1 142 ? 9.487   -6.396  -14.318 1.00 37.90 ? 422 LYS F CD  1 
ATOM   950  C  CE  . LYS A 1 142 ? 10.523  -6.796  -13.285 1.00 38.44 ? 422 LYS F CE  1 
ATOM   951  N  NZ  . LYS A 1 142 ? 10.968  -8.217  -13.543 1.00 39.11 ? 422 LYS F NZ  1 
ATOM   952  N  N   . ARG A 1 143 ? 7.233   -2.574  -17.507 1.00 35.73 ? 423 ARG F N   1 
ATOM   953  C  CA  . ARG A 1 143 ? 6.294   -2.178  -18.557 1.00 36.58 ? 423 ARG F CA  1 
ATOM   954  C  C   . ARG A 1 143 ? 7.064   -2.001  -19.888 1.00 36.65 ? 423 ARG F C   1 
ATOM   955  O  O   . ARG A 1 143 ? 6.679   -2.544  -20.932 1.00 36.26 ? 423 ARG F O   1 
ATOM   956  C  CB  . ARG A 1 143 ? 5.572   -0.878  -18.172 1.00 36.79 ? 423 ARG F CB  1 
ATOM   957  C  CG  . ARG A 1 143 ? 4.873   -0.945  -16.814 1.00 39.05 ? 423 ARG F CG  1 
ATOM   958  C  CD  . ARG A 1 143 ? 3.962   0.256   -16.529 1.00 39.85 ? 423 ARG F CD  1 
ATOM   959  N  NE  . ARG A 1 143 ? 2.694   0.175   -17.254 1.00 41.22 ? 423 ARG F NE  1 
ATOM   960  C  CZ  . ARG A 1 143 ? 2.240   1.115   -18.083 1.00 42.06 ? 423 ARG F CZ  1 
ATOM   961  N  NH1 . ARG A 1 143 ? 2.940   2.221   -18.294 1.00 42.50 ? 423 ARG F NH1 1 
ATOM   962  N  NH2 . ARG A 1 143 ? 1.103   0.935   -18.738 1.00 42.43 ? 423 ARG F NH2 1 
ATOM   963  N  N   . THR A 1 144 ? 8.152   -1.240  -19.840 1.00 36.65 ? 424 THR F N   1 
ATOM   964  C  CA  . THR A 1 144 ? 8.981   -1.016  -21.013 1.00 36.82 ? 424 THR F CA  1 
ATOM   965  C  C   . THR A 1 144 ? 9.402   -2.353  -21.630 1.00 36.86 ? 424 THR F C   1 
ATOM   966  O  O   . THR A 1 144 ? 9.607   -2.458  -22.847 1.00 36.92 ? 424 THR F O   1 
ATOM   967  C  CB  . THR A 1 144 ? 10.241  -0.228  -20.638 1.00 37.21 ? 424 THR F CB  1 
ATOM   968  O  OG1 . THR A 1 144 ? 9.865   1.085   -20.185 1.00 38.23 ? 424 THR F OG1 1 
ATOM   969  C  CG2 . THR A 1 144 ? 11.169  -0.106  -21.830 1.00 37.50 ? 424 THR F CG2 1 
ATOM   970  N  N   . LEU A 1 145 ? 9.532   -3.379  -20.789 1.00 36.67 ? 425 LEU F N   1 
ATOM   971  C  CA  . LEU A 1 145 ? 9.943   -4.698  -21.262 1.00 35.63 ? 425 LEU F CA  1 
ATOM   972  C  C   . LEU A 1 145 ? 8.776   -5.569  -21.691 1.00 36.04 ? 425 LEU F C   1 
ATOM   973  O  O   . LEU A 1 145 ? 8.962   -6.753  -21.998 1.00 36.70 ? 425 LEU F O   1 
ATOM   974  C  CB  . LEU A 1 145 ? 10.733  -5.418  -20.176 1.00 35.65 ? 425 LEU F CB  1 
ATOM   975  C  CG  . LEU A 1 145 ? 12.055  -4.781  -19.734 1.00 35.27 ? 425 LEU F CG  1 
ATOM   976  C  CD1 . LEU A 1 145 ? 12.620  -5.536  -18.566 1.00 34.15 ? 425 LEU F CD1 1 
ATOM   977  C  CD2 . LEU A 1 145 ? 13.053  -4.771  -20.897 1.00 36.02 ? 425 LEU F CD2 1 
ATOM   978  N  N   . GLY A 1 146 ? 7.577   -4.987  -21.711 1.00 35.60 ? 426 GLY F N   1 
ATOM   979  C  CA  . GLY A 1 146 ? 6.381   -5.715  -22.107 1.00 35.56 ? 426 GLY F CA  1 
ATOM   980  C  C   . GLY A 1 146 ? 5.944   -6.792  -21.131 1.00 35.81 ? 426 GLY F C   1 
ATOM   981  O  O   . GLY A 1 146 ? 5.370   -7.800  -21.538 1.00 36.40 ? 426 GLY F O   1 
ATOM   982  N  N   . LEU A 1 147 ? 6.193   -6.579  -19.843 1.00 35.23 ? 427 LEU F N   1 
ATOM   983  C  CA  . LEU A 1 147 ? 5.849   -7.570  -18.830 1.00 34.69 ? 427 LEU F CA  1 
ATOM   984  C  C   . LEU A 1 147 ? 4.621   -7.182  -18.006 1.00 34.46 ? 427 LEU F C   1 
ATOM   985  O  O   . LEU A 1 147 ? 4.279   -7.861  -17.048 1.00 34.98 ? 427 LEU F O   1 
ATOM   986  C  CB  . LEU A 1 147 ? 7.060   -7.797  -17.913 1.00 33.86 ? 427 LEU F CB  1 
ATOM   987  C  CG  . LEU A 1 147 ? 8.392   -8.116  -18.634 1.00 34.02 ? 427 LEU F CG  1 
ATOM   988  C  CD1 . LEU A 1 147 ? 9.521   -8.268  -17.626 1.00 32.75 ? 427 LEU F CD1 1 
ATOM   989  C  CD2 . LEU A 1 147 ? 8.250   -9.409  -19.466 1.00 32.72 ? 427 LEU F CD2 1 
ATOM   990  N  N   . GLY A 1 148 ? 3.954   -6.102  -18.392 1.00 34.48 ? 428 GLY F N   1 
ATOM   991  C  CA  . GLY A 1 148 ? 2.778   -5.639  -17.664 1.00 34.72 ? 428 GLY F CA  1 
ATOM   992  C  C   . GLY A 1 148 ? 1.632   -6.643  -17.563 1.00 34.59 ? 428 GLY F C   1 
ATOM   993  O  O   . GLY A 1 148 ? 0.906   -6.653  -16.564 1.00 34.64 ? 428 GLY F O   1 
ATOM   994  N  N   . SER A 1 149 ? 1.471   -7.489  -18.583 1.00 34.01 ? 429 SER F N   1 
ATOM   995  C  CA  . SER A 1 149 ? 0.408   -8.491  -18.581 1.00 33.39 ? 429 SER F CA  1 
ATOM   996  C  C   . SER A 1 149 ? 0.593   -9.507  -17.455 1.00 33.23 ? 429 SER F C   1 
ATOM   997  O  O   . SER A 1 149 ? -0.370  -10.110 -16.997 1.00 33.45 ? 429 SER F O   1 
ATOM   998  C  CB  . SER A 1 149 ? 0.347   -9.214  -19.927 1.00 33.16 ? 429 SER F CB  1 
ATOM   999  O  OG  . SER A 1 149 ? 1.370   -10.186 -20.047 1.00 33.80 ? 429 SER F OG  1 
ATOM   1000 N  N   . LEU A 1 150 ? 1.832   -9.689  -17.012 1.00 33.07 ? 430 LEU F N   1 
ATOM   1001 C  CA  . LEU A 1 150 ? 2.142   -10.621 -15.924 1.00 33.42 ? 430 LEU F CA  1 
ATOM   1002 C  C   . LEU A 1 150 ? 1.594   -10.114 -14.599 1.00 33.97 ? 430 LEU F C   1 
ATOM   1003 O  O   . LEU A 1 150 ? 1.491   -10.867 -13.629 1.00 34.13 ? 430 LEU F O   1 
ATOM   1004 C  CB  . LEU A 1 150 ? 3.656   -10.779 -15.768 1.00 32.49 ? 430 LEU F CB  1 
ATOM   1005 C  CG  . LEU A 1 150 ? 4.438   -11.349 -16.948 1.00 32.68 ? 430 LEU F CG  1 
ATOM   1006 C  CD1 . LEU A 1 150 ? 5.913   -11.540 -16.524 1.00 31.41 ? 430 LEU F CD1 1 
ATOM   1007 C  CD2 . LEU A 1 150 ? 3.780   -12.692 -17.387 1.00 31.48 ? 430 LEU F CD2 1 
ATOM   1008 N  N   . TYR A 1 151 ? 1.264   -8.828  -14.559 1.00 34.40 ? 431 TYR F N   1 
ATOM   1009 C  CA  . TYR A 1 151 ? 0.764   -8.220  -13.345 1.00 35.17 ? 431 TYR F CA  1 
ATOM   1010 C  C   . TYR A 1 151 ? -0.631  -7.633  -13.414 1.00 35.93 ? 431 TYR F C   1 
ATOM   1011 O  O   . TYR A 1 151 ? -0.966  -6.776  -12.599 1.00 35.96 ? 431 TYR F O   1 
ATOM   1012 C  CB  . TYR A 1 151 ? 1.736   -7.150  -12.900 1.00 35.79 ? 431 TYR F CB  1 
ATOM   1013 C  CG  . TYR A 1 151 ? 3.139   -7.673  -12.799 1.00 35.74 ? 431 TYR F CG  1 
ATOM   1014 C  CD1 . TYR A 1 151 ? 4.057   -7.488  -13.839 1.00 36.08 ? 431 TYR F CD1 1 
ATOM   1015 C  CD2 . TYR A 1 151 ? 3.547   -8.372  -11.670 1.00 36.11 ? 431 TYR F CD2 1 
ATOM   1016 C  CE1 . TYR A 1 151 ? 5.347   -7.983  -13.746 1.00 36.17 ? 431 TYR F CE1 1 
ATOM   1017 C  CE2 . TYR A 1 151 ? 4.823   -8.873  -11.567 1.00 36.66 ? 431 TYR F CE2 1 
ATOM   1018 C  CZ  . TYR A 1 151 ? 5.720   -8.676  -12.604 1.00 36.98 ? 431 TYR F CZ  1 
ATOM   1019 O  OH  . TYR A 1 151 ? 6.995   -9.197  -12.481 1.00 39.39 ? 431 TYR F OH  1 
ATOM   1020 N  N   . GLY A 1 152 ? -1.432  -8.085  -14.384 1.00 36.56 ? 432 GLY F N   1 
ATOM   1021 C  CA  . GLY A 1 152 ? -2.797  -7.610  -14.525 1.00 37.43 ? 432 GLY F CA  1 
ATOM   1022 C  C   . GLY A 1 152 ? -3.052  -6.456  -15.490 1.00 38.87 ? 432 GLY F C   1 
ATOM   1023 O  O   . GLY A 1 152 ? -4.186  -5.979  -15.596 1.00 38.88 ? 432 GLY F O   1 
ATOM   1024 N  N   . GLU A 1 153 ? -2.035  -6.005  -16.216 1.00 39.99 ? 433 GLU F N   1 
ATOM   1025 C  CA  . GLU A 1 153 ? -2.244  -4.873  -17.108 1.00 41.70 ? 433 GLU F CA  1 
ATOM   1026 C  C   . GLU A 1 153 ? -3.249  -5.098  -18.216 1.00 42.86 ? 433 GLU F C   1 
ATOM   1027 O  O   . GLU A 1 153 ? -3.734  -4.146  -18.807 1.00 43.23 ? 433 GLU F O   1 
ATOM   1028 C  CB  . GLU A 1 153 ? -0.915  -4.367  -17.675 1.00 41.69 ? 433 GLU F CB  1 
ATOM   1029 C  CG  . GLU A 1 153 ? -0.075  -3.705  -16.601 1.00 42.62 ? 433 GLU F CG  1 
ATOM   1030 C  CD  . GLU A 1 153 ? 0.712   -2.520  -17.103 1.00 42.81 ? 433 GLU F CD  1 
ATOM   1031 O  OE1 . GLU A 1 153 ? 0.282   -1.918  -18.101 1.00 43.59 ? 433 GLU F OE1 1 
ATOM   1032 O  OE2 . GLU A 1 153 ? 1.747   -2.180  -16.495 1.00 43.06 ? 433 GLU F OE2 1 
ATOM   1033 N  N   . ASN A 1 154 ? -3.585  -6.347  -18.499 1.00 44.59 ? 434 ASN F N   1 
ATOM   1034 C  CA  . ASN A 1 154 ? -4.581  -6.595  -19.527 1.00 46.35 ? 434 ASN F CA  1 
ATOM   1035 C  C   . ASN A 1 154 ? -5.908  -6.018  -19.079 1.00 47.31 ? 434 ASN F C   1 
ATOM   1036 O  O   . ASN A 1 154 ? -6.593  -5.347  -19.846 1.00 47.49 ? 434 ASN F O   1 
ATOM   1037 C  CB  . ASN A 1 154 ? -4.735  -8.091  -19.780 1.00 46.84 ? 434 ASN F CB  1 
ATOM   1038 C  CG  . ASN A 1 154 ? -3.772  -8.588  -20.827 1.00 47.78 ? 434 ASN F CG  1 
ATOM   1039 O  OD1 . ASN A 1 154 ? -2.871  -7.858  -21.253 1.00 47.83 ? 434 ASN F OD1 1 
ATOM   1040 N  ND2 . ASN A 1 154 ? -3.950  -9.833  -21.257 1.00 48.45 ? 434 ASN F ND2 1 
ATOM   1041 N  N   . ASP A 1 155 ? -6.255  -6.269  -17.819 1.00 48.28 ? 435 ASP F N   1 
ATOM   1042 C  CA  . ASP A 1 155 ? -7.510  -5.793  -17.268 1.00 49.28 ? 435 ASP F CA  1 
ATOM   1043 C  C   . ASP A 1 155 ? -7.628  -4.286  -17.339 1.00 50.18 ? 435 ASP F C   1 
ATOM   1044 O  O   . ASP A 1 155 ? -8.728  -3.760  -17.314 1.00 50.64 ? 435 ASP F O   1 
ATOM   1045 C  CB  . ASP A 1 155 ? -7.654  -6.251  -15.820 1.00 48.76 ? 435 ASP F CB  1 
ATOM   1046 C  CG  . ASP A 1 155 ? -7.394  -7.735  -15.658 1.00 48.48 ? 435 ASP F CG  1 
ATOM   1047 O  OD1 . ASP A 1 155 ? -7.805  -8.494  -16.559 1.00 47.17 ? 435 ASP F OD1 1 
ATOM   1048 O  OD2 . ASP A 1 155 ? -6.787  -8.136  -14.632 1.00 48.11 ? 435 ASP F OD2 1 
ATOM   1049 N  N   . LEU A 1 156 ? -6.498  -3.589  -17.428 1.00 51.36 ? 436 LEU F N   1 
ATOM   1050 C  CA  . LEU A 1 156 ? -6.514  -2.131  -17.502 1.00 52.25 ? 436 LEU F CA  1 
ATOM   1051 C  C   . LEU A 1 156 ? -7.141  -1.678  -18.811 1.00 53.54 ? 436 LEU F C   1 
ATOM   1052 O  O   . LEU A 1 156 ? -7.661  -0.568  -18.904 1.00 53.31 ? 436 LEU F O   1 
ATOM   1053 C  CB  . LEU A 1 156 ? -5.097  -1.558  -17.395 1.00 51.61 ? 436 LEU F CB  1 
ATOM   1054 C  CG  . LEU A 1 156 ? -4.377  -1.641  -16.046 1.00 51.13 ? 436 LEU F CG  1 
ATOM   1055 C  CD1 . LEU A 1 156 ? -3.157  -0.748  -16.087 1.00 51.10 ? 436 LEU F CD1 1 
ATOM   1056 C  CD2 . LEU A 1 156 ? -5.293  -1.196  -14.927 1.00 51.00 ? 436 LEU F CD2 1 
ATOM   1057 N  N   . LEU A 1 157 ? -7.078  -2.542  -19.822 1.00 55.12 ? 437 LEU F N   1 
ATOM   1058 C  CA  . LEU A 1 157 ? -7.645  -2.232  -21.124 1.00 57.00 ? 437 LEU F CA  1 
ATOM   1059 C  C   . LEU A 1 157 ? -9.153  -2.105  -20.980 1.00 58.27 ? 437 LEU F C   1 
ATOM   1060 O  O   . LEU A 1 157 ? -9.785  -1.321  -21.679 1.00 58.54 ? 437 LEU F O   1 
ATOM   1061 C  CB  . LEU A 1 157 ? -7.320  -3.340  -22.125 1.00 57.16 ? 437 LEU F CB  1 
ATOM   1062 C  CG  . LEU A 1 157 ? -5.834  -3.624  -22.368 1.00 57.60 ? 437 LEU F CG  1 
ATOM   1063 C  CD1 . LEU A 1 157 ? -5.697  -4.835  -23.276 1.00 57.56 ? 437 LEU F CD1 1 
ATOM   1064 C  CD2 . LEU A 1 157 ? -5.150  -2.400  -22.985 1.00 57.65 ? 437 LEU F CD2 1 
ATOM   1065 N  N   . ASP A 1 158 ? -9.715  -2.881  -20.059 1.00 59.53 ? 438 ASP F N   1 
ATOM   1066 C  CA  . ASP A 1 158 ? -11.145 -2.877  -19.802 1.00 60.80 ? 438 ASP F CA  1 
ATOM   1067 C  C   . ASP A 1 158 ? -11.705 -1.588  -19.206 1.00 61.52 ? 438 ASP F C   1 
ATOM   1068 O  O   . ASP A 1 158 ? -12.907 -1.340  -19.279 1.00 61.94 ? 438 ASP F O   1 
ATOM   1069 C  CB  . ASP A 1 158 ? -11.502 -4.052  -18.896 1.00 61.22 ? 438 ASP F CB  1 
ATOM   1070 C  CG  . ASP A 1 158 ? -11.768 -5.314  -19.677 1.00 62.04 ? 438 ASP F CG  1 
ATOM   1071 O  OD1 . ASP A 1 158 ? -10.994 -5.602  -20.613 1.00 62.49 ? 438 ASP F OD1 1 
ATOM   1072 O  OD2 . ASP A 1 158 ? -12.750 -6.017  -19.356 1.00 62.48 ? 438 ASP F OD2 1 
ATOM   1073 N  N   . LEU A 1 159 ? -10.850 -0.764  -18.617 1.00 62.21 ? 439 LEU F N   1 
ATOM   1074 C  CA  . LEU A 1 159 ? -11.323 0.480   -18.025 1.00 62.79 ? 439 LEU F CA  1 
ATOM   1075 C  C   . LEU A 1 159 ? -11.944 1.398   -19.071 1.00 63.58 ? 439 LEU F C   1 
ATOM   1076 O  O   . LEU A 1 159 ? -11.364 1.632   -20.132 1.00 63.81 ? 439 LEU F O   1 
ATOM   1077 C  CB  . LEU A 1 159 ? -10.176 1.208   -17.328 1.00 62.31 ? 439 LEU F CB  1 
ATOM   1078 C  CG  . LEU A 1 159 ? -9.557  0.522   -16.115 1.00 61.71 ? 439 LEU F CG  1 
ATOM   1079 C  CD1 . LEU A 1 159 ? -8.458  1.400   -15.584 1.00 61.41 ? 439 LEU F CD1 1 
ATOM   1080 C  CD2 . LEU A 1 159 ? -10.605 0.275   -15.045 1.00 61.49 ? 439 LEU F CD2 1 
ATOM   1081 N  N   . ASP A 1 160 ? -13.126 1.920   -18.762 1.00 64.54 ? 440 ASP F N   1 
ATOM   1082 C  CA  . ASP A 1 160 ? -13.829 2.822   -19.669 1.00 65.27 ? 440 ASP F CA  1 
ATOM   1083 C  C   . ASP A 1 160 ? -14.394 4.037   -18.930 1.00 65.43 ? 440 ASP F C   1 
ATOM   1084 O  O   . ASP A 1 160 ? -15.580 4.338   -19.050 1.00 66.03 ? 440 ASP F O   1 
ATOM   1085 C  CB  . ASP A 1 160 ? -14.969 2.080   -20.372 1.00 65.59 ? 440 ASP F CB  1 
ATOM   1086 C  CG  . ASP A 1 160 ? -15.942 1.442   -19.392 1.00 66.44 ? 440 ASP F CG  1 
ATOM   1087 O  OD1 . ASP A 1 160 ? -16.312 2.107   -18.393 1.00 66.39 ? 440 ASP F OD1 1 
ATOM   1088 O  OD2 . ASP A 1 160 ? -16.343 0.277   -19.622 1.00 66.77 ? 440 ASP F OD2 1 
ATOM   1089 N  N   . GLY A 1 161 ? -13.552 4.724   -18.161 1.00 65.28 ? 441 GLY F N   1 
ATOM   1090 C  CA  . GLY A 1 161 ? -13.995 5.901   -17.426 1.00 65.07 ? 441 GLY F CA  1 
ATOM   1091 C  C   . GLY A 1 161 ? -15.105 5.678   -16.406 1.00 65.12 ? 441 GLY F C   1 
ATOM   1092 O  O   . GLY A 1 161 ? -15.244 6.452   -15.458 1.00 65.22 ? 441 GLY F O   1 
ATOM   1093 N  N   . ASP A 1 162 ? -15.892 4.626   -16.607 1.00 64.83 ? 442 ASP F N   1 
ATOM   1094 C  CA  . ASP A 1 162 ? -17.003 4.270   -15.725 1.00 64.60 ? 442 ASP F CA  1 
ATOM   1095 C  C   . ASP A 1 162 ? -16.508 3.689   -14.389 1.00 63.96 ? 442 ASP F C   1 
ATOM   1096 O  O   . ASP A 1 162 ? -15.887 2.626   -14.358 1.00 63.92 ? 442 ASP F O   1 
ATOM   1097 C  CB  . ASP A 1 162 ? -17.886 3.245   -16.452 1.00 65.47 ? 442 ASP F CB  1 
ATOM   1098 C  CG  . ASP A 1 162 ? -19.092 2.817   -15.646 1.00 66.21 ? 442 ASP F CG  1 
ATOM   1099 O  OD1 . ASP A 1 162 ? -19.800 1.898   -16.109 1.00 66.47 ? 442 ASP F OD1 1 
ATOM   1100 O  OD2 . ASP A 1 162 ? -19.338 3.392   -14.560 1.00 67.11 ? 442 ASP F OD2 1 
ATOM   1101 N  N   . PRO A 1 163 ? -16.782 4.380   -13.265 1.00 63.33 ? 443 PRO F N   1 
ATOM   1102 C  CA  . PRO A 1 163 ? -16.361 3.924   -11.932 1.00 62.62 ? 443 PRO F CA  1 
ATOM   1103 C  C   . PRO A 1 163 ? -16.719 2.465   -11.634 1.00 61.95 ? 443 PRO F C   1 
ATOM   1104 O  O   . PRO A 1 163 ? -15.986 1.772   -10.931 1.00 61.65 ? 443 PRO F O   1 
ATOM   1105 C  CB  . PRO A 1 163 ? -17.067 4.902   -10.996 1.00 62.60 ? 443 PRO F CB  1 
ATOM   1106 C  CG  . PRO A 1 163 ? -17.091 6.163   -11.799 1.00 62.84 ? 443 PRO F CG  1 
ATOM   1107 C  CD  . PRO A 1 163 ? -17.503 5.662   -13.171 1.00 63.19 ? 443 PRO F CD  1 
ATOM   1108 N  N   . LEU A 1 164 ? -17.846 2.003   -12.167 1.00 61.35 ? 444 LEU F N   1 
ATOM   1109 C  CA  . LEU A 1 164 ? -18.275 0.625   -11.957 1.00 60.80 ? 444 LEU F CA  1 
ATOM   1110 C  C   . LEU A 1 164 ? -17.235 -0.317  -12.544 1.00 60.52 ? 444 LEU F C   1 
ATOM   1111 O  O   . LEU A 1 164 ? -16.929 -1.374  -11.982 1.00 60.23 ? 444 LEU F O   1 
ATOM   1112 C  CB  . LEU A 1 164 ? -19.616 0.367   -12.643 1.00 60.77 ? 444 LEU F CB  1 
ATOM   1113 C  CG  . LEU A 1 164 ? -20.104 -1.080  -12.567 1.00 60.30 ? 444 LEU F CG  1 
ATOM   1114 C  CD1 . LEU A 1 164 ? -20.471 -1.421  -11.136 1.00 60.37 ? 444 LEU F CD1 1 
ATOM   1115 C  CD2 . LEU A 1 164 ? -21.295 -1.267  -13.481 1.00 60.68 ? 444 LEU F CD2 1 
ATOM   1116 N  N   . ARG A 1 165 ? -16.704 0.081   -13.693 1.00 59.96 ? 445 ARG F N   1 
ATOM   1117 C  CA  . ARG A 1 165 ? -15.701 -0.700  -14.386 1.00 59.57 ? 445 ARG F CA  1 
ATOM   1118 C  C   . ARG A 1 165 ? -14.411 -0.741  -13.573 1.00 58.81 ? 445 ARG F C   1 
ATOM   1119 O  O   . ARG A 1 165 ? -13.815 -1.798  -13.385 1.00 58.74 ? 445 ARG F O   1 
ATOM   1120 C  CB  . ARG A 1 165 ? -15.421 -0.079  -15.752 1.00 60.25 ? 445 ARG F CB  1 
ATOM   1121 C  CG  . ARG A 1 165 ? -14.607 -0.958  -16.668 1.00 61.40 ? 445 ARG F CG  1 
ATOM   1122 C  CD  . ARG A 1 165 ? -15.370 -2.228  -16.984 1.00 62.60 ? 445 ARG F CD  1 
ATOM   1123 N  NE  . ARG A 1 165 ? -15.366 -2.503  -18.416 1.00 63.92 ? 445 ARG F NE  1 
ATOM   1124 C  CZ  . ARG A 1 165 ? -16.041 -3.492  -18.990 1.00 64.36 ? 445 ARG F CZ  1 
ATOM   1125 N  NH1 . ARG A 1 165 ? -16.780 -4.309  -18.251 1.00 64.48 ? 445 ARG F NH1 1 
ATOM   1126 N  NH2 . ARG A 1 165 ? -15.975 -3.663  -20.305 1.00 64.92 ? 445 ARG F NH2 1 
ATOM   1127 N  N   . GLU A 1 166 ? -13.992 0.420   -13.086 1.00 57.74 ? 446 GLU F N   1 
ATOM   1128 C  CA  . GLU A 1 166 ? -12.767 0.511   -12.324 1.00 56.87 ? 446 GLU F CA  1 
ATOM   1129 C  C   . GLU A 1 166 ? -12.807 -0.312  -11.054 1.00 56.36 ? 446 GLU F C   1 
ATOM   1130 O  O   . GLU A 1 166 ? -11.784 -0.851  -10.625 1.00 56.41 ? 446 GLU F O   1 
ATOM   1131 C  CB  . GLU A 1 166 ? -12.456 1.962   -11.981 1.00 56.93 ? 446 GLU F CB  1 
ATOM   1132 C  CG  . GLU A 1 166 ? -11.098 2.128   -11.338 1.00 57.60 ? 446 GLU F CG  1 
ATOM   1133 C  CD  . GLU A 1 166 ? -10.646 3.564   -11.299 1.00 57.79 ? 446 GLU F CD  1 
ATOM   1134 O  OE1 . GLU A 1 166 ? -11.376 4.393   -10.723 1.00 58.53 ? 446 GLU F OE1 1 
ATOM   1135 O  OE2 . GLU A 1 166 ? -9.564  3.863   -11.840 1.00 57.66 ? 446 GLU F OE2 1 
ATOM   1136 N  N   . ARG A 1 167 ? -13.981 -0.403  -10.443 1.00 55.32 ? 447 ARG F N   1 
ATOM   1137 C  CA  . ARG A 1 167 ? -14.111 -1.183  -9.228  1.00 54.29 ? 447 ARG F CA  1 
ATOM   1138 C  C   . ARG A 1 167 ? -13.950 -2.647  -9.588  1.00 53.14 ? 447 ARG F C   1 
ATOM   1139 O  O   . ARG A 1 167 ? -13.337 -3.416  -8.854  1.00 52.85 ? 447 ARG F O   1 
ATOM   1140 C  CB  . ARG A 1 167 ? -15.472 -0.945  -8.568  1.00 54.63 ? 447 ARG F CB  1 
ATOM   1141 C  CG  . ARG A 1 167 ? -15.916 -2.086  -7.677  1.00 55.69 ? 447 ARG F CG  1 
ATOM   1142 C  CD  . ARG A 1 167 ? -16.607 -1.608  -6.405  1.00 57.02 ? 447 ARG F CD  1 
ATOM   1143 N  NE  . ARG A 1 167 ? -17.189 -2.741  -5.679  1.00 58.09 ? 447 ARG F NE  1 
ATOM   1144 C  CZ  . ARG A 1 167 ? -17.412 -2.766  -4.370  1.00 58.61 ? 447 ARG F CZ  1 
ATOM   1145 N  NH1 . ARG A 1 167 ? -17.107 -1.712  -3.622  1.00 58.88 ? 447 ARG F NH1 1 
ATOM   1146 N  NH2 . ARG A 1 167 ? -17.917 -3.857  -3.805  1.00 58.99 ? 447 ARG F NH2 1 
ATOM   1147 N  N   . GLN A 1 168 ? -14.495 -3.021  -10.736 1.00 51.90 ? 448 GLN F N   1 
ATOM   1148 C  CA  . GLN A 1 168 ? -14.417 -4.397  -11.190 1.00 51.38 ? 448 GLN F CA  1 
ATOM   1149 C  C   . GLN A 1 168 ? -12.998 -4.819  -11.556 1.00 50.33 ? 448 GLN F C   1 
ATOM   1150 O  O   . GLN A 1 168 ? -12.592 -5.939  -11.265 1.00 50.07 ? 448 GLN F O   1 
ATOM   1151 C  CB  . GLN A 1 168 ? -15.354 -4.602  -12.379 1.00 51.87 ? 448 GLN F CB  1 
ATOM   1152 C  CG  . GLN A 1 168 ? -16.819 -4.585  -11.983 1.00 53.10 ? 448 GLN F CG  1 
ATOM   1153 C  CD  . GLN A 1 168 ? -17.746 -4.699  -13.176 1.00 54.02 ? 448 GLN F CD  1 
ATOM   1154 O  OE1 . GLN A 1 168 ? -17.722 -3.849  -14.077 1.00 54.60 ? 448 GLN F OE1 1 
ATOM   1155 N  NE2 . GLN A 1 168 ? -18.569 -5.748  -13.195 1.00 53.48 ? 448 GLN F NE2 1 
ATOM   1156 N  N   . VAL A 1 169 ? -12.251 -3.928  -12.195 1.00 49.26 ? 449 VAL F N   1 
ATOM   1157 C  CA  . VAL A 1 169 ? -10.881 -4.239  -12.572 1.00 48.68 ? 449 VAL F CA  1 
ATOM   1158 C  C   . VAL A 1 169 ? -10.014 -4.289  -11.315 1.00 48.13 ? 449 VAL F C   1 
ATOM   1159 O  O   . VAL A 1 169 ? -9.189  -5.187  -11.160 1.00 47.67 ? 449 VAL F O   1 
ATOM   1160 C  CB  . VAL A 1 169 ? -10.299 -3.183  -13.539 1.00 48.50 ? 449 VAL F CB  1 
ATOM   1161 C  CG1 . VAL A 1 169 ? -8.815  -3.462  -13.783 1.00 48.65 ? 449 VAL F CG1 1 
ATOM   1162 C  CG2 . VAL A 1 169 ? -11.065 -3.205  -14.862 1.00 48.47 ? 449 VAL F CG2 1 
ATOM   1163 N  N   . ALA A 1 170 ? -10.227 -3.332  -10.416 1.00 47.34 ? 450 ALA F N   1 
ATOM   1164 C  CA  . ALA A 1 170 ? -9.459  -3.269  -9.179  1.00 47.06 ? 450 ALA F CA  1 
ATOM   1165 C  C   . ALA A 1 170 ? -9.692  -4.526  -8.363  1.00 46.90 ? 450 ALA F C   1 
ATOM   1166 O  O   . ALA A 1 170 ? -8.771  -5.085  -7.775  1.00 47.12 ? 450 ALA F O   1 
ATOM   1167 C  CB  . ALA A 1 170 ? -9.859  -2.060  -8.372  1.00 46.65 ? 450 ALA F CB  1 
ATOM   1168 N  N   . GLU A 1 171 ? -10.940 -4.961  -8.337  1.00 46.46 ? 451 GLU F N   1 
ATOM   1169 C  CA  . GLU A 1 171 ? -11.331 -6.143  -7.595  1.00 45.97 ? 451 GLU F CA  1 
ATOM   1170 C  C   . GLU A 1 171 ? -10.568 -7.369  -8.094  1.00 44.70 ? 451 GLU F C   1 
ATOM   1171 O  O   . GLU A 1 171 ? -10.098 -8.181  -7.301  1.00 44.67 ? 451 GLU F O   1 
ATOM   1172 C  CB  . GLU A 1 171 ? -12.834 -6.360  -7.763  1.00 47.26 ? 451 GLU F CB  1 
ATOM   1173 C  CG  . GLU A 1 171 ? -13.526 -6.956  -6.559  1.00 50.08 ? 451 GLU F CG  1 
ATOM   1174 C  CD  . GLU A 1 171 ? -14.936 -7.405  -6.888  1.00 51.79 ? 451 GLU F CD  1 
ATOM   1175 O  OE1 . GLU A 1 171 ? -15.704 -6.588  -7.460  1.00 52.45 ? 451 GLU F OE1 1 
ATOM   1176 O  OE2 . GLU A 1 171 ? -15.272 -8.573  -6.575  1.00 52.77 ? 451 GLU F OE2 1 
ATOM   1177 N  N   . LYS A 1 172 ? -10.450 -7.493  -9.411  1.00 43.47 ? 452 LYS F N   1 
ATOM   1178 C  CA  . LYS A 1 172 ? -9.749  -8.617  -10.025 1.00 42.47 ? 452 LYS F CA  1 
ATOM   1179 C  C   . LYS A 1 172 ? -8.289  -8.651  -9.573  1.00 41.03 ? 452 LYS F C   1 
ATOM   1180 O  O   . LYS A 1 172 ? -7.692  -9.725  -9.425  1.00 40.68 ? 452 LYS F O   1 
ATOM   1181 C  CB  . LYS A 1 172 ? -9.824  -8.506  -11.553 1.00 43.84 ? 452 LYS F CB  1 
ATOM   1182 C  CG  . LYS A 1 172 ? -9.168  -9.666  -12.282 1.00 45.05 ? 452 LYS F CG  1 
ATOM   1183 C  CD  . LYS A 1 172 ? -9.368  -9.578  -13.798 1.00 46.78 ? 452 LYS F CD  1 
ATOM   1184 C  CE  . LYS A 1 172 ? -8.670  -10.751 -14.513 1.00 47.51 ? 452 LYS F CE  1 
ATOM   1185 N  NZ  . LYS A 1 172 ? -8.693  -10.666 -16.018 1.00 47.60 ? 452 LYS F NZ  1 
ATOM   1186 N  N   . GLN A 1 173 ? -7.723  -7.469  -9.358  1.00 39.09 ? 453 GLN F N   1 
ATOM   1187 C  CA  . GLN A 1 173 ? -6.352  -7.349  -8.901  1.00 37.79 ? 453 GLN F CA  1 
ATOM   1188 C  C   . GLN A 1 173 ? -6.265  -7.788  -7.448  1.00 37.26 ? 453 GLN F C   1 
ATOM   1189 O  O   . GLN A 1 173 ? -5.336  -8.493  -7.049  1.00 36.86 ? 453 GLN F O   1 
ATOM   1190 C  CB  . GLN A 1 173 ? -5.866  -5.899  -9.010  1.00 37.36 ? 453 GLN F CB  1 
ATOM   1191 C  CG  . GLN A 1 173 ? -6.040  -5.267  -10.382 1.00 37.18 ? 453 GLN F CG  1 
ATOM   1192 C  CD  . GLN A 1 173 ? -5.610  -6.194  -11.512 1.00 37.31 ? 453 GLN F CD  1 
ATOM   1193 O  OE1 . GLN A 1 173 ? -4.500  -6.731  -11.504 1.00 37.20 ? 453 GLN F OE1 1 
ATOM   1194 N  NE2 . GLN A 1 173 ? -6.492  -6.384  -12.490 1.00 37.24 ? 453 GLN F NE2 1 
ATOM   1195 N  N   . LEU A 1 174 ? -7.236  -7.363  -6.649  1.00 36.49 ? 454 LEU F N   1 
ATOM   1196 C  CA  . LEU A 1 174 ? -7.224  -7.705  -5.240  1.00 35.81 ? 454 LEU F CA  1 
ATOM   1197 C  C   . LEU A 1 174 ? -7.297  -9.220  -5.089  1.00 35.18 ? 454 LEU F C   1 
ATOM   1198 O  O   . LEU A 1 174 ? -6.629  -9.806  -4.242  1.00 34.65 ? 454 LEU F O   1 
ATOM   1199 C  CB  . LEU A 1 174 ? -8.388  -7.014  -4.529  1.00 36.74 ? 454 LEU F CB  1 
ATOM   1200 C  CG  . LEU A 1 174 ? -8.561  -7.285  -3.029  1.00 37.81 ? 454 LEU F CG  1 
ATOM   1201 C  CD1 . LEU A 1 174 ? -7.223  -7.132  -2.311  1.00 37.55 ? 454 LEU F CD1 1 
ATOM   1202 C  CD2 . LEU A 1 174 ? -9.615  -6.309  -2.454  1.00 37.82 ? 454 LEU F CD2 1 
ATOM   1203 N  N   . ALA A 1 175 ? -8.105  -9.855  -5.928  1.00 34.46 ? 455 ALA F N   1 
ATOM   1204 C  CA  . ALA A 1 175 ? -8.240  -11.307 -5.893  1.00 33.82 ? 455 ALA F CA  1 
ATOM   1205 C  C   . ALA A 1 175 ? -6.896  -11.949 -6.243  1.00 32.93 ? 455 ALA F C   1 
ATOM   1206 O  O   . ALA A 1 175 ? -6.499  -12.941 -5.640  1.00 32.92 ? 455 ALA F O   1 
ATOM   1207 C  CB  . ALA A 1 175 ? -9.305  -11.763 -6.894  1.00 33.08 ? 455 ALA F CB  1 
ATOM   1208 N  N   . ALA A 1 176 ? -6.210  -11.379 -7.227  1.00 32.29 ? 456 ALA F N   1 
ATOM   1209 C  CA  . ALA A 1 176 ? -4.925  -11.907 -7.656  1.00 31.88 ? 456 ALA F CA  1 
ATOM   1210 C  C   . ALA A 1 176 ? -3.857  -11.704 -6.560  1.00 32.45 ? 456 ALA F C   1 
ATOM   1211 O  O   . ALA A 1 176 ? -2.984  -12.563 -6.374  1.00 32.48 ? 456 ALA F O   1 
ATOM   1212 C  CB  . ALA A 1 176 ? -4.504  -11.244 -8.953  1.00 30.70 ? 456 ALA F CB  1 
ATOM   1213 N  N   . LEU A 1 177 ? -3.941  -10.592 -5.824  1.00 31.83 ? 457 LEU F N   1 
ATOM   1214 C  CA  . LEU A 1 177 ? -2.976  -10.316 -4.763  1.00 32.40 ? 457 LEU F CA  1 
ATOM   1215 C  C   . LEU A 1 177 ? -3.129  -11.326 -3.636  1.00 32.77 ? 457 LEU F C   1 
ATOM   1216 O  O   . LEU A 1 177 ? -2.142  -11.748 -3.017  1.00 32.02 ? 457 LEU F O   1 
ATOM   1217 C  CB  . LEU A 1 177 ? -3.148  -8.887  -4.238  1.00 32.18 ? 457 LEU F CB  1 
ATOM   1218 C  CG  . LEU A 1 177 ? -2.522  -7.810  -5.141  1.00 32.65 ? 457 LEU F CG  1 
ATOM   1219 C  CD1 . LEU A 1 177 ? -3.231  -6.481  -4.939  1.00 31.92 ? 457 LEU F CD1 1 
ATOM   1220 C  CD2 . LEU A 1 177 ? -1.038  -7.693  -4.863  1.00 31.38 ? 457 LEU F CD2 1 
ATOM   1221 N  N   . GLY A 1 178 ? -4.378  -11.712 -3.382  1.00 33.09 ? 458 GLY F N   1 
ATOM   1222 C  CA  . GLY A 1 178 ? -4.666  -12.684 -2.347  1.00 33.86 ? 458 GLY F CA  1 
ATOM   1223 C  C   . GLY A 1 178 ? -4.058  -14.014 -2.756  1.00 34.79 ? 458 GLY F C   1 
ATOM   1224 O  O   . GLY A 1 178 ? -3.538  -14.750 -1.911  1.00 35.24 ? 458 GLY F O   1 
ATOM   1225 N  N   . ASP A 1 179 ? -4.120  -14.333 -4.047  1.00 34.89 ? 459 ASP F N   1 
ATOM   1226 C  CA  . ASP A 1 179 ? -3.530  -15.578 -4.516  1.00 35.73 ? 459 ASP F CA  1 
ATOM   1227 C  C   . ASP A 1 179 ? -2.024  -15.523 -4.313  1.00 35.49 ? 459 ASP F C   1 
ATOM   1228 O  O   . ASP A 1 179 ? -1.418  -16.504 -3.907  1.00 35.05 ? 459 ASP F O   1 
ATOM   1229 C  CB  . ASP A 1 179 ? -3.851  -15.817 -5.988  1.00 37.16 ? 459 ASP F CB  1 
ATOM   1230 C  CG  . ASP A 1 179 ? -5.269  -16.311 -6.190  1.00 38.56 ? 459 ASP F CG  1 
ATOM   1231 O  OD1 . ASP A 1 179 ? -5.801  -16.932 -5.251  1.00 38.77 ? 459 ASP F OD1 1 
ATOM   1232 O  OD2 . ASP A 1 179 ? -5.840  -16.092 -7.281  1.00 40.28 ? 459 ASP F OD2 1 
ATOM   1233 N  N   . ILE A 1 180 ? -1.423  -14.368 -4.581  1.00 35.23 ? 460 ILE F N   1 
ATOM   1234 C  CA  . ILE A 1 180 ? 0.014   -14.225 -4.395  1.00 35.71 ? 460 ILE F CA  1 
ATOM   1235 C  C   . ILE A 1 180 ? 0.349   -14.458 -2.917  1.00 36.32 ? 460 ILE F C   1 
ATOM   1236 O  O   . ILE A 1 180 ? 1.299   -15.188 -2.594  1.00 36.26 ? 460 ILE F O   1 
ATOM   1237 C  CB  . ILE A 1 180 ? 0.504   -12.806 -4.846  1.00 35.90 ? 460 ILE F CB  1 
ATOM   1238 C  CG1 . ILE A 1 180 ? 0.308   -12.650 -6.364  1.00 35.79 ? 460 ILE F CG1 1 
ATOM   1239 C  CG2 . ILE A 1 180 ? 1.969   -12.602 -4.485  1.00 35.17 ? 460 ILE F CG2 1 
ATOM   1240 C  CD1 . ILE A 1 180 ? 0.746   -11.293 -6.920  1.00 36.51 ? 460 ILE F CD1 1 
ATOM   1241 N  N   . LEU A 1 181 ? -0.441  -13.854 -2.024  1.00 36.57 ? 461 LEU F N   1 
ATOM   1242 C  CA  . LEU A 1 181 ? -0.225  -13.983 -0.573  1.00 36.74 ? 461 LEU F CA  1 
ATOM   1243 C  C   . LEU A 1 181 ? -0.459  -15.386 -0.024  1.00 36.99 ? 461 LEU F C   1 
ATOM   1244 O  O   . LEU A 1 181 ? 0.179   -15.784 0.950   1.00 37.46 ? 461 LEU F O   1 
ATOM   1245 C  CB  . LEU A 1 181 ? -1.124  -13.010 0.203   1.00 36.62 ? 461 LEU F CB  1 
ATOM   1246 C  CG  . LEU A 1 181 ? -0.930  -11.506 0.009   1.00 35.98 ? 461 LEU F CG  1 
ATOM   1247 C  CD1 . LEU A 1 181 ? -1.967  -10.725 0.806   1.00 35.59 ? 461 LEU F CD1 1 
ATOM   1248 C  CD2 . LEU A 1 181 ? 0.464   -11.130 0.456   1.00 36.25 ? 461 LEU F CD2 1 
ATOM   1249 N  N   . SER A 1 182 ? -1.366  -16.137 -0.641  1.00 36.72 ? 462 SER F N   1 
ATOM   1250 C  CA  . SER A 1 182 ? -1.668  -17.491 -0.168  1.00 36.65 ? 462 SER F CA  1 
ATOM   1251 C  C   . SER A 1 182 ? -0.430  -18.398 -0.115  1.00 36.38 ? 462 SER F C   1 
ATOM   1252 O  O   . SER A 1 182 ? -0.385  -19.361 0.652   1.00 36.27 ? 462 SER F O   1 
ATOM   1253 C  CB  . SER A 1 182 ? -2.706  -18.151 -1.077  1.00 37.11 ? 462 SER F CB  1 
ATOM   1254 O  OG  . SER A 1 182 ? -2.135  -18.485 -2.331  1.00 37.50 ? 462 SER F OG  1 
ATOM   1255 N  N   . ALA A 1 183 ? 0.558   -18.070 -0.937  1.00 35.33 ? 463 ALA F N   1 
ATOM   1256 C  CA  . ALA A 1 183 ? 1.785   -18.838 -1.036  1.00 34.71 ? 463 ALA F CA  1 
ATOM   1257 C  C   . ALA A 1 183 ? 2.882   -18.407 -0.068  1.00 34.13 ? 463 ALA F C   1 
ATOM   1258 O  O   . ALA A 1 183 ? 3.899   -19.084 0.043   1.00 33.71 ? 463 ALA F O   1 
ATOM   1259 C  CB  . ALA A 1 183 ? 2.305   -18.765 -2.465  1.00 34.05 ? 463 ALA F CB  1 
ATOM   1260 N  N   . TYR A 1 184 ? 2.687   -17.290 0.635   1.00 33.67 ? 464 TYR F N   1 
ATOM   1261 C  CA  . TYR A 1 184 ? 3.713   -16.808 1.567   1.00 33.09 ? 464 TYR F CA  1 
ATOM   1262 C  C   . TYR A 1 184 ? 3.555   -17.304 3.022   1.00 32.58 ? 464 TYR F C   1 
ATOM   1263 O  O   . TYR A 1 184 ? 2.472   -17.742 3.436   1.00 32.17 ? 464 TYR F O   1 
ATOM   1264 C  CB  . TYR A 1 184 ? 3.762   -15.270 1.524   1.00 32.85 ? 464 TYR F CB  1 
ATOM   1265 C  CG  . TYR A 1 184 ? 4.199   -14.703 0.179   1.00 33.11 ? 464 TYR F CG  1 
ATOM   1266 C  CD1 . TYR A 1 184 ? 4.072   -13.339 -0.105  1.00 31.96 ? 464 TYR F CD1 1 
ATOM   1267 C  CD2 . TYR A 1 184 ? 4.758   -15.538 -0.805  1.00 32.98 ? 464 TYR F CD2 1 
ATOM   1268 C  CE1 . TYR A 1 184 ? 4.483   -12.817 -1.332  1.00 32.30 ? 464 TYR F CE1 1 
ATOM   1269 C  CE2 . TYR A 1 184 ? 5.178   -15.036 -2.029  1.00 32.54 ? 464 TYR F CE2 1 
ATOM   1270 C  CZ  . TYR A 1 184 ? 5.039   -13.673 -2.296  1.00 33.27 ? 464 TYR F CZ  1 
ATOM   1271 O  OH  . TYR A 1 184 ? 5.454   -13.184 -3.523  1.00 32.35 ? 464 TYR F OH  1 
ATOM   1272 N  N   . ALA A 1 185 ? 4.657   -17.256 3.774   1.00 31.81 ? 465 ALA F N   1 
ATOM   1273 C  CA  . ALA A 1 185 ? 4.663   -17.659 5.181   1.00 31.48 ? 465 ALA F CA  1 
ATOM   1274 C  C   . ALA A 1 185 ? 3.668   -16.778 5.914   1.00 31.20 ? 465 ALA F C   1 
ATOM   1275 O  O   . ALA A 1 185 ? 3.560   -15.592 5.617   1.00 31.07 ? 465 ALA F O   1 
ATOM   1276 C  CB  . ALA A 1 185 ? 6.060   -17.481 5.779   1.00 31.51 ? 465 ALA F CB  1 
ATOM   1277 N  N   . ALA A 1 186 ? 2.959   -17.358 6.878   1.00 31.48 ? 466 ALA F N   1 
ATOM   1278 C  CA  . ALA A 1 186 ? 1.936   -16.648 7.642   1.00 31.74 ? 466 ALA F CA  1 
ATOM   1279 C  C   . ALA A 1 186 ? 2.388   -15.349 8.292   1.00 32.08 ? 466 ALA F C   1 
ATOM   1280 O  O   . ALA A 1 186 ? 1.633   -14.381 8.295   1.00 32.15 ? 466 ALA F O   1 
ATOM   1281 C  CB  . ALA A 1 186 ? 1.349   -17.567 8.707   1.00 31.69 ? 466 ALA F CB  1 
ATOM   1282 N  N   . ASP A 1 187 ? 3.603   -15.319 8.843   1.00 32.25 ? 467 ASP F N   1 
ATOM   1283 C  CA  . ASP A 1 187 ? 4.075   -14.110 9.509   1.00 32.77 ? 467 ASP F CA  1 
ATOM   1284 C  C   . ASP A 1 187 ? 4.371   -13.006 8.513   1.00 32.74 ? 467 ASP F C   1 
ATOM   1285 O  O   . ASP A 1 187 ? 4.870   -11.933 8.872   1.00 33.31 ? 467 ASP F O   1 
ATOM   1286 C  CB  . ASP A 1 187 ? 5.310   -14.392 10.381  1.00 33.34 ? 467 ASP F CB  1 
ATOM   1287 C  CG  . ASP A 1 187 ? 6.494   -14.934 9.584   1.00 34.91 ? 467 ASP F CG  1 
ATOM   1288 O  OD1 . ASP A 1 187 ? 6.467   -14.909 8.337   1.00 36.14 ? 467 ASP F OD1 1 
ATOM   1289 O  OD2 . ASP A 1 187 ? 7.475   -15.377 10.209  1.00 35.26 ? 467 ASP F OD2 1 
ATOM   1290 N  N   . ARG A 1 188 ? 4.054   -13.266 7.255   1.00 32.62 ? 468 ARG F N   1 
ATOM   1291 C  CA  . ARG A 1 188 ? 4.264   -12.277 6.213   1.00 32.28 ? 468 ARG F CA  1 
ATOM   1292 C  C   . ARG A 1 188 ? 2.965   -11.974 5.472   1.00 31.63 ? 468 ARG F C   1 
ATOM   1293 O  O   . ARG A 1 188 ? 2.619   -10.810 5.277   1.00 31.53 ? 468 ARG F O   1 
ATOM   1294 C  CB  . ARG A 1 188 ? 5.359   -12.744 5.247   1.00 33.28 ? 468 ARG F CB  1 
ATOM   1295 C  CG  . ARG A 1 188 ? 6.769   -12.565 5.829   1.00 34.50 ? 468 ARG F CG  1 
ATOM   1296 C  CD  . ARG A 1 188 ? 7.009   -11.104 6.149   1.00 36.68 ? 468 ARG F CD  1 
ATOM   1297 N  NE  . ARG A 1 188 ? 8.268   -10.863 6.841   1.00 38.50 ? 468 ARG F NE  1 
ATOM   1298 C  CZ  . ARG A 1 188 ? 8.503   -11.176 8.113   1.00 39.98 ? 468 ARG F CZ  1 
ATOM   1299 N  NH1 . ARG A 1 188 ? 7.557   -11.748 8.858   1.00 40.04 ? 468 ARG F NH1 1 
ATOM   1300 N  NH2 . ARG A 1 188 ? 9.694   -10.927 8.640   1.00 40.28 ? 468 ARG F NH2 1 
ATOM   1301 N  N   . SER A 1 189 ? 2.233   -13.013 5.090   1.00 31.02 ? 469 SER F N   1 
ATOM   1302 C  CA  . SER A 1 189 ? 0.981   -12.832 4.370   1.00 30.80 ? 469 SER F CA  1 
ATOM   1303 C  C   . SER A 1 189 ? -0.143  -12.198 5.211   1.00 30.77 ? 469 SER F C   1 
ATOM   1304 O  O   . SER A 1 189 ? -0.954  -11.420 4.684   1.00 30.33 ? 469 SER F O   1 
ATOM   1305 C  CB  . SER A 1 189 ? 0.503   -14.169 3.811   1.00 30.93 ? 469 SER F CB  1 
ATOM   1306 O  OG  . SER A 1 189 ? 0.252   -15.079 4.858   1.00 31.26 ? 469 SER F OG  1 
ATOM   1307 N  N   . ALA A 1 190 ? -0.201  -12.527 6.500   1.00 30.20 ? 470 ALA F N   1 
ATOM   1308 C  CA  . ALA A 1 190 ? -1.238  -11.980 7.363   1.00 30.22 ? 470 ALA F CA  1 
ATOM   1309 C  C   . ALA A 1 190 ? -1.093  -10.455 7.451   1.00 30.09 ? 470 ALA F C   1 
ATOM   1310 O  O   . ALA A 1 190 ? -2.040  -9.721  7.168   1.00 30.10 ? 470 ALA F O   1 
ATOM   1311 C  CB  . ALA A 1 190 ? -1.177  -12.628 8.782   1.00 29.41 ? 470 ALA F CB  1 
ATOM   1312 N  N   . PRO A 1 191 ? 0.088   -9.957  7.851   1.00 30.27 ? 471 PRO F N   1 
ATOM   1313 C  CA  . PRO A 1 191 ? 0.207   -8.492  7.924   1.00 30.84 ? 471 PRO F CA  1 
ATOM   1314 C  C   . PRO A 1 191 ? 0.011   -7.802  6.571   1.00 31.64 ? 471 PRO F C   1 
ATOM   1315 O  O   . PRO A 1 191 ? -0.613  -6.742  6.492   1.00 31.82 ? 471 PRO F O   1 
ATOM   1316 C  CB  . PRO A 1 191 ? 1.602   -8.273  8.531   1.00 29.96 ? 471 PRO F CB  1 
ATOM   1317 C  CG  . PRO A 1 191 ? 2.357   -9.531  8.166   1.00 29.64 ? 471 PRO F CG  1 
ATOM   1318 C  CD  . PRO A 1 191 ? 1.293   -10.608 8.394   1.00 30.00 ? 471 PRO F CD  1 
HETATM 1319 N  N   . MSE A 1 192 ? 0.531   -8.401  5.505   1.00 32.19 ? 472 MSE F N   1 
HETATM 1320 C  CA  . MSE A 1 192 ? 0.368   -7.838  4.167   1.00 33.11 ? 472 MSE F CA  1 
HETATM 1321 C  C   . MSE A 1 192 ? -1.128  -7.827  3.799   1.00 33.46 ? 472 MSE F C   1 
HETATM 1322 O  O   . MSE A 1 192 ? -1.639  -6.884  3.207   1.00 33.37 ? 472 MSE F O   1 
HETATM 1323 C  CB  . MSE A 1 192 ? 1.140   -8.686  3.143   1.00 33.68 ? 472 MSE F CB  1 
HETATM 1324 C  CG  . MSE A 1 192 ? 2.670   -8.633  3.271   1.00 34.41 ? 472 MSE F CG  1 
HETATM 1325 SE SE  . MSE A 1 192 ? 3.537   -9.986  2.153   1.00 36.77 ? 472 MSE F SE  1 
HETATM 1326 C  CE  . MSE A 1 192 ? 3.140   -9.301  0.385   1.00 35.21 ? 472 MSE F CE  1 
ATOM   1327 N  N   . ASP A 1 193 ? -1.829  -8.892  4.148   1.00 34.26 ? 473 ASP F N   1 
ATOM   1328 C  CA  . ASP A 1 193 ? -3.248  -8.980  3.847   1.00 34.99 ? 473 ASP F CA  1 
ATOM   1329 C  C   . ASP A 1 193 ? -3.998  -7.911  4.651   1.00 35.12 ? 473 ASP F C   1 
ATOM   1330 O  O   . ASP A 1 193 ? -4.901  -7.250  4.134   1.00 34.59 ? 473 ASP F O   1 
ATOM   1331 C  CB  . ASP A 1 193 ? -3.767  -10.378 4.201   1.00 36.69 ? 473 ASP F CB  1 
ATOM   1332 C  CG  . ASP A 1 193 ? -5.227  -10.566 3.837   1.00 38.48 ? 473 ASP F CG  1 
ATOM   1333 O  OD1 . ASP A 1 193 ? -5.553  -10.754 2.650   1.00 39.10 ? 473 ASP F OD1 1 
ATOM   1334 O  OD2 . ASP A 1 193 ? -6.064  -10.505 4.752   1.00 41.16 ? 473 ASP F OD2 1 
ATOM   1335 N  N   . PHE A 1 194 ? -3.618  -7.733  5.913   1.00 35.01 ? 474 PHE F N   1 
ATOM   1336 C  CA  . PHE A 1 194 ? -4.269  -6.729  6.739   1.00 35.27 ? 474 PHE F CA  1 
ATOM   1337 C  C   . PHE A 1 194 ? -4.066  -5.335  6.141   1.00 35.22 ? 474 PHE F C   1 
ATOM   1338 O  O   . PHE A 1 194 ? -5.017  -4.575  5.989   1.00 34.83 ? 474 PHE F O   1 
ATOM   1339 C  CB  . PHE A 1 194 ? -3.696  -6.734  8.146   1.00 35.31 ? 474 PHE F CB  1 
ATOM   1340 C  CG  . PHE A 1 194 ? -4.294  -5.693  9.034   1.00 36.29 ? 474 PHE F CG  1 
ATOM   1341 C  CD1 . PHE A 1 194 ? -5.392  -5.988  9.832   1.00 37.07 ? 474 PHE F CD1 1 
ATOM   1342 C  CD2 . PHE A 1 194 ? -3.778  -4.402  9.057   1.00 36.88 ? 474 PHE F CD2 1 
ATOM   1343 C  CE1 . PHE A 1 194 ? -5.973  -5.006  10.647  1.00 36.68 ? 474 PHE F CE1 1 
ATOM   1344 C  CE2 . PHE A 1 194 ? -4.351  -3.417  9.865   1.00 37.23 ? 474 PHE F CE2 1 
ATOM   1345 C  CZ  . PHE A 1 194 ? -5.450  -3.727  10.661  1.00 36.73 ? 474 PHE F CZ  1 
ATOM   1346 N  N   . ALA A 1 195 ? -2.821  -5.007  5.811   1.00 35.47 ? 475 ALA F N   1 
ATOM   1347 C  CA  . ALA A 1 195 ? -2.492  -3.692  5.253   1.00 35.78 ? 475 ALA F CA  1 
ATOM   1348 C  C   . ALA A 1 195 ? -3.206  -3.450  3.924   1.00 36.25 ? 475 ALA F C   1 
ATOM   1349 O  O   . ALA A 1 195 ? -3.814  -2.399  3.696   1.00 36.49 ? 475 ALA F O   1 
ATOM   1350 C  CB  . ALA A 1 195 ? -0.985  -3.569  5.074   1.00 34.37 ? 475 ALA F CB  1 
ATOM   1351 N  N   . LEU A 1 196 ? -3.124  -4.440  3.047   1.00 36.96 ? 476 LEU F N   1 
ATOM   1352 C  CA  . LEU A 1 196 ? -3.756  -4.365  1.738   1.00 37.10 ? 476 LEU F CA  1 
ATOM   1353 C  C   . LEU A 1 196 ? -5.254  -4.118  1.870   1.00 37.47 ? 476 LEU F C   1 
ATOM   1354 O  O   . LEU A 1 196 ? -5.808  -3.212  1.236   1.00 36.74 ? 476 LEU F O   1 
ATOM   1355 C  CB  . LEU A 1 196 ? -3.528  -5.669  0.964   1.00 36.66 ? 476 LEU F CB  1 
ATOM   1356 C  CG  . LEU A 1 196 ? -4.172  -5.753  -0.426  1.00 36.84 ? 476 LEU F CG  1 
ATOM   1357 C  CD1 . LEU A 1 196 ? -3.630  -4.644  -1.339  1.00 36.32 ? 476 LEU F CD1 1 
ATOM   1358 C  CD2 . LEU A 1 196 ? -3.871  -7.124  -1.026  1.00 36.55 ? 476 LEU F CD2 1 
ATOM   1359 N  N   . ASN A 1 197 ? -5.912  -4.931  2.689   1.00 37.93 ? 477 ASN F N   1 
ATOM   1360 C  CA  . ASN A 1 197 ? -7.350  -4.784  2.858   1.00 38.81 ? 477 ASN F CA  1 
ATOM   1361 C  C   . ASN A 1 197 ? -7.736  -3.476  3.553   1.00 38.97 ? 477 ASN F C   1 
ATOM   1362 O  O   . ASN A 1 197 ? -8.792  -2.928  3.291   1.00 38.12 ? 477 ASN F O   1 
ATOM   1363 C  CB  . ASN A 1 197 ? -7.911  -5.990  3.612   1.00 39.81 ? 477 ASN F CB  1 
ATOM   1364 C  CG  . ASN A 1 197 ? -7.849  -7.255  2.785   1.00 40.90 ? 477 ASN F CG  1 
ATOM   1365 O  OD1 . ASN A 1 197 ? -8.170  -7.238  1.597   1.00 41.12 ? 477 ASN F OD1 1 
ATOM   1366 N  ND2 . ASN A 1 197 ? -7.437  -8.363  3.404   1.00 41.81 ? 477 ASN F ND2 1 
ATOM   1367 N  N   . THR A 1 198 ? -6.872  -2.971  4.426   1.00 39.38 ? 478 THR F N   1 
ATOM   1368 C  CA  . THR A 1 198 ? -7.152  -1.719  5.105   1.00 40.20 ? 478 THR F CA  1 
ATOM   1369 C  C   . THR A 1 198 ? -7.318  -0.601  4.084   1.00 41.44 ? 478 THR F C   1 
ATOM   1370 O  O   . THR A 1 198 ? -8.223  0.226   4.185   1.00 40.91 ? 478 THR F O   1 
ATOM   1371 C  CB  . THR A 1 198 ? -6.010  -1.352  6.046   1.00 39.51 ? 478 THR F CB  1 
ATOM   1372 O  OG1 . THR A 1 198 ? -6.003  -2.266  7.142   1.00 39.03 ? 478 THR F OG1 1 
ATOM   1373 C  CG2 . THR A 1 198 ? -6.156  0.066   6.550   1.00 39.46 ? 478 THR F CG2 1 
ATOM   1374 N  N   . TYR A 1 199 ? -6.431  -0.580  3.095   1.00 43.22 ? 479 TYR F N   1 
ATOM   1375 C  CA  . TYR A 1 199 ? -6.484  0.443   2.069   1.00 44.89 ? 479 TYR F CA  1 
ATOM   1376 C  C   . TYR A 1 199 ? -7.609  0.214   1.087   1.00 46.11 ? 479 TYR F C   1 
ATOM   1377 O  O   . TYR A 1 199 ? -8.403  1.113   0.817   1.00 45.26 ? 479 TYR F O   1 
ATOM   1378 C  CB  . TYR A 1 199 ? -5.192  0.502   1.263   1.00 45.56 ? 479 TYR F CB  1 
ATOM   1379 C  CG  . TYR A 1 199 ? -5.168  1.741   0.402   1.00 46.89 ? 479 TYR F CG  1 
ATOM   1380 C  CD1 . TYR A 1 199 ? -4.911  2.992   0.973   1.00 47.38 ? 479 TYR F CD1 1 
ATOM   1381 C  CD2 . TYR A 1 199 ? -5.470  1.681   -0.959  1.00 47.18 ? 479 TYR F CD2 1 
ATOM   1382 C  CE1 . TYR A 1 199 ? -4.955  4.151   0.215   1.00 48.50 ? 479 TYR F CE1 1 
ATOM   1383 C  CE2 . TYR A 1 199 ? -5.520  2.838   -1.735  1.00 47.79 ? 479 TYR F CE2 1 
ATOM   1384 C  CZ  . TYR A 1 199 ? -5.258  4.070   -1.141  1.00 49.06 ? 479 TYR F CZ  1 
ATOM   1385 O  OH  . TYR A 1 199 ? -5.264  5.229   -1.891  1.00 50.62 ? 479 TYR F OH  1 
HETATM 1386 N  N   . MSE A 1 200 ? -7.649  -0.991  0.531   1.00 47.99 ? 480 MSE F N   1 
HETATM 1387 C  CA  . MSE A 1 200 ? -8.662  -1.327  -0.454  1.00 49.91 ? 480 MSE F CA  1 
HETATM 1388 C  C   . MSE A 1 200 ? -10.058 -1.120  0.096   1.00 51.24 ? 480 MSE F C   1 
HETATM 1389 O  O   . MSE A 1 200 ? -10.910 -0.505  -0.546  1.00 51.26 ? 480 MSE F O   1 
HETATM 1390 C  CB  . MSE A 1 200 ? -8.484  -2.770  -0.932  1.00 49.94 ? 480 MSE F CB  1 
HETATM 1391 C  CG  . MSE A 1 200 ? -7.327  -2.947  -1.909  1.00 50.93 ? 480 MSE F CG  1 
HETATM 1392 SE SE  . MSE A 1 200 ? -7.442  -1.734  -3.436  1.00 53.16 ? 480 MSE F SE  1 
HETATM 1393 C  CE  . MSE A 1 200 ? -5.640  -1.862  -4.137  1.00 50.72 ? 480 MSE F CE  1 
ATOM   1394 N  N   . SER A 1 201 ? -10.289 -1.645  1.289   1.00 52.73 ? 481 SER F N   1 
ATOM   1395 C  CA  . SER A 1 201 ? -11.581 -1.514  1.933   1.00 54.34 ? 481 SER F CA  1 
ATOM   1396 C  C   . SER A 1 201 ? -11.910 -0.029  2.020   1.00 55.44 ? 481 SER F C   1 
ATOM   1397 O  O   . SER A 1 201 ? -12.990 0.400   1.628   1.00 55.94 ? 481 SER F O   1 
ATOM   1398 C  CB  . SER A 1 201 ? -11.525 -2.133  3.321   1.00 53.99 ? 481 SER F CB  1 
ATOM   1399 O  OG  . SER A 1 201 ? -12.705 -1.859  4.030   1.00 55.24 ? 481 SER F OG  1 
ATOM   1400 N  N   . HIS A 1 202 ? -10.961 0.757   2.516   1.00 56.50 ? 482 HIS F N   1 
ATOM   1401 C  CA  . HIS A 1 202 ? -11.158 2.191   2.629   1.00 57.62 ? 482 HIS F CA  1 
ATOM   1402 C  C   . HIS A 1 202 ? -11.427 2.827   1.263   1.00 58.71 ? 482 HIS F C   1 
ATOM   1403 O  O   . HIS A 1 202 ? -12.152 3.820   1.167   1.00 58.71 ? 482 HIS F O   1 
ATOM   1404 C  CB  . HIS A 1 202 ? -9.931  2.811   3.289   1.00 57.74 ? 482 HIS F CB  1 
ATOM   1405 C  CG  . HIS A 1 202 ? -9.813  4.288   3.099   1.00 57.88 ? 482 HIS F CG  1 
ATOM   1406 N  ND1 . HIS A 1 202 ? -9.125  4.847   2.043   1.00 58.43 ? 482 HIS F ND1 1 
ATOM   1407 C  CD2 . HIS A 1 202 ? -10.266 5.324   3.844   1.00 58.15 ? 482 HIS F CD2 1 
ATOM   1408 C  CE1 . HIS A 1 202 ? -9.153  6.164   2.149   1.00 58.33 ? 482 HIS F CE1 1 
ATOM   1409 N  NE2 . HIS A 1 202 ? -9.840  6.480   3.233   1.00 58.55 ? 482 HIS F NE2 1 
ATOM   1410 N  N   . ALA A 1 203 ? -10.854 2.242   0.212   1.00 59.71 ? 483 ALA F N   1 
ATOM   1411 C  CA  . ALA A 1 203 ? -11.027 2.740   -1.146  1.00 60.81 ? 483 ALA F CA  1 
ATOM   1412 C  C   . ALA A 1 203 ? -12.315 2.226   -1.788  1.00 61.85 ? 483 ALA F C   1 
ATOM   1413 O  O   . ALA A 1 203 ? -12.516 2.383   -2.985  1.00 62.37 ? 483 ALA F O   1 
ATOM   1414 C  CB  . ALA A 1 203 ? -9.837  2.342   -1.995  1.00 60.57 ? 483 ALA F CB  1 
ATOM   1415 N  N   . GLY A 1 204 ? -13.179 1.605   -0.994  1.00 62.98 ? 484 GLY F N   1 
ATOM   1416 C  CA  . GLY A 1 204 ? -14.432 1.093   -1.521  1.00 64.21 ? 484 GLY F CA  1 
ATOM   1417 C  C   . GLY A 1 204 ? -14.283 -0.121  -2.413  1.00 65.11 ? 484 GLY F C   1 
ATOM   1418 O  O   . GLY A 1 204 ? -15.077 -0.324  -3.333  1.00 65.48 ? 484 GLY F O   1 
ATOM   1419 N  N   . ILE A 1 205 ? -13.265 -0.929  -2.136  1.00 65.92 ? 485 ILE F N   1 
ATOM   1420 C  CA  . ILE A 1 205 ? -12.988 -2.139  -2.902  1.00 66.54 ? 485 ILE F CA  1 
ATOM   1421 C  C   . ILE A 1 205 ? -12.863 -3.323  -1.955  1.00 67.30 ? 485 ILE F C   1 
ATOM   1422 O  O   . ILE A 1 205 ? -12.011 -3.329  -1.069  1.00 67.33 ? 485 ILE F O   1 
ATOM   1423 C  CB  . ILE A 1 205 ? -11.657 -2.036  -3.668  1.00 66.28 ? 485 ILE F CB  1 
ATOM   1424 C  CG1 . ILE A 1 205 ? -11.668 -0.825  -4.601  1.00 66.11 ? 485 ILE F CG1 1 
ATOM   1425 C  CG2 . ILE A 1 205 ? -11.418 -3.325  -4.447  1.00 66.15 ? 485 ILE F CG2 1 
ATOM   1426 C  CD1 . ILE A 1 205 ? -12.570 -0.988  -5.797  1.00 66.32 ? 485 ILE F CD1 1 
ATOM   1427 N  N   . ARG A 1 206 ? -13.708 -4.326  -2.145  1.00 68.17 ? 486 ARG F N   1 
ATOM   1428 C  CA  . ARG A 1 206 ? -13.673 -5.519  -1.311  1.00 68.90 ? 486 ARG F CA  1 
ATOM   1429 C  C   . ARG A 1 206 ? -14.019 -6.730  -2.171  1.00 68.98 ? 486 ARG F C   1 
ATOM   1430 O  O   . ARG A 1 206 ? -14.775 -6.629  -3.134  1.00 68.87 ? 486 ARG F O   1 
ATOM   1431 C  CB  . ARG A 1 206 ? -14.623 -5.346  -0.119  1.00 69.51 ? 486 ARG F CB  1 
ATOM   1432 C  CG  . ARG A 1 206 ? -14.091 -4.330  0.897   1.00 70.97 ? 486 ARG F CG  1 
ATOM   1433 C  CD  . ARG A 1 206 ? -15.146 -3.768  1.861   1.00 72.33 ? 486 ARG F CD  1 
ATOM   1434 N  NE  . ARG A 1 206 ? -15.808 -4.798  2.662   1.00 73.52 ? 486 ARG F NE  1 
ATOM   1435 C  CZ  . ARG A 1 206 ? -16.547 -4.551  3.744   1.00 74.15 ? 486 ARG F CZ  1 
ATOM   1436 N  NH1 . ARG A 1 206 ? -16.721 -3.305  4.172   1.00 74.40 ? 486 ARG F NH1 1 
ATOM   1437 N  NH2 . ARG A 1 206 ? -17.134 -5.551  4.392   1.00 74.49 ? 486 ARG F NH2 1 
ATOM   1438 N  N   . LEU A 1 207 ? -13.434 -7.871  -1.834  1.00 69.57 ? 487 LEU F N   1 
ATOM   1439 C  CA  . LEU A 1 207 ? -13.638 -9.102  -2.595  1.00 70.06 ? 487 LEU F CA  1 
ATOM   1440 C  C   . LEU A 1 207 ? -15.027 -9.739  -2.464  1.00 70.22 ? 487 LEU F C   1 
ATOM   1441 O  O   . LEU A 1 207 ? -15.224 -10.568 -1.547  1.00 70.49 ? 487 LEU F O   1 
ATOM   1442 C  CB  . LEU A 1 207 ? -12.543 -10.110 -2.223  1.00 69.81 ? 487 LEU F CB  1 
ATOM   1443 C  CG  . LEU A 1 207 ? -11.694 -10.628 -3.393  1.00 69.66 ? 487 LEU F CG  1 
ATOM   1444 C  CD1 . LEU A 1 207 ? -11.351 -9.495  -4.345  1.00 69.54 ? 487 LEU F CD1 1 
ATOM   1445 C  CD2 . LEU A 1 207 ? -10.437 -11.279 -2.854  1.00 69.59 ? 487 LEU F CD2 1 
HETATM 1446 O  O   . HOH B 2 .   ? 6.591   -1.369  -1.049  1.00 27.75 ? 1   HOH F O   1 
HETATM 1447 O  O   . HOH B 2 .   ? -2.663  -9.030  -17.484 1.00 27.17 ? 2   HOH F O   1 
HETATM 1448 O  O   . HOH B 2 .   ? 5.417   -20.168 -1.575  1.00 40.44 ? 3   HOH F O   1 
HETATM 1449 O  O   . HOH B 2 .   ? 4.237   -3.919  -20.545 1.00 34.02 ? 4   HOH F O   1 
HETATM 1450 O  O   . HOH B 2 .   ? 0.771   -11.021 -10.996 1.00 32.71 ? 5   HOH F O   1 
HETATM 1451 O  O   . HOH B 2 .   ? 11.455  -3.077  -7.151  1.00 30.08 ? 6   HOH F O   1 
HETATM 1452 O  O   . HOH B 2 .   ? 12.983  4.866   1.515   1.00 49.57 ? 7   HOH F O   1 
HETATM 1453 O  O   . HOH B 2 .   ? 11.372  -7.975  -22.258 1.00 33.00 ? 8   HOH F O   1 
HETATM 1454 O  O   . HOH B 2 .   ? 8.986   -9.964  -14.387 1.00 47.92 ? 9   HOH F O   1 
HETATM 1455 O  O   . HOH B 2 .   ? 3.713   -9.598  -20.530 1.00 34.10 ? 10  HOH F O   1 
HETATM 1456 O  O   . HOH B 2 .   ? 8.645   -15.362 7.099   1.00 48.85 ? 11  HOH F O   1 
HETATM 1457 O  O   . HOH B 2 .   ? 11.164  -4.544  5.556   1.00 47.95 ? 12  HOH F O   1 
HETATM 1458 O  O   . HOH B 2 .   ? 12.030  -8.650  -10.765 1.00 63.35 ? 13  HOH F O   1 
HETATM 1459 O  O   . HOH B 2 .   ? 12.525  -3.886  -12.984 1.00 42.44 ? 14  HOH F O   1 
HETATM 1460 O  O   . HOH B 2 .   ? 2.406   -6.995  -21.594 1.00 47.71 ? 15  HOH F O   1 
HETATM 1461 O  O   . HOH B 2 .   ? 8.952   -10.837 12.243  1.00 48.19 ? 16  HOH F O   1 
HETATM 1462 O  O   . HOH B 2 .   ? -2.867  -14.560 5.908   1.00 54.71 ? 17  HOH F O   1 
HETATM 1463 O  O   . HOH B 2 .   ? 2.911   -12.578 -9.785  1.00 41.43 ? 18  HOH F O   1 
HETATM 1464 O  O   . HOH B 2 .   ? -8.094  -7.996  6.665   1.00 49.55 ? 19  HOH F O   1 
HETATM 1465 O  O   . HOH B 2 .   ? 11.410  1.595   12.318  1.00 51.90 ? 20  HOH F O   1 
HETATM 1466 O  O   . HOH B 2 .   ? -2.091  -3.742  17.095  1.00 42.08 ? 21  HOH F O   1 
HETATM 1467 O  O   . HOH B 2 .   ? 12.265  -9.334  -2.529  1.00 45.37 ? 22  HOH F O   1 
HETATM 1468 O  O   . HOH B 2 .   ? 9.208   -12.920 -3.356  1.00 48.86 ? 23  HOH F O   1 
HETATM 1469 O  O   . HOH B 2 .   ? 10.729  -10.968 -3.451  1.00 55.80 ? 24  HOH F O   1 
HETATM 1470 O  O   . HOH B 2 .   ? 7.528   -10.786 1.947   1.00 37.97 ? 25  HOH F O   1 
HETATM 1471 O  O   . HOH B 2 .   ? 10.039  -7.503  5.411   1.00 61.66 ? 26  HOH F O   1 
HETATM 1472 O  O   . HOH B 2 .   ? 12.006  -10.091 5.721   1.00 46.69 ? 27  HOH F O   1 
HETATM 1473 O  O   . HOH B 2 .   ? -5.160  -9.746  -16.374 1.00 49.67 ? 28  HOH F O   1 
HETATM 1474 O  O   . HOH B 2 .   ? 0.711   -12.807 -19.529 1.00 46.30 ? 29  HOH F O   1 
HETATM 1475 O  O   . HOH B 2 .   ? -10.189 0.405   6.150   1.00 54.97 ? 30  HOH F O   1 
HETATM 1476 O  O   . HOH B 2 .   ? 11.455  -0.999  3.810   1.00 49.73 ? 31  HOH F O   1 
HETATM 1477 O  O   . HOH B 2 .   ? 5.541   11.214  0.796   1.00 54.30 ? 32  HOH F O   1 
HETATM 1478 O  O   . HOH B 2 .   ? 12.602  -4.063  -2.924  1.00 50.79 ? 33  HOH F O   1 
HETATM 1479 O  O   . HOH B 2 .   ? 2.619   -16.598 -4.691  1.00 44.26 ? 34  HOH F O   1 
HETATM 1480 O  O   . HOH B 2 .   ? 9.907   -0.963  19.124  1.00 46.03 ? 35  HOH F O   1 
HETATM 1481 O  O   . HOH B 2 .   ? 2.153   -2.386  -20.257 1.00 49.28 ? 36  HOH F O   1 
HETATM 1482 O  O   . HOH B 2 .   ? -0.495  -13.595 -16.873 1.00 49.74 ? 37  HOH F O   1 
HETATM 1483 O  O   . HOH B 2 .   ? 4.700   -12.986 -11.761 1.00 63.74 ? 38  HOH F O   1 
HETATM 1484 O  O   . HOH B 2 .   ? 13.476  -6.068  -14.801 1.00 54.09 ? 39  HOH F O   1 
HETATM 1485 O  O   . HOH B 2 .   ? 7.188   -16.038 2.577   1.00 35.14 ? 40  HOH F O   1 
HETATM 1486 O  O   . HOH B 2 .   ? 5.799   -6.383  15.740  1.00 32.62 ? 41  HOH F O   1 
HETATM 1487 O  O   . HOH B 2 .   ? 5.672   -14.760 -6.519  1.00 53.59 ? 42  HOH F O   1 
HETATM 1488 O  O   . HOH B 2 .   ? -7.488  -10.511 -1.876  1.00 43.46 ? 43  HOH F O   1 
HETATM 1489 O  O   . HOH B 2 .   ? 6.224   -9.122  15.529  1.00 43.52 ? 44  HOH F O   1 
HETATM 1490 O  O   . HOH B 2 .   ? 13.103  -5.712  -10.474 1.00 56.49 ? 45  HOH F O   1 
HETATM 1491 O  O   . HOH B 2 .   ? 12.309  -9.677  -20.860 1.00 34.99 ? 46  HOH F O   1 
HETATM 1492 O  O   . HOH B 2 .   ? 9.133   -8.835  2.918   1.00 52.33 ? 47  HOH F O   1 
HETATM 1493 O  O   . HOH B 2 .   ? 6.920   -9.379  -1.545  1.00 41.65 ? 48  HOH F O   1 
HETATM 1494 O  O   . HOH B 2 .   ? 8.346   -17.056 0.451   1.00 39.64 ? 49  HOH F O   1 
HETATM 1495 O  O   . HOH B 2 .   ? 5.036   -20.533 -4.467  1.00 37.95 ? 50  HOH F O   1 
HETATM 1496 O  O   . HOH B 2 .   ? 1.669   -13.659 -13.973 1.00 51.02 ? 51  HOH F O   1 
HETATM 1497 O  O   . HOH B 2 .   ? 3.289   2.751   19.669  1.00 47.46 ? 52  HOH F O   1 
HETATM 1498 O  O   . HOH B 2 .   ? 11.295  2.239   -18.482 1.00 38.83 ? 53  HOH F O   1 
HETATM 1499 O  O   . HOH B 2 .   ? 9.065   -15.168 4.547   1.00 46.36 ? 54  HOH F O   1 
HETATM 1500 O  O   . HOH B 2 .   ? 12.897  -6.388  -6.024  1.00 53.18 ? 55  HOH F O   1 
HETATM 1501 O  O   . HOH B 2 .   ? 7.772   -12.831 0.530   1.00 53.75 ? 56  HOH F O   1 
HETATM 1502 O  O   . HOH B 2 .   ? -6.947  -4.846  14.707  1.00 59.73 ? 57  HOH F O   1 
HETATM 1503 O  O   . HOH B 2 .   ? -3.778  7.305   17.212  1.00 46.29 ? 58  HOH F O   1 
HETATM 1504 O  O   . HOH B 2 .   ? -4.015  -10.341 9.029   1.00 50.53 ? 59  HOH F O   1 
HETATM 1505 O  O   . HOH B 2 .   ? -8.150  -14.073 -4.044  1.00 50.10 ? 60  HOH F O   1 
HETATM 1506 O  O   . HOH B 2 .   ? -3.022  -12.762 -14.921 1.00 51.73 ? 61  HOH F O   1 
HETATM 1507 O  O   . HOH B 2 .   ? -2.628  -1.891  -20.331 1.00 63.25 ? 62  HOH F O   1 
HETATM 1508 O  O   . HOH B 2 .   ? 4.166   -6.580  18.028  1.00 48.54 ? 63  HOH F O   1 
HETATM 1509 O  O   . HOH B 2 .   ? 11.763  -9.016  0.027   1.00 65.75 ? 64  HOH F O   1 
HETATM 1510 O  O   . HOH B 2 .   ? 13.003  0.873   5.204   1.00 50.87 ? 65  HOH F O   1 
HETATM 1511 O  O   . HOH B 2 .   ? -11.955 -7.930  0.359   1.00 48.76 ? 66  HOH F O   1 
HETATM 1512 O  O   . HOH B 2 .   ? 14.753  -3.248  -12.238 1.00 56.92 ? 67  HOH F O   1 
HETATM 1513 O  O   . HOH B 2 .   ? 8.529   6.864   22.578  1.00 51.51 ? 68  HOH F O   1 
HETATM 1514 O  O   . HOH B 2 .   ? 17.289  0.158   -13.471 1.00 57.64 ? 69  HOH F O   1 
HETATM 1515 O  O   . HOH B 2 .   ? -0.427  15.809  14.387  1.00 59.35 ? 70  HOH F O   1 
HETATM 1516 O  O   . HOH B 2 .   ? 7.609   -17.984 9.772   1.00 44.54 ? 71  HOH F O   1 
HETATM 1517 O  O   . HOH B 2 .   ? 2.422   8.764   -22.548 1.00 53.26 ? 72  HOH F O   1 
HETATM 1518 O  O   . HOH B 2 .   ? 5.299   9.463   -7.284  1.00 57.08 ? 73  HOH F O   1 
HETATM 1519 O  O   . HOH B 2 .   ? 14.103  7.862   -4.835  1.00 46.43 ? 74  HOH F O   1 
HETATM 1520 O  O   . HOH B 2 .   ? 18.567  7.886   13.436  1.00 58.75 ? 75  HOH F O   1 
HETATM 1521 O  O   . HOH B 2 .   ? -8.514  -5.547  7.626   1.00 63.36 ? 76  HOH F O   1 
HETATM 1522 O  O   . HOH B 2 .   ? 14.245  -1.353  -4.396  1.00 52.92 ? 77  HOH F O   1 
HETATM 1523 O  O   . HOH B 2 .   ? -0.602  4.217   -21.474 1.00 63.54 ? 78  HOH F O   1 
HETATM 1524 O  O   . HOH B 2 .   ? -3.090  4.207   -21.755 1.00 55.74 ? 79  HOH F O   1 
HETATM 1525 O  O   . HOH B 2 .   ? -6.941  -1.585  12.743  1.00 49.12 ? 80  HOH F O   1 
HETATM 1526 O  O   . HOH B 2 .   ? 2.426   14.757  22.707  1.00 54.20 ? 81  HOH F O   1 
HETATM 1527 O  O   . HOH B 2 .   ? 5.907   -10.787 18.267  1.00 55.27 ? 82  HOH F O   1 
HETATM 1528 O  O   . HOH B 2 .   ? -11.885 7.332   5.435   1.00 60.48 ? 83  HOH F O   1 
HETATM 1529 O  O   . HOH B 2 .   ? -12.661 -8.022  -21.131 1.00 52.50 ? 84  HOH F O   1 
# 
